data_3PZ6
#
_entry.id   3PZ6
#
_cell.length_a   232.280
_cell.length_b   72.094
_cell.length_c   111.249
_cell.angle_alpha   90.00
_cell.angle_beta   95.06
_cell.angle_gamma   90.00
#
_symmetry.space_group_name_H-M   'C 1 2 1'
#
loop_
_entity.id
_entity.type
_entity.pdbx_description
1 polymer 'Leucyl-tRNA synthetase'
2 water water
#
_entity_poly.entity_id   1
_entity_poly.type   'polypeptide(L)'
_entity_poly.pdbx_seq_one_letter_code
;GSGEGVQPQEYIGIKLELINYTTLLEEQREQQQEGEEEGDGMDDSLAEKLNIKLPRFYSNPKNKAIFDQLWENQVDNAKV
YLLAATLRPETMVGQTNCWVLPTGRYGAYYINKDEVIIVSEHAAVNMAHQGLNNNKPFGELDFISEISGSDLLLATVRAP
LSPYEQIFVLPLETIKMDKGTGIVTSVPSDAPDDYACYKDILENRNGIAEKYGVDVGLMLEPYSPLPIIEIPDIGTLSAV
RLCEESNVSSLHDRAKLTQIKEICYTKGFYTGIMKMGPFAGQSVKDCKQSCRDLLVQNNQCIVYSEPESEV
;
_entity_poly.pdbx_strand_id   A,B,C,D,E,F
#
# COMPACT_ATOMS: atom_id res chain seq x y z
N GLN A 9 34.63 57.17 -19.50
CA GLN A 9 35.69 58.02 -18.88
C GLN A 9 37.08 57.37 -18.98
N GLU A 10 38.06 58.19 -19.36
CA GLU A 10 39.45 57.76 -19.42
C GLU A 10 40.15 57.97 -18.08
N TYR A 11 40.98 57.00 -17.69
CA TYR A 11 41.84 57.15 -16.53
C TYR A 11 43.22 57.64 -16.95
N ILE A 12 43.78 58.58 -16.20
CA ILE A 12 45.17 58.97 -16.40
C ILE A 12 46.05 58.19 -15.42
N GLY A 13 46.92 57.34 -15.96
CA GLY A 13 47.81 56.53 -15.15
C GLY A 13 49.15 57.20 -15.00
N ILE A 14 49.42 57.72 -13.80
CA ILE A 14 50.65 58.46 -13.54
C ILE A 14 51.82 57.51 -13.37
N LYS A 15 52.90 57.76 -14.10
CA LYS A 15 54.08 56.92 -14.02
C LYS A 15 54.99 57.34 -12.86
N LEU A 16 54.84 56.65 -11.74
CA LEU A 16 55.68 56.91 -10.58
C LEU A 16 56.93 56.03 -10.68
N GLU A 17 58.06 56.64 -10.99
CA GLU A 17 59.28 55.90 -11.24
C GLU A 17 59.91 55.41 -9.95
N LEU A 18 60.03 54.08 -9.84
CA LEU A 18 60.76 53.48 -8.73
C LEU A 18 62.23 53.83 -8.91
N ILE A 19 62.74 54.65 -7.99
CA ILE A 19 64.10 55.16 -8.05
C ILE A 19 65.13 54.03 -8.02
N ASN A 20 66.05 54.05 -8.98
CA ASN A 20 67.14 53.10 -9.02
C ASN A 20 68.38 53.73 -8.40
N TYR A 21 68.69 53.29 -7.18
CA TYR A 21 69.80 53.86 -6.44
C TYR A 21 71.15 53.34 -6.91
N THR A 22 71.14 52.22 -7.64
CA THR A 22 72.34 51.69 -8.27
C THR A 22 72.78 52.62 -9.39
N THR A 23 71.86 52.91 -10.32
CA THR A 23 72.16 53.79 -11.44
C THR A 23 72.69 55.14 -10.96
N LEU A 24 71.94 55.76 -10.04
CA LEU A 24 72.29 57.06 -9.45
C LEU A 24 73.70 57.09 -8.87
N LEU A 25 74.12 55.98 -8.27
CA LEU A 25 75.44 55.87 -7.65
C LEU A 25 76.54 55.69 -8.70
N GLU A 26 76.17 55.06 -9.82
CA GLU A 26 77.08 54.90 -10.97
C GLU A 26 76.88 56.03 -11.98
N GLU A 27 76.40 57.18 -11.47
CA GLU A 27 76.23 58.40 -12.26
C GLU A 27 76.62 59.61 -11.42
N GLN A 28 76.60 59.43 -10.11
CA GLN A 28 77.06 60.45 -9.16
C GLN A 28 78.60 60.50 -9.10
N ARG A 29 79.25 59.81 -10.04
CA ARG A 29 80.71 59.81 -10.16
C ARG A 29 81.16 60.38 -11.50
N GLU A 30 80.17 60.79 -12.32
CA GLU A 30 80.37 61.37 -13.65
C GLU A 30 80.98 60.38 -14.64
N ALA A 47 82.94 69.52 2.22
CA ALA A 47 82.08 69.35 3.38
C ALA A 47 82.36 68.02 4.08
N GLU A 48 81.80 67.85 5.28
CA GLU A 48 81.98 66.66 6.11
C GLU A 48 83.45 66.40 6.50
N LYS A 49 84.35 66.62 5.54
CA LYS A 49 85.79 66.59 5.76
C LYS A 49 86.25 67.74 6.67
N LEU A 50 85.28 68.40 7.31
CA LEU A 50 85.53 69.47 8.25
C LEU A 50 84.63 69.39 9.49
N ASN A 51 84.52 68.17 10.04
CA ASN A 51 83.76 67.89 11.26
C ASN A 51 82.39 68.58 11.37
N ILE A 52 81.67 68.55 10.25
CA ILE A 52 80.28 69.00 10.21
C ILE A 52 79.42 67.83 9.69
N LYS A 53 78.58 67.30 10.58
CA LYS A 53 77.85 66.06 10.30
C LYS A 53 76.63 66.27 9.40
N LEU A 54 76.52 65.42 8.38
CA LEU A 54 75.33 65.36 7.54
C LEU A 54 75.05 63.95 6.97
N PRO A 55 73.81 63.75 6.55
CA PRO A 55 73.31 62.47 6.08
C PRO A 55 74.22 61.80 5.04
N ARG A 56 74.57 60.54 5.28
CA ARG A 56 75.28 59.72 4.29
C ARG A 56 74.35 59.48 3.11
N PHE A 57 74.92 59.20 1.94
CA PHE A 57 74.09 59.00 0.74
C PHE A 57 72.97 58.00 1.01
N TYR A 58 71.74 58.49 0.85
CA TYR A 58 70.56 57.69 1.14
C TYR A 58 70.34 56.58 0.11
N SER A 59 69.84 55.44 0.60
CA SER A 59 69.49 54.32 -0.25
C SER A 59 68.31 53.58 0.34
N ASN A 60 67.32 53.26 -0.50
CA ASN A 60 66.12 52.56 -0.04
C ASN A 60 66.18 51.08 -0.34
N PRO A 61 66.18 50.24 0.72
CA PRO A 61 66.32 48.79 0.63
C PRO A 61 65.12 48.08 -0.01
N LYS A 62 63.94 48.68 0.06
CA LYS A 62 62.76 48.10 -0.59
C LYS A 62 62.90 48.21 -2.12
N ASN A 63 63.47 49.32 -2.59
CA ASN A 63 63.73 49.51 -4.02
C ASN A 63 64.72 48.49 -4.55
N LYS A 64 65.81 48.28 -3.81
CA LYS A 64 66.85 47.32 -4.16
C LYS A 64 66.29 45.89 -4.27
N ALA A 65 65.46 45.49 -3.30
CA ALA A 65 64.89 44.14 -3.30
C ALA A 65 63.96 43.90 -4.49
N ILE A 66 63.20 44.92 -4.89
CA ILE A 66 62.36 44.84 -6.09
C ILE A 66 63.24 44.64 -7.32
N PHE A 67 64.32 45.42 -7.43
CA PHE A 67 65.24 45.32 -8.56
C PHE A 67 65.95 43.96 -8.59
N ASP A 68 66.47 43.52 -7.45
CA ASP A 68 67.13 42.22 -7.34
C ASP A 68 66.24 41.08 -7.83
N GLN A 69 64.95 41.16 -7.50
CA GLN A 69 63.96 40.18 -7.92
C GLN A 69 63.68 40.29 -9.41
N LEU A 70 63.65 41.52 -9.93
CA LEU A 70 63.42 41.73 -11.36
C LEU A 70 64.61 41.24 -12.19
N TRP A 71 65.82 41.44 -11.66
CA TRP A 71 67.05 40.90 -12.20
C TRP A 71 66.94 39.37 -12.37
N GLU A 72 66.53 38.69 -11.30
CA GLU A 72 66.37 37.23 -11.30
C GLU A 72 65.10 36.78 -12.06
N ASN A 73 64.63 37.64 -12.95
CA ASN A 73 63.55 37.32 -13.88
C ASN A 73 63.92 37.84 -15.28
N GLN A 74 65.21 38.12 -15.45
CA GLN A 74 65.82 38.54 -16.73
C GLN A 74 65.23 39.83 -17.31
N VAL A 75 65.26 40.89 -16.51
CA VAL A 75 64.73 42.19 -16.91
C VAL A 75 65.81 43.10 -17.52
N ASP A 76 67.08 42.68 -17.39
CA ASP A 76 68.24 43.49 -17.79
C ASP A 76 68.20 44.86 -17.08
N ASN A 77 68.38 45.94 -17.85
CA ASN A 77 68.26 47.28 -17.32
C ASN A 77 67.10 48.03 -17.97
N ALA A 78 66.04 48.25 -17.19
CA ALA A 78 64.84 48.88 -17.67
C ALA A 78 64.32 49.89 -16.64
N LYS A 79 63.52 50.85 -17.10
CA LYS A 79 62.90 51.81 -16.21
C LYS A 79 61.61 51.21 -15.62
N VAL A 80 61.46 51.31 -14.31
CA VAL A 80 60.35 50.67 -13.59
C VAL A 80 59.44 51.73 -12.97
N TYR A 81 58.13 51.61 -13.23
CA TYR A 81 57.15 52.60 -12.79
C TYR A 81 55.97 51.96 -12.08
N LEU A 82 55.64 52.49 -10.90
CA LEU A 82 54.33 52.26 -10.31
C LEU A 82 53.32 53.10 -11.08
N LEU A 83 52.23 52.50 -11.51
CA LEU A 83 51.20 53.24 -12.24
C LEU A 83 50.00 53.52 -11.34
N ALA A 84 49.70 54.80 -11.17
CA ALA A 84 48.63 55.23 -10.28
C ALA A 84 47.57 56.00 -11.05
N ALA A 85 46.36 55.44 -11.11
CA ALA A 85 45.26 56.07 -11.81
C ALA A 85 44.86 57.37 -11.11
N THR A 86 44.50 58.38 -11.89
CA THR A 86 43.96 59.62 -11.37
C THR A 86 43.00 60.25 -12.37
N LEU A 87 42.00 60.93 -11.85
CA LEU A 87 41.06 61.68 -12.66
C LEU A 87 41.36 63.17 -12.54
N ARG A 88 42.37 63.49 -11.74
CA ARG A 88 42.70 64.89 -11.40
C ARG A 88 44.15 65.22 -11.67
N PRO A 89 44.54 65.34 -12.94
CA PRO A 89 45.95 65.58 -13.30
C PRO A 89 46.48 66.94 -12.87
N GLU A 90 45.58 67.90 -12.59
CA GLU A 90 46.00 69.23 -12.15
C GLU A 90 46.54 69.25 -10.72
N THR A 91 46.17 68.23 -9.93
CA THR A 91 46.62 68.12 -8.54
C THR A 91 47.99 67.44 -8.43
N MET A 92 48.55 67.01 -9.56
CA MET A 92 49.78 66.22 -9.58
C MET A 92 51.03 66.91 -9.04
N VAL A 93 51.04 68.24 -9.01
CA VAL A 93 52.15 68.98 -8.44
C VAL A 93 52.12 69.01 -6.91
N GLY A 94 51.03 68.50 -6.31
CA GLY A 94 50.84 68.51 -4.86
C GLY A 94 51.07 67.18 -4.15
N GLN A 95 51.57 66.20 -4.90
CA GLN A 95 51.86 64.86 -4.35
C GLN A 95 52.88 64.85 -3.21
N THR A 96 52.48 64.27 -2.09
CA THR A 96 53.34 64.11 -0.93
C THR A 96 53.81 62.66 -0.76
N ASN A 97 53.09 61.75 -1.39
CA ASN A 97 53.30 60.31 -1.27
C ASN A 97 52.37 59.59 -2.23
N CYS A 98 52.36 58.26 -2.18
CA CYS A 98 51.35 57.49 -2.87
C CYS A 98 50.89 56.31 -1.99
N TRP A 99 49.90 55.56 -2.46
CA TRP A 99 49.24 54.53 -1.66
C TRP A 99 49.23 53.20 -2.37
N VAL A 100 49.50 52.12 -1.63
CA VAL A 100 49.29 50.76 -2.11
C VAL A 100 48.54 49.99 -1.04
N LEU A 101 47.83 48.94 -1.43
CA LEU A 101 47.20 48.04 -0.46
C LEU A 101 48.28 47.11 0.10
N PRO A 102 48.53 47.21 1.42
CA PRO A 102 49.61 46.44 2.06
C PRO A 102 49.51 44.94 1.81
N THR A 103 48.29 44.46 1.58
CA THR A 103 48.06 43.03 1.34
C THR A 103 47.82 42.74 -0.14
N GLY A 104 47.70 43.78 -0.94
CA GLY A 104 47.51 43.64 -2.39
C GLY A 104 48.54 42.78 -3.09
N ARG A 105 48.08 42.10 -4.13
CA ARG A 105 48.98 41.36 -5.02
C ARG A 105 49.09 42.12 -6.34
N TYR A 106 50.27 42.65 -6.60
CA TYR A 106 50.54 43.38 -7.83
C TYR A 106 51.43 42.52 -8.72
N GLY A 107 51.60 42.94 -9.96
CA GLY A 107 52.46 42.22 -10.88
C GLY A 107 53.33 43.17 -11.67
N ALA A 108 54.51 42.71 -12.06
CA ALA A 108 55.39 43.47 -12.92
C ALA A 108 55.21 43.03 -14.38
N TYR A 109 54.95 44.00 -15.26
CA TYR A 109 54.69 43.71 -16.67
C TYR A 109 55.54 44.60 -17.57
N TYR A 110 55.69 44.20 -18.83
CA TYR A 110 56.22 45.06 -19.88
C TYR A 110 55.06 45.76 -20.58
N ILE A 111 55.24 47.05 -20.86
CA ILE A 111 54.32 47.80 -21.72
C ILE A 111 54.97 47.96 -23.10
N ASN A 112 56.27 48.22 -23.09
CA ASN A 112 57.12 48.21 -24.27
C ASN A 112 58.54 47.80 -23.88
N LYS A 113 59.50 48.00 -24.78
CA LYS A 113 60.89 47.67 -24.49
C LYS A 113 61.50 48.65 -23.48
N ASP A 114 62.42 48.15 -22.66
CA ASP A 114 63.13 48.96 -21.65
C ASP A 114 62.23 49.66 -20.62
N GLU A 115 60.97 49.22 -20.50
CA GLU A 115 60.02 49.88 -19.59
C GLU A 115 58.99 48.95 -18.94
N VAL A 116 59.01 48.90 -17.61
CA VAL A 116 58.19 48.00 -16.81
C VAL A 116 57.24 48.75 -15.88
N ILE A 117 55.97 48.38 -15.88
CA ILE A 117 55.03 48.95 -14.91
C ILE A 117 54.56 47.92 -13.90
N ILE A 118 54.27 48.39 -12.69
CA ILE A 118 53.72 47.55 -11.65
C ILE A 118 52.29 48.01 -11.38
N VAL A 119 51.35 47.09 -11.58
CA VAL A 119 49.93 47.36 -11.40
C VAL A 119 49.22 46.12 -10.85
N SER A 120 47.94 46.28 -10.55
CA SER A 120 47.06 45.15 -10.27
C SER A 120 46.82 44.39 -11.57
N GLU A 121 46.49 43.11 -11.44
CA GLU A 121 46.18 42.26 -12.59
C GLU A 121 44.95 42.78 -13.33
N HIS A 122 43.97 43.25 -12.55
CA HIS A 122 42.79 43.90 -13.09
C HIS A 122 43.15 45.02 -14.08
N ALA A 123 44.09 45.87 -13.68
CA ALA A 123 44.53 46.99 -14.52
C ALA A 123 45.27 46.52 -15.76
N ALA A 124 46.15 45.51 -15.58
CA ALA A 124 46.95 44.95 -16.68
C ALA A 124 46.09 44.27 -17.74
N VAL A 125 45.04 43.59 -17.29
CA VAL A 125 44.06 42.98 -18.20
C VAL A 125 43.32 44.07 -18.99
N ASN A 126 42.80 45.07 -18.29
CA ASN A 126 42.05 46.17 -18.90
C ASN A 126 42.94 47.02 -19.81
N MET A 127 44.25 46.83 -19.69
CA MET A 127 45.23 47.56 -20.48
C MET A 127 45.64 46.74 -21.71
N ALA A 128 45.44 45.43 -21.63
CA ALA A 128 45.69 44.52 -22.75
C ALA A 128 44.58 44.56 -23.80
N HIS A 129 43.35 44.86 -23.38
CA HIS A 129 42.20 44.96 -24.29
C HIS A 129 42.17 46.29 -25.07
N GLN A 130 43.24 47.09 -24.93
CA GLN A 130 43.45 48.27 -25.76
C GLN A 130 44.90 48.35 -26.28
N GLY A 131 45.52 47.17 -26.41
CA GLY A 131 46.80 47.00 -27.11
C GLY A 131 48.02 47.69 -26.54
N LEU A 132 48.12 47.75 -25.23
CA LEU A 132 49.24 48.43 -24.58
C LEU A 132 50.33 47.48 -24.07
N ASN A 133 50.38 46.28 -24.63
CA ASN A 133 51.40 45.29 -24.29
C ASN A 133 52.66 45.48 -25.12
N ASN A 134 53.73 44.79 -24.73
CA ASN A 134 54.97 44.78 -25.49
C ASN A 134 54.82 43.94 -26.76
N ASN A 135 54.00 44.45 -27.69
CA ASN A 135 53.68 43.79 -28.98
C ASN A 135 53.05 42.38 -28.86
N LYS A 136 52.44 42.10 -27.73
CA LYS A 136 51.77 40.81 -27.51
C LYS A 136 50.38 40.81 -28.14
N PRO A 137 49.86 39.61 -28.50
CA PRO A 137 48.51 39.48 -29.06
C PRO A 137 47.43 40.04 -28.13
N PHE A 138 46.30 40.44 -28.73
CA PHE A 138 45.19 41.08 -28.02
C PHE A 138 44.75 40.33 -26.76
N GLY A 139 44.80 41.02 -25.61
CA GLY A 139 44.32 40.47 -24.34
C GLY A 139 45.35 39.71 -23.52
N GLU A 140 46.51 39.44 -24.11
CA GLU A 140 47.58 38.69 -23.45
C GLU A 140 48.53 39.61 -22.68
N LEU A 141 49.08 39.11 -21.58
CA LEU A 141 49.98 39.88 -20.72
C LEU A 141 51.45 39.57 -21.02
N ASP A 142 52.32 40.54 -20.73
CA ASP A 142 53.75 40.31 -20.74
C ASP A 142 54.27 40.26 -19.30
N PHE A 143 53.82 39.24 -18.57
CA PHE A 143 54.14 39.03 -17.16
C PHE A 143 55.62 38.77 -16.91
N ILE A 144 56.16 39.38 -15.86
CA ILE A 144 57.56 39.19 -15.49
C ILE A 144 57.66 38.46 -14.16
N SER A 145 57.17 39.10 -13.10
CA SER A 145 57.11 38.50 -11.77
C SER A 145 56.07 39.20 -10.91
N GLU A 146 55.71 38.55 -9.81
CA GLU A 146 54.68 39.04 -8.92
C GLU A 146 55.31 39.97 -7.88
N ILE A 147 54.62 41.05 -7.56
CA ILE A 147 55.07 41.99 -6.52
C ILE A 147 53.96 42.15 -5.48
N SER A 148 54.27 41.85 -4.22
CA SER A 148 53.30 42.10 -3.15
C SER A 148 53.34 43.54 -2.65
N GLY A 149 52.25 43.98 -2.02
CA GLY A 149 52.19 45.30 -1.39
C GLY A 149 53.32 45.50 -0.39
N SER A 150 53.56 44.46 0.39
CA SER A 150 54.67 44.39 1.34
C SER A 150 56.01 44.84 0.74
N ASP A 151 56.30 44.35 -0.47
CA ASP A 151 57.54 44.69 -1.17
C ASP A 151 57.55 46.17 -1.56
N LEU A 152 56.40 46.67 -1.99
CA LEU A 152 56.23 48.06 -2.42
C LEU A 152 56.27 49.07 -1.27
N LEU A 153 55.74 48.65 -0.12
CA LEU A 153 55.58 49.56 1.01
C LEU A 153 56.90 50.21 1.40
N LEU A 154 56.85 51.50 1.70
CA LEU A 154 58.02 52.31 2.07
C LEU A 154 59.14 52.34 1.01
N ALA A 155 58.77 52.15 -0.25
CA ALA A 155 59.68 52.39 -1.37
C ALA A 155 59.64 53.87 -1.72
N THR A 156 60.62 54.33 -2.51
CA THR A 156 60.65 55.72 -2.94
C THR A 156 60.48 55.83 -4.44
N VAL A 157 59.67 56.78 -4.86
CA VAL A 157 59.44 57.02 -6.27
C VAL A 157 59.72 58.48 -6.64
N ARG A 158 59.98 58.70 -7.93
CA ARG A 158 60.11 60.04 -8.48
C ARG A 158 58.72 60.37 -8.99
N ALA A 159 58.08 61.36 -8.40
CA ALA A 159 56.72 61.73 -8.80
C ALA A 159 56.74 62.88 -9.80
N PRO A 160 56.10 62.66 -10.96
CA PRO A 160 56.06 63.71 -11.96
C PRO A 160 55.38 64.98 -11.45
N LEU A 161 55.91 66.13 -11.88
CA LEU A 161 55.38 67.47 -11.61
C LEU A 161 55.52 67.97 -10.17
N SER A 162 55.67 67.04 -9.23
CA SER A 162 55.95 67.37 -7.84
C SER A 162 57.34 68.04 -7.67
N PRO A 163 57.43 69.08 -6.84
CA PRO A 163 58.73 69.67 -6.49
C PRO A 163 59.55 68.77 -5.57
N TYR A 164 58.92 67.74 -5.00
CA TYR A 164 59.65 66.80 -4.16
C TYR A 164 60.52 65.87 -5.01
N GLU A 165 61.79 65.75 -4.64
CA GLU A 165 62.74 64.98 -5.44
C GLU A 165 62.47 63.47 -5.37
N GLN A 166 61.82 63.06 -4.28
CA GLN A 166 61.28 61.71 -4.15
C GLN A 166 60.14 61.70 -3.15
N ILE A 167 59.31 60.66 -3.20
CA ILE A 167 58.27 60.46 -2.19
C ILE A 167 58.19 58.99 -1.81
N PHE A 168 57.48 58.67 -0.75
CA PHE A 168 57.38 57.29 -0.27
C PHE A 168 56.05 56.63 -0.60
N VAL A 169 56.10 55.33 -0.87
CA VAL A 169 54.91 54.52 -1.07
C VAL A 169 54.37 54.17 0.32
N LEU A 170 53.13 54.56 0.58
CA LEU A 170 52.57 54.42 1.92
C LEU A 170 51.31 53.54 1.94
N PRO A 171 50.93 53.06 3.14
CA PRO A 171 49.82 52.12 3.29
C PRO A 171 48.44 52.77 3.32
N LEU A 172 47.57 52.34 2.41
CA LEU A 172 46.16 52.69 2.48
C LEU A 172 45.32 51.41 2.52
N GLU A 173 44.72 51.15 3.67
CA GLU A 173 44.03 49.88 3.94
C GLU A 173 42.70 49.71 3.20
N THR A 174 42.20 50.80 2.62
CA THR A 174 40.88 50.79 1.96
C THR A 174 40.96 50.72 0.43
N ILE A 175 42.16 50.54 -0.12
CA ILE A 175 42.32 50.42 -1.56
C ILE A 175 41.60 49.18 -2.10
N LYS A 176 40.89 49.36 -3.21
CA LYS A 176 40.20 48.26 -3.88
C LYS A 176 40.94 47.83 -5.13
N MET A 177 41.44 46.59 -5.13
CA MET A 177 42.20 46.04 -6.25
C MET A 177 41.33 45.78 -7.49
N ASP A 178 40.04 46.08 -7.38
CA ASP A 178 39.09 45.93 -8.48
C ASP A 178 38.74 47.27 -9.14
N LYS A 179 39.30 48.36 -8.61
CA LYS A 179 39.19 49.67 -9.25
C LYS A 179 40.58 50.18 -9.55
N GLY A 180 40.70 50.92 -10.66
CA GLY A 180 41.97 51.52 -11.07
C GLY A 180 43.11 50.52 -11.12
N THR A 181 44.27 50.93 -10.63
CA THR A 181 45.49 50.14 -10.69
C THR A 181 45.90 49.53 -9.35
N GLY A 182 45.15 49.86 -8.29
CA GLY A 182 45.51 49.44 -6.94
C GLY A 182 46.55 50.35 -6.31
N ILE A 183 47.06 51.30 -7.10
CA ILE A 183 47.95 52.35 -6.62
C ILE A 183 47.26 53.69 -6.82
N VAL A 184 47.26 54.52 -5.77
CA VAL A 184 46.56 55.80 -5.78
C VAL A 184 47.55 56.92 -5.47
N THR A 185 47.33 58.09 -6.07
CA THR A 185 48.14 59.27 -5.78
C THR A 185 47.71 59.84 -4.45
N SER A 186 48.57 60.66 -3.85
CA SER A 186 48.23 61.33 -2.60
C SER A 186 48.47 62.82 -2.69
N VAL A 187 47.39 63.58 -2.59
CA VAL A 187 47.45 65.04 -2.60
C VAL A 187 46.66 65.58 -1.41
N PRO A 188 47.27 65.56 -0.21
CA PRO A 188 46.60 65.89 1.05
C PRO A 188 46.01 67.29 1.10
N SER A 189 46.56 68.23 0.35
CA SER A 189 46.04 69.59 0.36
C SER A 189 44.65 69.69 -0.26
N ASP A 190 44.33 68.76 -1.15
CA ASP A 190 43.08 68.85 -1.89
C ASP A 190 42.23 67.58 -1.99
N ALA A 191 42.62 66.54 -1.27
CA ALA A 191 41.82 65.34 -1.12
C ALA A 191 41.74 64.96 0.35
N PRO A 192 40.56 65.17 0.97
CA PRO A 192 40.31 64.96 2.42
C PRO A 192 40.71 63.57 2.91
N ASP A 193 40.33 62.54 2.14
CA ASP A 193 40.69 61.16 2.45
C ASP A 193 42.21 60.99 2.48
N ASP A 194 42.89 61.50 1.45
CA ASP A 194 44.34 61.55 1.43
C ASP A 194 44.88 62.18 2.71
N TYR A 195 44.34 63.35 3.08
CA TYR A 195 44.82 64.05 4.27
C TYR A 195 44.56 63.27 5.56
N ALA A 196 43.38 62.67 5.68
CA ALA A 196 43.02 61.92 6.89
C ALA A 196 44.03 60.79 7.14
N CYS A 197 44.28 59.97 6.12
CA CYS A 197 45.25 58.91 6.23
C CYS A 197 46.66 59.42 6.48
N TYR A 198 47.04 60.47 5.74
CA TYR A 198 48.33 61.10 5.89
C TYR A 198 48.55 61.52 7.34
N LYS A 199 47.57 62.22 7.91
CA LYS A 199 47.60 62.69 9.29
C LYS A 199 47.57 61.54 10.32
N ASP A 200 46.78 60.51 10.03
CA ASP A 200 46.82 59.28 10.84
C ASP A 200 48.23 58.66 10.97
N ILE A 201 48.96 58.58 9.85
CA ILE A 201 50.33 58.06 9.85
C ILE A 201 51.23 59.00 10.64
N LEU A 202 51.14 60.30 10.34
CA LEU A 202 52.01 61.31 10.93
C LEU A 202 52.05 61.29 12.47
N GLU A 203 50.88 61.12 13.08
CA GLU A 203 50.73 61.14 14.53
C GLU A 203 50.54 59.73 15.09
N ASN A 204 50.92 58.73 14.30
CA ASN A 204 50.86 57.34 14.72
C ASN A 204 49.53 56.94 15.37
N ARG A 205 48.44 57.42 14.80
CA ARG A 205 47.10 57.16 15.30
C ARG A 205 46.85 55.68 15.46
N ASN A 206 46.44 55.28 16.66
CA ASN A 206 46.22 53.87 17.02
C ASN A 206 47.38 52.92 16.65
N GLY A 207 48.60 53.44 16.74
CA GLY A 207 49.81 52.69 16.45
C GLY A 207 50.04 52.32 15.00
N ILE A 208 49.38 53.02 14.09
CA ILE A 208 49.35 52.62 12.68
C ILE A 208 50.68 52.81 11.95
N ALA A 209 51.45 53.82 12.32
CA ALA A 209 52.77 54.02 11.73
C ALA A 209 53.75 52.89 12.12
N GLU A 210 53.70 52.48 13.39
CA GLU A 210 54.58 51.42 13.90
C GLU A 210 54.24 50.10 13.26
N LYS A 211 52.93 49.83 13.15
CA LYS A 211 52.41 48.60 12.55
C LYS A 211 53.00 48.30 11.17
N TYR A 212 53.27 49.34 10.39
CA TYR A 212 53.81 49.18 9.04
C TYR A 212 55.29 49.59 8.93
N GLY A 213 55.91 49.92 10.07
CA GLY A 213 57.34 50.19 10.12
C GLY A 213 57.75 51.53 9.55
N VAL A 214 56.84 52.50 9.60
CA VAL A 214 57.05 53.80 8.99
C VAL A 214 58.00 54.61 9.85
N ASP A 215 59.09 55.06 9.23
CA ASP A 215 59.91 56.12 9.82
C ASP A 215 59.22 57.45 9.48
N VAL A 216 58.49 58.00 10.45
CA VAL A 216 57.66 59.19 10.20
C VAL A 216 58.50 60.42 9.82
N GLY A 217 59.58 60.67 10.58
CA GLY A 217 60.45 61.82 10.36
C GLY A 217 61.18 61.87 9.02
N LEU A 218 61.34 60.72 8.39
CA LEU A 218 61.98 60.60 7.09
C LEU A 218 60.97 60.50 5.95
N MET A 219 59.81 59.91 6.21
CA MET A 219 58.88 59.56 5.15
C MET A 219 57.64 60.46 5.02
N LEU A 220 57.38 61.30 6.01
CA LEU A 220 56.19 62.16 6.00
C LEU A 220 56.44 63.62 6.36
N GLU A 221 57.16 63.84 7.46
CA GLU A 221 57.48 65.20 7.92
C GLU A 221 58.12 66.14 6.89
N PRO A 222 59.02 65.62 6.02
CA PRO A 222 59.54 66.52 4.98
C PRO A 222 58.58 66.74 3.80
N TYR A 223 57.46 66.03 3.77
CA TYR A 223 56.53 66.13 2.64
C TYR A 223 55.18 66.66 3.10
N SER A 224 55.15 67.92 3.50
CA SER A 224 53.91 68.53 3.95
C SER A 224 53.02 68.85 2.76
N PRO A 225 51.69 68.91 2.98
CA PRO A 225 50.75 69.29 1.92
C PRO A 225 51.15 70.60 1.27
N LEU A 226 50.85 70.74 -0.02
CA LEU A 226 51.26 71.90 -0.78
C LEU A 226 50.08 72.79 -1.20
N PRO A 227 50.24 74.13 -1.12
CA PRO A 227 49.24 75.10 -1.56
C PRO A 227 49.11 75.20 -3.09
N ILE A 228 48.60 74.15 -3.72
CA ILE A 228 48.59 74.06 -5.18
C ILE A 228 47.40 74.79 -5.80
N ILE A 229 46.28 74.77 -5.09
CA ILE A 229 45.05 75.35 -5.59
C ILE A 229 44.43 76.25 -4.53
N GLU A 230 44.09 77.46 -4.94
CA GLU A 230 43.33 78.38 -4.09
C GLU A 230 41.86 78.35 -4.47
N ILE A 231 41.03 77.99 -3.51
CA ILE A 231 39.60 78.13 -3.66
C ILE A 231 39.14 79.40 -2.93
N PRO A 232 38.69 80.42 -3.70
CA PRO A 232 38.13 81.65 -3.14
C PRO A 232 37.07 81.33 -2.08
N ASP A 233 37.14 82.02 -0.94
CA ASP A 233 36.24 81.81 0.19
C ASP A 233 36.71 80.68 1.12
N ILE A 234 37.80 80.00 0.75
CA ILE A 234 38.40 78.97 1.61
C ILE A 234 39.90 79.19 1.75
N GLY A 235 40.64 79.13 0.63
CA GLY A 235 42.08 79.35 0.64
C GLY A 235 42.88 78.25 -0.04
N THR A 236 44.15 78.09 0.36
CA THR A 236 45.04 77.15 -0.34
C THR A 236 45.08 75.70 0.13
N LEU A 237 45.07 75.42 1.42
CA LEU A 237 45.08 74.01 1.83
C LEU A 237 43.67 73.56 2.21
N SER A 238 42.76 73.62 1.23
CA SER A 238 41.33 73.49 1.49
C SER A 238 40.91 72.23 2.22
N ALA A 239 41.41 71.08 1.76
CA ALA A 239 41.10 69.81 2.41
C ALA A 239 41.59 69.83 3.85
N VAL A 240 42.75 70.43 4.08
CA VAL A 240 43.32 70.60 5.42
C VAL A 240 42.45 71.53 6.27
N ARG A 241 42.23 72.75 5.78
CA ARG A 241 41.40 73.76 6.49
C ARG A 241 40.01 73.25 6.89
N LEU A 242 39.31 72.64 5.94
CA LEU A 242 37.99 72.09 6.24
C LEU A 242 38.09 70.90 7.20
N CYS A 243 39.07 70.04 7.00
CA CYS A 243 39.28 68.91 7.90
C CYS A 243 39.61 69.33 9.33
N GLU A 244 40.40 70.38 9.48
CA GLU A 244 40.87 70.82 10.80
C GLU A 244 39.84 71.71 11.53
N GLU A 245 39.07 72.47 10.77
CA GLU A 245 38.01 73.31 11.33
C GLU A 245 36.73 72.54 11.63
N SER A 246 36.61 71.33 11.09
CA SER A 246 35.52 70.42 11.43
C SER A 246 35.97 69.38 12.44
N ASN A 247 37.24 69.49 12.86
CA ASN A 247 37.86 68.58 13.82
C ASN A 247 37.62 67.10 13.46
N VAL A 248 38.39 66.62 12.48
CA VAL A 248 38.28 65.24 12.02
C VAL A 248 39.55 64.44 12.36
N ASP A 253 33.11 60.75 10.96
CA ASP A 253 34.33 60.93 10.17
C ASP A 253 34.10 60.69 8.68
N ARG A 254 33.42 59.58 8.34
CA ARG A 254 33.15 59.21 6.95
C ARG A 254 32.10 60.11 6.28
N ALA A 255 31.09 60.53 7.06
CA ALA A 255 30.02 61.40 6.55
C ALA A 255 30.52 62.82 6.36
N LYS A 256 31.38 63.27 7.27
CA LYS A 256 32.00 64.57 7.17
C LYS A 256 33.04 64.57 6.04
N LEU A 257 33.74 63.46 5.87
CA LEU A 257 34.71 63.30 4.77
C LEU A 257 34.09 63.35 3.38
N THR A 258 32.93 62.73 3.21
CA THR A 258 32.22 62.76 1.92
C THR A 258 31.74 64.17 1.63
N GLN A 259 31.36 64.88 2.69
CA GLN A 259 30.88 66.25 2.59
C GLN A 259 32.00 67.22 2.16
N ILE A 260 33.15 67.14 2.81
CA ILE A 260 34.28 67.99 2.42
C ILE A 260 34.87 67.61 1.05
N LYS A 261 34.86 66.33 0.71
CA LYS A 261 35.32 65.88 -0.61
C LYS A 261 34.43 66.46 -1.70
N GLU A 262 33.16 66.67 -1.37
CA GLU A 262 32.18 67.26 -2.26
C GLU A 262 32.50 68.73 -2.52
N ILE A 263 32.79 69.47 -1.46
CA ILE A 263 33.19 70.87 -1.60
C ILE A 263 34.50 71.00 -2.36
N CYS A 264 35.52 70.25 -1.93
CA CYS A 264 36.84 70.34 -2.52
C CYS A 264 36.86 70.02 -4.01
N TYR A 265 36.20 68.93 -4.40
CA TYR A 265 36.18 68.52 -5.79
C TYR A 265 35.29 69.44 -6.65
N THR A 266 34.18 69.91 -6.09
CA THR A 266 33.26 70.78 -6.84
C THR A 266 33.76 72.21 -6.93
N LYS A 267 33.97 72.85 -5.78
CA LYS A 267 34.47 74.22 -5.75
C LYS A 267 35.83 74.29 -6.42
N GLY A 268 36.66 73.29 -6.15
CA GLY A 268 37.97 73.15 -6.77
C GLY A 268 37.90 73.30 -8.28
N PHE A 269 37.07 72.49 -8.92
CA PHE A 269 36.95 72.53 -10.37
C PHE A 269 36.40 73.87 -10.88
N TYR A 270 35.29 74.32 -10.31
CA TYR A 270 34.62 75.52 -10.83
C TYR A 270 35.32 76.83 -10.49
N THR A 271 35.85 76.94 -9.28
CA THR A 271 36.43 78.21 -8.81
C THR A 271 37.94 78.15 -8.54
N GLY A 272 38.50 76.94 -8.51
CA GLY A 272 39.91 76.73 -8.15
C GLY A 272 40.91 77.38 -9.08
N ILE A 273 41.94 77.97 -8.50
CA ILE A 273 43.00 78.63 -9.27
C ILE A 273 44.36 78.06 -8.90
N MET A 274 45.07 77.58 -9.92
CA MET A 274 46.40 77.03 -9.73
C MET A 274 47.32 78.07 -9.13
N LYS A 275 48.09 77.66 -8.12
CA LYS A 275 48.99 78.57 -7.42
C LYS A 275 50.42 78.10 -7.55
N MET A 276 50.57 76.85 -7.97
CA MET A 276 51.86 76.22 -8.16
C MET A 276 51.87 75.47 -9.48
N GLY A 277 53.06 75.12 -9.95
CA GLY A 277 53.22 74.37 -11.18
C GLY A 277 53.36 75.29 -12.38
N PRO A 278 53.45 74.71 -13.59
CA PRO A 278 53.69 75.49 -14.81
C PRO A 278 52.49 76.33 -15.25
N PHE A 279 51.32 76.03 -14.72
CA PHE A 279 50.12 76.78 -15.06
C PHE A 279 49.65 77.66 -13.92
N ALA A 280 50.59 78.14 -13.11
CA ALA A 280 50.26 79.00 -11.97
C ALA A 280 49.59 80.28 -12.46
N GLY A 281 48.44 80.60 -11.89
CA GLY A 281 47.70 81.80 -12.28
C GLY A 281 46.47 81.45 -13.10
N GLN A 282 46.51 80.29 -13.74
CA GLN A 282 45.39 79.78 -14.52
C GLN A 282 44.40 79.06 -13.60
N SER A 283 43.14 78.96 -14.04
CA SER A 283 42.10 78.30 -13.25
C SER A 283 42.14 76.79 -13.44
N VAL A 284 41.50 76.06 -12.54
CA VAL A 284 41.48 74.60 -12.61
C VAL A 284 40.74 74.07 -13.84
N LYS A 285 39.55 74.62 -14.10
CA LYS A 285 38.75 74.23 -15.26
C LYS A 285 39.53 74.36 -16.59
N ASP A 286 40.24 75.47 -16.74
CA ASP A 286 40.93 75.79 -18.00
C ASP A 286 42.21 75.00 -18.25
N CYS A 287 42.92 74.64 -17.19
CA CYS A 287 44.22 73.98 -17.38
C CYS A 287 44.21 72.49 -17.05
N LYS A 288 43.02 71.95 -16.77
CA LYS A 288 42.83 70.53 -16.51
C LYS A 288 43.24 69.71 -17.74
N GLN A 289 42.69 70.07 -18.89
CA GLN A 289 43.06 69.44 -20.17
C GLN A 289 44.52 69.68 -20.53
N SER A 290 45.07 70.80 -20.06
CA SER A 290 46.43 71.21 -20.38
C SER A 290 47.47 70.41 -19.63
N CYS A 291 47.20 70.15 -18.35
CA CYS A 291 48.10 69.34 -17.52
C CYS A 291 48.17 67.91 -18.04
N ARG A 292 47.04 67.42 -18.53
CA ARG A 292 46.99 66.12 -19.20
C ARG A 292 48.01 66.04 -20.33
N ASP A 293 47.95 67.02 -21.24
CA ASP A 293 48.83 67.05 -22.42
C ASP A 293 50.30 67.16 -22.08
N LEU A 294 50.63 67.94 -21.04
CA LEU A 294 52.02 68.09 -20.60
C LEU A 294 52.56 66.76 -20.08
N LEU A 295 51.72 66.02 -19.34
CA LEU A 295 52.08 64.72 -18.80
C LEU A 295 52.41 63.73 -19.91
N VAL A 296 51.69 63.83 -21.03
CA VAL A 296 51.88 62.96 -22.18
C VAL A 296 53.16 63.32 -22.95
N GLN A 297 53.45 64.62 -23.05
CA GLN A 297 54.67 65.11 -23.72
C GLN A 297 55.91 64.76 -22.93
N ASN A 298 55.78 64.80 -21.60
CA ASN A 298 56.85 64.39 -20.71
C ASN A 298 57.02 62.88 -20.67
N ASN A 299 56.03 62.17 -21.20
CA ASN A 299 55.96 60.70 -21.11
C ASN A 299 55.95 60.25 -19.64
N GLN A 300 55.06 60.87 -18.87
CA GLN A 300 54.96 60.65 -17.44
C GLN A 300 53.61 60.05 -17.10
N CYS A 301 52.82 59.77 -18.12
CA CYS A 301 51.54 59.11 -17.92
C CYS A 301 51.17 58.15 -19.06
N ILE A 302 50.25 57.24 -18.74
CA ILE A 302 49.64 56.35 -19.71
C ILE A 302 48.13 56.54 -19.62
N VAL A 303 47.51 56.87 -20.74
CA VAL A 303 46.07 57.09 -20.77
C VAL A 303 45.37 55.80 -21.15
N TYR A 304 44.37 55.40 -20.38
CA TYR A 304 43.60 54.19 -20.66
C TYR A 304 42.11 54.33 -20.29
N SER A 305 41.35 53.26 -20.44
CA SER A 305 39.91 53.26 -20.15
C SER A 305 39.43 51.94 -19.54
N GLU A 306 38.29 52.01 -18.83
CA GLU A 306 37.71 50.84 -18.16
C GLU A 306 36.18 50.92 -18.12
N PRO A 307 35.50 49.75 -18.10
CA PRO A 307 34.05 49.71 -17.82
C PRO A 307 33.74 50.06 -16.36
N GLN B 9 -14.32 -48.91 -63.38
CA GLN B 9 -13.61 -48.21 -62.27
C GLN B 9 -12.10 -48.28 -62.45
N GLU B 10 -11.52 -47.18 -62.92
CA GLU B 10 -10.08 -47.07 -63.15
C GLU B 10 -9.34 -46.64 -61.88
N TYR B 11 -8.42 -47.49 -61.41
CA TYR B 11 -7.56 -47.15 -60.28
C TYR B 11 -6.22 -46.61 -60.77
N ILE B 12 -5.43 -46.08 -59.85
CA ILE B 12 -4.04 -45.72 -60.10
C ILE B 12 -3.19 -46.45 -59.06
N GLY B 13 -2.24 -47.25 -59.53
CA GLY B 13 -1.41 -48.03 -58.63
C GLY B 13 -0.04 -47.39 -58.51
N ILE B 14 0.21 -46.69 -57.40
CA ILE B 14 1.49 -46.05 -57.17
C ILE B 14 2.57 -47.10 -56.96
N LYS B 15 3.70 -46.93 -57.65
CA LYS B 15 4.83 -47.83 -57.51
C LYS B 15 5.74 -47.38 -56.38
N LEU B 16 5.80 -48.17 -55.32
CA LEU B 16 6.65 -47.84 -54.18
C LEU B 16 7.88 -48.73 -54.23
N GLU B 17 9.05 -48.13 -54.41
CA GLU B 17 10.26 -48.91 -54.65
C GLU B 17 10.91 -49.40 -53.36
N LEU B 18 11.01 -50.73 -53.25
CA LEU B 18 11.74 -51.34 -52.16
C LEU B 18 13.21 -51.04 -52.36
N ILE B 19 13.77 -50.30 -51.41
CA ILE B 19 15.11 -49.75 -51.53
C ILE B 19 16.15 -50.85 -51.45
N ASN B 20 17.00 -50.91 -52.47
CA ASN B 20 18.05 -51.91 -52.54
C ASN B 20 19.32 -51.33 -51.94
N TYR B 21 19.59 -51.72 -50.69
CA TYR B 21 20.70 -51.15 -49.94
C TYR B 21 22.04 -51.74 -50.36
N THR B 22 22.00 -52.82 -51.12
CA THR B 22 23.21 -53.46 -51.64
C THR B 22 23.75 -52.61 -52.79
N THR B 23 22.87 -52.32 -53.74
CA THR B 23 23.21 -51.49 -54.90
C THR B 23 23.59 -50.07 -54.46
N LEU B 24 22.74 -49.47 -53.62
CA LEU B 24 22.96 -48.12 -53.10
C LEU B 24 24.33 -47.97 -52.43
N LEU B 25 24.85 -49.08 -51.89
CA LEU B 25 26.16 -49.08 -51.24
C LEU B 25 27.30 -49.12 -52.26
N GLU B 26 27.07 -49.77 -53.39
CA GLU B 26 28.08 -49.92 -54.44
C GLU B 26 28.50 -48.58 -55.06
N GLU B 27 27.56 -47.64 -55.12
CA GLU B 27 27.82 -46.28 -55.61
C GLU B 27 28.92 -45.59 -54.80
N GLN B 28 28.94 -45.85 -53.49
CA GLN B 28 29.96 -45.31 -52.59
C GLN B 28 31.38 -45.80 -52.89
N ARG B 29 31.49 -46.79 -53.79
CA ARG B 29 32.78 -47.24 -54.31
C ARG B 29 33.22 -46.45 -55.54
N GLU B 30 32.24 -45.87 -56.26
CA GLU B 30 32.51 -45.11 -57.48
C GLU B 30 32.50 -43.60 -57.23
N ALA B 47 33.00 -40.44 -36.05
CA ALA B 47 32.04 -39.99 -37.04
C ALA B 47 32.47 -38.66 -37.63
N GLU B 48 32.73 -38.68 -38.94
CA GLU B 48 33.41 -37.58 -39.64
C GLU B 48 34.80 -37.35 -39.05
N LYS B 49 35.32 -38.37 -38.36
CA LYS B 49 36.60 -38.35 -37.64
C LYS B 49 36.70 -37.29 -36.53
N LEU B 50 35.73 -36.37 -36.51
CA LEU B 50 35.72 -35.22 -35.61
C LEU B 50 35.24 -35.54 -34.21
N ASN B 51 35.02 -36.83 -33.93
CA ASN B 51 34.48 -37.29 -32.63
C ASN B 51 33.19 -36.57 -32.26
N ILE B 52 32.30 -36.45 -33.24
CA ILE B 52 30.95 -35.95 -33.04
C ILE B 52 30.01 -37.05 -33.55
N LYS B 53 29.26 -37.65 -32.62
CA LYS B 53 28.45 -38.84 -32.91
C LYS B 53 27.36 -38.63 -33.98
N LEU B 54 27.44 -39.40 -35.05
CA LEU B 54 26.43 -39.41 -36.11
C LEU B 54 25.91 -40.83 -36.37
N PRO B 55 24.72 -40.90 -36.96
CA PRO B 55 24.08 -42.18 -37.26
C PRO B 55 24.82 -42.93 -38.38
N ARG B 56 25.07 -44.22 -38.14
CA ARG B 56 25.70 -45.09 -39.14
C ARG B 56 24.79 -45.27 -40.36
N PHE B 57 25.39 -45.54 -41.51
CA PHE B 57 24.64 -45.73 -42.76
C PHE B 57 23.50 -46.74 -42.56
N TYR B 58 22.27 -46.24 -42.61
CA TYR B 58 21.11 -47.09 -42.35
C TYR B 58 20.97 -48.19 -43.39
N SER B 59 20.58 -49.37 -42.93
CA SER B 59 20.28 -50.50 -43.79
C SER B 59 19.13 -51.29 -43.19
N ASN B 60 18.09 -51.50 -43.98
CA ASN B 60 16.89 -52.21 -43.54
C ASN B 60 17.00 -53.72 -43.79
N PRO B 61 17.04 -54.51 -42.71
CA PRO B 61 17.13 -55.98 -42.78
C PRO B 61 15.94 -56.64 -43.47
N LYS B 62 14.75 -56.05 -43.37
CA LYS B 62 13.56 -56.61 -44.00
C LYS B 62 13.64 -56.49 -45.52
N ASN B 63 14.32 -55.43 -45.97
CA ASN B 63 14.58 -55.22 -47.39
C ASN B 63 15.54 -56.25 -47.94
N LYS B 64 16.67 -56.43 -47.25
CA LYS B 64 17.69 -57.41 -47.64
C LYS B 64 17.12 -58.82 -47.72
N ALA B 65 16.19 -59.15 -46.83
CA ALA B 65 15.60 -60.49 -46.78
C ALA B 65 14.72 -60.77 -47.99
N ILE B 66 13.98 -59.75 -48.43
CA ILE B 66 13.14 -59.87 -49.63
C ILE B 66 14.01 -60.08 -50.88
N PHE B 67 15.09 -59.31 -51.00
CA PHE B 67 16.02 -59.45 -52.11
C PHE B 67 16.70 -60.81 -52.12
N ASP B 68 17.20 -61.23 -50.97
CA ASP B 68 17.80 -62.56 -50.82
C ASP B 68 16.90 -63.67 -51.34
N GLN B 69 15.60 -63.54 -51.08
CA GLN B 69 14.63 -64.52 -51.51
C GLN B 69 14.46 -64.49 -53.03
N LEU B 70 14.48 -63.29 -53.60
CA LEU B 70 14.37 -63.10 -55.04
C LEU B 70 15.62 -63.59 -55.77
N TRP B 71 16.78 -63.27 -55.21
CA TRP B 71 18.09 -63.76 -55.67
C TRP B 71 18.13 -65.29 -55.73
N GLU B 72 17.50 -65.93 -54.75
CA GLU B 72 17.45 -67.38 -54.66
C GLU B 72 16.26 -67.98 -55.42
N ASN B 73 15.61 -67.16 -56.24
CA ASN B 73 14.53 -67.61 -57.13
C ASN B 73 14.71 -67.07 -58.56
N GLN B 74 15.98 -66.94 -58.97
CA GLN B 74 16.40 -66.59 -60.34
C GLN B 74 16.10 -65.16 -60.79
N VAL B 75 16.43 -64.18 -59.93
CA VAL B 75 16.18 -62.77 -60.22
C VAL B 75 17.48 -61.96 -60.20
N ASP B 76 17.84 -61.42 -61.37
CA ASP B 76 19.04 -60.61 -61.54
C ASP B 76 18.85 -59.22 -60.91
N ASN B 77 19.82 -58.33 -61.12
CA ASN B 77 19.63 -56.91 -60.78
C ASN B 77 18.36 -56.37 -61.46
N ALA B 78 17.28 -56.27 -60.70
CA ALA B 78 16.01 -55.74 -61.19
C ALA B 78 15.40 -54.85 -60.11
N LYS B 79 14.53 -53.94 -60.51
CA LYS B 79 13.87 -53.04 -59.55
C LYS B 79 12.56 -53.62 -59.05
N VAL B 80 12.32 -53.49 -57.74
CA VAL B 80 11.16 -54.09 -57.07
C VAL B 80 10.19 -53.03 -56.56
N TYR B 81 8.90 -53.17 -56.90
CA TYR B 81 7.90 -52.16 -56.58
C TYR B 81 6.67 -52.67 -55.82
N LEU B 82 6.45 -52.15 -54.62
CA LEU B 82 5.17 -52.33 -53.95
C LEU B 82 4.13 -51.49 -54.66
N LEU B 83 3.03 -52.10 -55.09
CA LEU B 83 2.00 -51.36 -55.81
C LEU B 83 0.81 -51.06 -54.92
N ALA B 84 0.44 -49.78 -54.85
CA ALA B 84 -0.60 -49.31 -53.94
C ALA B 84 -1.68 -48.54 -54.69
N ALA B 85 -2.90 -49.08 -54.66
CA ALA B 85 -4.01 -48.47 -55.37
C ALA B 85 -4.51 -47.24 -54.65
N THR B 86 -4.59 -46.14 -55.39
CA THR B 86 -5.18 -44.91 -54.89
C THR B 86 -6.09 -44.32 -55.93
N LEU B 87 -7.06 -43.54 -55.46
CA LEU B 87 -7.93 -42.77 -56.33
C LEU B 87 -7.67 -41.28 -56.11
N ARG B 88 -6.62 -40.97 -55.34
CA ARG B 88 -6.24 -39.58 -55.06
C ARG B 88 -4.76 -39.34 -55.36
N PRO B 89 -4.39 -39.24 -56.66
CA PRO B 89 -2.98 -39.05 -57.03
C PRO B 89 -2.41 -37.72 -56.55
N GLU B 90 -3.29 -36.75 -56.29
CA GLU B 90 -2.88 -35.43 -55.81
C GLU B 90 -2.38 -35.45 -54.36
N THR B 91 -2.83 -36.43 -53.58
CA THR B 91 -2.42 -36.55 -52.18
C THR B 91 -1.06 -37.24 -52.03
N MET B 92 -0.49 -37.70 -53.14
CA MET B 92 0.76 -38.48 -53.13
C MET B 92 1.99 -37.75 -52.59
N VAL B 93 1.93 -36.43 -52.55
CA VAL B 93 3.03 -35.63 -52.01
C VAL B 93 3.04 -35.65 -50.46
N GLY B 94 1.91 -36.03 -49.86
CA GLY B 94 1.78 -36.07 -48.42
C GLY B 94 2.04 -37.39 -47.73
N GLN B 95 2.59 -38.36 -48.46
CA GLN B 95 2.82 -39.70 -47.91
C GLN B 95 3.79 -39.68 -46.73
N THR B 96 3.39 -40.29 -45.62
CA THR B 96 4.26 -40.45 -44.45
C THR B 96 4.75 -41.88 -44.29
N ASN B 97 4.02 -42.82 -44.90
CA ASN B 97 4.28 -44.24 -44.82
C ASN B 97 3.34 -44.97 -45.78
N CYS B 98 3.33 -46.30 -45.72
CA CYS B 98 2.30 -47.07 -46.40
C CYS B 98 1.81 -48.22 -45.53
N TRP B 99 0.79 -48.93 -46.00
CA TRP B 99 0.16 -50.01 -45.24
C TRP B 99 0.14 -51.33 -45.99
N VAL B 100 0.31 -52.42 -45.25
CA VAL B 100 0.02 -53.76 -45.73
C VAL B 100 -0.74 -54.48 -44.63
N LEU B 101 -1.50 -55.51 -45.01
CA LEU B 101 -2.11 -56.41 -44.02
C LEU B 101 -1.07 -57.39 -43.51
N PRO B 102 -0.76 -57.35 -42.19
CA PRO B 102 0.27 -58.17 -41.57
C PRO B 102 0.15 -59.68 -41.87
N THR B 103 -1.08 -60.14 -42.07
CA THR B 103 -1.34 -61.57 -42.33
C THR B 103 -1.70 -61.87 -43.78
N GLY B 104 -1.86 -60.84 -44.60
CA GLY B 104 -2.14 -61.03 -46.02
C GLY B 104 -1.05 -61.81 -46.72
N ARG B 105 -1.39 -62.46 -47.83
CA ARG B 105 -0.37 -63.13 -48.64
C ARG B 105 -0.22 -62.41 -49.99
N TYR B 106 1.01 -61.98 -50.26
CA TYR B 106 1.33 -61.25 -51.48
C TYR B 106 2.29 -62.09 -52.29
N GLY B 107 2.37 -61.81 -53.59
CA GLY B 107 3.32 -62.47 -54.46
C GLY B 107 4.14 -61.43 -55.20
N ALA B 108 5.37 -61.81 -55.54
CA ALA B 108 6.24 -60.96 -56.36
C ALA B 108 6.17 -61.43 -57.81
N TYR B 109 5.71 -60.54 -58.68
CA TYR B 109 5.51 -60.88 -60.10
C TYR B 109 6.43 -60.09 -61.03
N TYR B 110 6.55 -60.54 -62.27
CA TYR B 110 7.14 -59.75 -63.34
C TYR B 110 6.01 -59.02 -64.08
N ILE B 111 6.17 -57.71 -64.29
CA ILE B 111 5.20 -56.95 -65.08
C ILE B 111 5.72 -56.68 -66.50
N ASN B 112 7.02 -56.45 -66.64
CA ASN B 112 7.58 -56.23 -67.97
C ASN B 112 8.89 -56.96 -68.28
N LYS B 113 9.98 -56.57 -67.63
CA LYS B 113 11.30 -57.12 -67.95
C LYS B 113 12.26 -56.97 -66.78
N ASP B 114 12.57 -55.72 -66.44
CA ASP B 114 13.45 -55.41 -65.32
C ASP B 114 12.66 -54.95 -64.09
N GLU B 115 11.35 -55.13 -64.13
CA GLU B 115 10.45 -54.62 -63.09
C GLU B 115 9.57 -55.68 -62.44
N VAL B 116 9.72 -55.80 -61.11
CA VAL B 116 8.96 -56.75 -60.29
C VAL B 116 7.99 -55.99 -59.37
N ILE B 117 6.73 -56.37 -59.38
CA ILE B 117 5.77 -55.78 -58.44
C ILE B 117 5.28 -56.78 -57.42
N ILE B 118 5.19 -56.34 -56.17
CA ILE B 118 4.62 -57.16 -55.10
C ILE B 118 3.20 -56.72 -54.84
N VAL B 119 2.24 -57.59 -55.18
CA VAL B 119 0.81 -57.32 -54.98
C VAL B 119 0.09 -58.57 -54.48
N SER B 120 -1.19 -58.39 -54.11
CA SER B 120 -2.07 -59.50 -53.79
C SER B 120 -2.43 -60.23 -55.08
N GLU B 121 -2.61 -61.55 -54.98
CA GLU B 121 -3.01 -62.39 -56.13
C GLU B 121 -4.23 -61.80 -56.86
N HIS B 122 -5.24 -61.39 -56.09
CA HIS B 122 -6.46 -60.80 -56.63
C HIS B 122 -6.19 -59.60 -57.52
N ALA B 123 -5.12 -58.86 -57.22
CA ALA B 123 -4.71 -57.72 -58.02
C ALA B 123 -4.01 -58.17 -59.31
N ALA B 124 -3.04 -59.07 -59.17
CA ALA B 124 -2.29 -59.59 -60.32
C ALA B 124 -3.15 -60.36 -61.33
N VAL B 125 -4.15 -61.08 -60.83
CA VAL B 125 -5.12 -61.79 -61.67
C VAL B 125 -5.88 -60.77 -62.54
N ASN B 126 -6.41 -59.73 -61.90
CA ASN B 126 -7.17 -58.68 -62.59
C ASN B 126 -6.27 -57.84 -63.50
N MET B 127 -4.97 -57.86 -63.22
CA MET B 127 -4.00 -57.09 -63.97
C MET B 127 -3.64 -57.76 -65.29
N ALA B 128 -3.58 -59.09 -65.29
CA ALA B 128 -3.27 -59.86 -66.49
C ALA B 128 -4.40 -59.82 -67.52
N HIS B 129 -5.65 -59.79 -67.05
CA HIS B 129 -6.86 -59.71 -67.90
C HIS B 129 -6.91 -58.43 -68.77
N GLN B 130 -5.96 -57.53 -68.58
CA GLN B 130 -5.83 -56.33 -69.42
C GLN B 130 -4.43 -56.17 -70.00
N GLY B 131 -3.69 -57.28 -70.04
CA GLY B 131 -2.41 -57.35 -70.76
C GLY B 131 -1.23 -56.67 -70.07
N LEU B 132 -1.09 -56.92 -68.78
CA LEU B 132 0.02 -56.38 -68.01
C LEU B 132 0.80 -57.52 -67.33
N ASN B 133 1.77 -58.06 -68.06
CA ASN B 133 2.71 -59.06 -67.54
C ASN B 133 3.91 -59.22 -68.47
N ASN B 134 4.87 -60.07 -68.09
CA ASN B 134 6.07 -60.30 -68.89
C ASN B 134 5.78 -61.09 -70.17
N ASN B 135 5.05 -60.46 -71.08
CA ASN B 135 4.66 -61.05 -72.38
C ASN B 135 4.04 -62.46 -72.27
N LYS B 136 2.85 -62.53 -71.69
CA LYS B 136 2.17 -63.80 -71.49
C LYS B 136 0.82 -63.81 -72.22
N PRO B 137 0.15 -64.99 -72.27
CA PRO B 137 -1.23 -65.04 -72.77
C PRO B 137 -2.23 -64.38 -71.82
N PHE B 138 -3.48 -64.27 -72.27
CA PHE B 138 -4.57 -63.61 -71.54
C PHE B 138 -4.89 -64.31 -70.21
N GLY B 139 -4.57 -63.66 -69.09
CA GLY B 139 -4.88 -64.19 -67.76
C GLY B 139 -3.80 -65.04 -67.11
N GLU B 140 -2.73 -65.31 -67.84
CA GLU B 140 -1.60 -66.05 -67.31
C GLU B 140 -0.76 -65.16 -66.42
N LEU B 141 -0.06 -65.77 -65.46
CA LEU B 141 0.79 -65.04 -64.50
C LEU B 141 2.27 -65.33 -64.70
N ASP B 142 3.10 -64.35 -64.37
CA ASP B 142 4.54 -64.58 -64.26
C ASP B 142 4.96 -64.46 -62.78
N PHE B 143 4.59 -65.49 -62.02
CA PHE B 143 4.90 -65.61 -60.60
C PHE B 143 6.39 -65.92 -60.36
N ILE B 144 6.96 -65.32 -59.31
CA ILE B 144 8.36 -65.54 -58.95
C ILE B 144 8.48 -66.26 -57.60
N SER B 145 7.98 -65.61 -56.54
CA SER B 145 8.02 -66.15 -55.19
C SER B 145 6.90 -65.51 -54.37
N GLU B 146 6.62 -66.05 -53.20
CA GLU B 146 5.55 -65.53 -52.37
C GLU B 146 6.11 -64.66 -51.26
N ILE B 147 5.42 -63.55 -50.99
CA ILE B 147 5.84 -62.62 -49.94
C ILE B 147 4.66 -62.39 -48.98
N SER B 148 4.88 -62.67 -47.70
CA SER B 148 3.84 -62.46 -46.70
C SER B 148 3.82 -61.02 -46.21
N GLY B 149 2.68 -60.59 -45.66
CA GLY B 149 2.56 -59.27 -45.02
C GLY B 149 3.65 -59.07 -43.99
N SER B 150 3.92 -60.12 -43.22
CA SER B 150 4.98 -60.15 -42.22
C SER B 150 6.34 -59.80 -42.82
N ASP B 151 6.59 -60.26 -44.04
CA ASP B 151 7.85 -60.00 -44.73
C ASP B 151 8.01 -58.55 -45.15
N LEU B 152 6.90 -57.91 -45.52
CA LEU B 152 6.90 -56.54 -46.01
C LEU B 152 6.98 -55.53 -44.90
N LEU B 153 6.52 -55.93 -43.71
CA LEU B 153 6.39 -55.04 -42.57
C LEU B 153 7.73 -54.41 -42.22
N LEU B 154 7.71 -53.11 -41.94
CA LEU B 154 8.88 -52.36 -41.47
C LEU B 154 10.02 -52.31 -42.51
N ALA B 155 9.64 -52.46 -43.78
CA ALA B 155 10.55 -52.21 -44.89
C ALA B 155 10.46 -50.74 -45.33
N THR B 156 11.51 -50.29 -46.01
CA THR B 156 11.60 -48.91 -46.47
C THR B 156 11.38 -48.86 -47.96
N VAL B 157 10.57 -47.91 -48.39
CA VAL B 157 10.30 -47.72 -49.79
C VAL B 157 10.65 -46.29 -50.18
N ARG B 158 10.71 -46.05 -51.49
CA ARG B 158 10.92 -44.72 -52.05
C ARG B 158 9.56 -44.30 -52.59
N ALA B 159 8.99 -43.25 -52.02
CA ALA B 159 7.63 -42.83 -52.42
C ALA B 159 7.67 -41.74 -53.47
N PRO B 160 7.08 -42.01 -54.65
CA PRO B 160 6.92 -40.99 -55.68
C PRO B 160 6.33 -39.69 -55.13
N LEU B 161 7.00 -38.58 -55.44
CA LEU B 161 6.54 -37.22 -55.14
C LEU B 161 6.65 -36.75 -53.69
N SER B 162 6.90 -37.66 -52.76
CA SER B 162 7.06 -37.30 -51.36
C SER B 162 8.46 -36.72 -51.11
N PRO B 163 8.54 -35.66 -50.29
CA PRO B 163 9.84 -35.07 -50.00
C PRO B 163 10.69 -35.95 -49.07
N TYR B 164 10.09 -37.01 -48.54
CA TYR B 164 10.80 -37.91 -47.66
C TYR B 164 11.67 -38.86 -48.48
N GLU B 165 12.94 -38.95 -48.10
CA GLU B 165 13.94 -39.75 -48.82
C GLU B 165 13.63 -41.25 -48.76
N GLN B 166 12.84 -41.64 -47.78
CA GLN B 166 12.27 -42.98 -47.69
C GLN B 166 11.15 -42.99 -46.65
N ILE B 167 10.22 -43.94 -46.79
CA ILE B 167 9.16 -44.13 -45.80
C ILE B 167 9.04 -45.61 -45.41
N PHE B 168 8.28 -45.87 -44.34
CA PHE B 168 8.17 -47.23 -43.83
C PHE B 168 6.85 -47.92 -44.14
N VAL B 169 6.91 -49.23 -44.32
CA VAL B 169 5.73 -50.06 -44.53
C VAL B 169 5.16 -50.40 -43.14
N LEU B 170 3.96 -49.93 -42.86
CA LEU B 170 3.37 -50.12 -41.54
C LEU B 170 2.11 -51.00 -41.56
N PRO B 171 1.74 -51.59 -40.39
CA PRO B 171 0.60 -52.50 -40.29
C PRO B 171 -0.75 -51.80 -40.22
N LEU B 172 -1.71 -52.25 -41.03
CA LEU B 172 -3.11 -51.81 -40.97
C LEU B 172 -3.99 -53.05 -41.01
N GLU B 173 -4.61 -53.36 -39.87
CA GLU B 173 -5.28 -54.65 -39.68
C GLU B 173 -6.58 -54.79 -40.46
N THR B 174 -7.06 -53.69 -41.03
CA THR B 174 -8.39 -53.63 -41.64
C THR B 174 -8.40 -53.72 -43.16
N ILE B 175 -7.21 -53.81 -43.77
CA ILE B 175 -7.11 -53.98 -45.21
C ILE B 175 -7.84 -55.25 -45.66
N LYS B 176 -8.33 -55.24 -46.90
CA LYS B 176 -8.99 -56.39 -47.51
C LYS B 176 -8.24 -56.80 -48.77
N MET B 177 -7.88 -58.08 -48.85
CA MET B 177 -7.19 -58.61 -50.04
C MET B 177 -8.12 -58.73 -51.25
N ASP B 178 -9.39 -58.35 -51.07
CA ASP B 178 -10.35 -58.22 -52.17
C ASP B 178 -10.06 -56.96 -52.96
N LYS B 179 -10.42 -55.81 -52.37
CA LYS B 179 -10.20 -54.49 -52.97
C LYS B 179 -8.72 -54.20 -53.25
N GLY B 180 -8.49 -53.34 -54.24
CA GLY B 180 -7.15 -52.89 -54.62
C GLY B 180 -6.09 -53.96 -54.67
N THR B 181 -4.86 -53.59 -54.29
CA THR B 181 -3.71 -54.47 -54.33
C THR B 181 -3.38 -55.05 -52.94
N GLY B 182 -4.18 -54.70 -51.94
CA GLY B 182 -3.87 -55.07 -50.57
C GLY B 182 -2.71 -54.28 -49.96
N ILE B 183 -2.21 -53.30 -50.70
CA ILE B 183 -1.20 -52.34 -50.21
C ILE B 183 -1.79 -50.94 -50.37
N VAL B 184 -1.78 -50.14 -49.31
CA VAL B 184 -2.48 -48.86 -49.33
C VAL B 184 -1.52 -47.71 -49.00
N THR B 185 -1.74 -46.56 -49.61
CA THR B 185 -0.93 -45.38 -49.30
C THR B 185 -1.38 -44.79 -47.98
N SER B 186 -0.47 -44.11 -47.29
CA SER B 186 -0.82 -43.39 -46.09
C SER B 186 -0.58 -41.89 -46.24
N VAL B 187 -1.66 -41.12 -46.11
CA VAL B 187 -1.57 -39.67 -46.16
C VAL B 187 -2.38 -39.07 -45.00
N PRO B 188 -1.78 -39.03 -43.79
CA PRO B 188 -2.54 -38.74 -42.57
C PRO B 188 -3.10 -37.34 -42.51
N SER B 189 -2.57 -36.41 -43.30
CA SER B 189 -3.05 -35.04 -43.25
C SER B 189 -4.44 -34.88 -43.88
N ASP B 190 -4.82 -35.80 -44.76
CA ASP B 190 -6.05 -35.65 -45.54
C ASP B 190 -6.91 -36.93 -45.64
N ALA B 191 -6.56 -37.93 -44.86
CA ALA B 191 -7.31 -39.17 -44.79
C ALA B 191 -7.37 -39.55 -43.32
N PRO B 192 -8.57 -39.43 -42.70
CA PRO B 192 -8.74 -39.62 -41.25
C PRO B 192 -8.36 -41.02 -40.76
N ASP B 193 -8.67 -42.03 -41.57
CA ASP B 193 -8.32 -43.41 -41.23
C ASP B 193 -6.80 -43.57 -41.14
N ASP B 194 -6.10 -42.89 -42.04
CA ASP B 194 -4.65 -42.86 -42.02
C ASP B 194 -4.12 -42.22 -40.75
N TYR B 195 -4.65 -41.05 -40.41
CA TYR B 195 -4.22 -40.38 -39.18
C TYR B 195 -4.51 -41.20 -37.94
N ALA B 196 -5.68 -41.82 -37.87
CA ALA B 196 -6.08 -42.59 -36.68
C ALA B 196 -5.12 -43.74 -36.42
N CYS B 197 -4.83 -44.54 -37.45
CA CYS B 197 -3.91 -45.67 -37.30
C CYS B 197 -2.50 -45.17 -37.07
N TYR B 198 -2.14 -44.06 -37.72
CA TYR B 198 -0.83 -43.44 -37.57
C TYR B 198 -0.61 -42.97 -36.13
N LYS B 199 -1.60 -42.25 -35.59
CA LYS B 199 -1.58 -41.76 -34.22
C LYS B 199 -1.54 -42.91 -33.21
N ASP B 200 -2.33 -43.94 -33.46
CA ASP B 200 -2.34 -45.15 -32.63
C ASP B 200 -0.95 -45.78 -32.52
N ILE B 201 -0.30 -45.95 -33.66
CA ILE B 201 1.05 -46.50 -33.70
C ILE B 201 2.04 -45.56 -33.01
N LEU B 202 1.89 -44.26 -33.25
CA LEU B 202 2.78 -43.25 -32.66
C LEU B 202 2.77 -43.21 -31.13
N GLU B 203 1.61 -43.47 -30.53
CA GLU B 203 1.45 -43.43 -29.07
C GLU B 203 1.36 -44.84 -28.50
N ASN B 204 1.53 -45.85 -29.35
CA ASN B 204 1.53 -47.25 -28.91
C ASN B 204 0.24 -47.66 -28.17
N ARG B 205 -0.90 -47.22 -28.71
CA ARG B 205 -2.20 -47.54 -28.16
C ARG B 205 -2.40 -49.05 -28.05
N ASN B 206 -2.75 -49.50 -26.84
CA ASN B 206 -2.97 -50.91 -26.54
C ASN B 206 -1.79 -51.79 -26.97
N GLY B 207 -0.59 -51.21 -26.86
CA GLY B 207 0.66 -51.86 -27.23
C GLY B 207 0.77 -52.26 -28.69
N ILE B 208 0.01 -51.61 -29.56
CA ILE B 208 -0.04 -52.00 -30.97
C ILE B 208 1.30 -51.82 -31.70
N ALA B 209 2.14 -50.89 -31.24
CA ALA B 209 3.47 -50.73 -31.81
C ALA B 209 4.39 -51.88 -31.40
N GLU B 210 4.39 -52.22 -30.11
CA GLU B 210 5.23 -53.32 -29.61
C GLU B 210 4.90 -54.62 -30.29
N LYS B 211 3.61 -54.93 -30.36
CA LYS B 211 3.10 -56.16 -30.96
C LYS B 211 3.66 -56.39 -32.36
N TYR B 212 3.95 -55.30 -33.07
CA TYR B 212 4.46 -55.38 -34.43
C TYR B 212 5.94 -55.04 -34.57
N GLY B 213 6.57 -54.71 -33.45
CA GLY B 213 8.01 -54.42 -33.43
C GLY B 213 8.38 -53.09 -34.03
N VAL B 214 7.41 -52.19 -34.11
CA VAL B 214 7.63 -50.86 -34.67
C VAL B 214 8.57 -50.05 -33.78
N ASP B 215 9.66 -49.57 -34.38
CA ASP B 215 10.54 -48.59 -33.77
C ASP B 215 9.97 -47.20 -34.10
N VAL B 216 9.19 -46.65 -33.17
CA VAL B 216 8.46 -45.39 -33.40
C VAL B 216 9.35 -44.19 -33.74
N GLY B 217 10.50 -44.06 -33.05
CA GLY B 217 11.42 -42.93 -33.24
C GLY B 217 12.12 -42.85 -34.59
N LEU B 218 12.34 -44.01 -35.19
CA LEU B 218 12.93 -44.12 -36.52
C LEU B 218 11.86 -44.15 -37.62
N MET B 219 10.73 -44.80 -37.34
CA MET B 219 9.74 -45.13 -38.37
C MET B 219 8.53 -44.21 -38.48
N LEU B 220 8.30 -43.33 -37.51
CA LEU B 220 7.14 -42.44 -37.54
C LEU B 220 7.39 -41.00 -37.13
N GLU B 221 8.11 -40.82 -36.03
CA GLU B 221 8.36 -39.47 -35.52
C GLU B 221 8.98 -38.51 -36.53
N PRO B 222 9.90 -38.99 -37.42
CA PRO B 222 10.40 -38.08 -38.45
C PRO B 222 9.44 -37.84 -39.64
N TYR B 223 8.35 -38.60 -39.71
CA TYR B 223 7.41 -38.52 -40.83
C TYR B 223 6.05 -37.95 -40.40
N SER B 224 6.04 -36.67 -40.07
CA SER B 224 4.80 -36.02 -39.66
C SER B 224 3.88 -35.76 -40.85
N PRO B 225 2.57 -35.74 -40.62
CA PRO B 225 1.60 -35.34 -41.64
C PRO B 225 2.01 -34.01 -42.28
N LEU B 226 1.78 -33.90 -43.59
CA LEU B 226 2.25 -32.75 -44.36
C LEU B 226 1.11 -31.81 -44.73
N PRO B 227 1.37 -30.48 -44.72
CA PRO B 227 0.36 -29.51 -45.14
C PRO B 227 0.20 -29.46 -46.66
N ILE B 228 -0.27 -30.55 -47.26
CA ILE B 228 -0.35 -30.65 -48.71
C ILE B 228 -1.53 -29.91 -49.35
N ILE B 229 -2.68 -29.94 -48.69
CA ILE B 229 -3.89 -29.33 -49.23
C ILE B 229 -4.51 -28.41 -48.21
N GLU B 230 -4.79 -27.18 -48.63
CA GLU B 230 -5.57 -26.26 -47.80
C GLU B 230 -7.04 -26.30 -48.19
N ILE B 231 -7.88 -26.66 -47.23
CA ILE B 231 -9.33 -26.53 -47.39
C ILE B 231 -9.81 -25.26 -46.65
N PRO B 232 -10.26 -24.25 -47.42
CA PRO B 232 -10.71 -23.00 -46.81
C PRO B 232 -11.78 -23.27 -45.77
N ASP B 233 -11.74 -22.51 -44.67
CA ASP B 233 -12.66 -22.72 -43.55
C ASP B 233 -12.23 -23.88 -42.61
N ILE B 234 -11.20 -24.62 -43.02
CA ILE B 234 -10.60 -25.63 -42.14
C ILE B 234 -9.11 -25.37 -41.96
N GLY B 235 -8.33 -25.55 -43.03
CA GLY B 235 -6.89 -25.36 -43.01
C GLY B 235 -6.14 -26.46 -43.76
N THR B 236 -4.91 -26.76 -43.32
CA THR B 236 -4.04 -27.69 -44.03
C THR B 236 -3.98 -29.12 -43.49
N LEU B 237 -4.01 -29.29 -42.19
CA LEU B 237 -4.00 -30.65 -41.69
C LEU B 237 -5.43 -31.04 -41.34
N SER B 238 -6.27 -31.12 -42.37
CA SER B 238 -7.73 -31.22 -42.20
C SER B 238 -8.19 -32.50 -41.54
N ALA B 239 -7.72 -33.64 -42.02
CA ALA B 239 -8.03 -34.89 -41.37
C ALA B 239 -7.60 -34.80 -39.91
N VAL B 240 -6.45 -34.17 -39.67
CA VAL B 240 -5.90 -34.01 -38.33
C VAL B 240 -6.72 -33.05 -37.47
N ARG B 241 -6.94 -31.84 -37.97
CA ARG B 241 -7.69 -30.80 -37.24
C ARG B 241 -9.06 -31.30 -36.77
N LEU B 242 -9.80 -31.93 -37.69
CA LEU B 242 -11.13 -32.43 -37.39
C LEU B 242 -11.10 -33.62 -36.44
N CYS B 243 -10.10 -34.48 -36.59
CA CYS B 243 -9.94 -35.61 -35.69
C CYS B 243 -9.68 -35.12 -34.28
N GLU B 244 -8.84 -34.10 -34.15
CA GLU B 244 -8.41 -33.63 -32.84
C GLU B 244 -9.46 -32.82 -32.08
N GLU B 245 -10.22 -31.99 -32.81
CA GLU B 245 -11.31 -31.21 -32.22
C GLU B 245 -12.57 -32.04 -31.98
N SER B 246 -12.69 -33.16 -32.67
CA SER B 246 -13.82 -34.08 -32.48
C SER B 246 -13.46 -35.19 -31.50
N ASN B 247 -12.31 -35.06 -30.84
CA ASN B 247 -11.76 -36.15 -30.03
C ASN B 247 -11.60 -37.39 -30.91
N VAL B 248 -12.23 -38.51 -30.54
CA VAL B 248 -12.07 -39.77 -31.28
C VAL B 248 -10.60 -40.21 -31.37
N ASP B 253 -15.63 -44.61 -32.70
CA ASP B 253 -14.66 -43.92 -33.53
C ASP B 253 -15.04 -43.92 -35.02
N ARG B 254 -15.49 -45.08 -35.51
CA ARG B 254 -15.83 -45.28 -36.93
C ARG B 254 -16.93 -44.37 -37.47
N ALA B 255 -17.95 -44.10 -36.66
CA ALA B 255 -19.08 -43.24 -37.07
C ALA B 255 -18.63 -41.82 -37.37
N LYS B 256 -17.85 -41.24 -36.46
CA LYS B 256 -17.31 -39.89 -36.65
C LYS B 256 -16.23 -39.91 -37.73
N LEU B 257 -15.49 -41.01 -37.80
CA LEU B 257 -14.38 -41.15 -38.75
C LEU B 257 -14.85 -41.13 -40.21
N THR B 258 -15.88 -41.90 -40.52
CA THR B 258 -16.46 -41.89 -41.88
C THR B 258 -17.11 -40.53 -42.18
N GLN B 259 -17.63 -39.89 -41.13
CA GLN B 259 -18.18 -38.55 -41.23
C GLN B 259 -17.09 -37.51 -41.53
N ILE B 260 -15.92 -37.67 -40.93
CA ILE B 260 -14.78 -36.80 -41.23
C ILE B 260 -14.18 -37.14 -42.62
N LYS B 261 -14.14 -38.43 -42.94
CA LYS B 261 -13.67 -38.89 -44.26
C LYS B 261 -14.51 -38.30 -45.37
N GLU B 262 -15.77 -37.99 -45.07
CA GLU B 262 -16.69 -37.46 -46.05
C GLU B 262 -16.46 -35.97 -46.28
N ILE B 263 -16.23 -35.24 -45.19
CA ILE B 263 -15.89 -33.82 -45.26
C ILE B 263 -14.57 -33.59 -46.00
N CYS B 264 -13.55 -34.34 -45.61
CA CYS B 264 -12.21 -34.23 -46.18
C CYS B 264 -12.18 -34.50 -47.67
N TYR B 265 -12.85 -35.57 -48.09
CA TYR B 265 -12.82 -36.00 -49.49
C TYR B 265 -13.67 -35.10 -50.38
N THR B 266 -14.83 -34.69 -49.89
CA THR B 266 -15.74 -33.86 -50.69
C THR B 266 -15.25 -32.41 -50.76
N LYS B 267 -15.04 -31.78 -49.61
CA LYS B 267 -14.51 -30.41 -49.58
C LYS B 267 -13.12 -30.34 -50.19
N GLY B 268 -12.31 -31.37 -49.96
CA GLY B 268 -10.97 -31.46 -50.53
C GLY B 268 -11.00 -31.34 -52.03
N PHE B 269 -11.82 -32.17 -52.67
CA PHE B 269 -11.97 -32.15 -54.12
C PHE B 269 -12.50 -30.80 -54.61
N TYR B 270 -13.70 -30.44 -54.17
CA TYR B 270 -14.37 -29.22 -54.64
C TYR B 270 -13.67 -27.90 -54.32
N THR B 271 -13.12 -27.77 -53.11
CA THR B 271 -12.57 -26.49 -52.67
C THR B 271 -11.07 -26.48 -52.40
N GLY B 272 -10.50 -27.66 -52.17
CA GLY B 272 -9.10 -27.80 -51.81
C GLY B 272 -8.11 -27.15 -52.76
N ILE B 273 -7.06 -26.58 -52.19
CA ILE B 273 -5.97 -25.96 -52.94
C ILE B 273 -4.63 -26.58 -52.54
N MET B 274 -3.83 -26.95 -53.54
CA MET B 274 -2.52 -27.54 -53.29
C MET B 274 -1.58 -26.55 -52.64
N LYS B 275 -0.86 -27.00 -51.62
CA LYS B 275 0.09 -26.15 -50.90
C LYS B 275 1.53 -26.61 -51.11
N MET B 276 1.69 -27.90 -51.31
CA MET B 276 2.99 -28.46 -51.61
C MET B 276 2.97 -29.16 -52.96
N GLY B 277 4.16 -29.52 -53.43
CA GLY B 277 4.32 -30.26 -54.66
C GLY B 277 4.41 -29.35 -55.87
N PRO B 278 4.64 -29.93 -57.06
CA PRO B 278 4.85 -29.22 -58.33
C PRO B 278 3.64 -28.41 -58.81
N PHE B 279 2.48 -28.63 -58.21
CA PHE B 279 1.26 -27.92 -58.59
C PHE B 279 0.76 -27.00 -57.48
N ALA B 280 1.67 -26.62 -56.58
CA ALA B 280 1.31 -25.74 -55.48
C ALA B 280 0.69 -24.46 -56.03
N GLY B 281 -0.49 -24.13 -55.53
CA GLY B 281 -1.23 -22.95 -55.96
C GLY B 281 -2.50 -23.34 -56.70
N GLN B 282 -2.46 -24.50 -57.36
CA GLN B 282 -3.58 -24.97 -58.16
C GLN B 282 -4.57 -25.71 -57.28
N SER B 283 -5.83 -25.71 -57.68
CA SER B 283 -6.89 -26.42 -56.96
C SER B 283 -6.79 -27.93 -57.17
N VAL B 284 -7.47 -28.71 -56.34
CA VAL B 284 -7.44 -30.17 -56.45
C VAL B 284 -8.17 -30.68 -57.71
N LYS B 285 -9.34 -30.10 -58.01
CA LYS B 285 -10.05 -30.43 -59.26
C LYS B 285 -9.15 -30.26 -60.48
N ASP B 286 -8.58 -29.06 -60.61
CA ASP B 286 -7.84 -28.69 -61.83
C ASP B 286 -6.51 -29.43 -61.99
N CYS B 287 -5.99 -29.99 -60.90
CA CYS B 287 -4.68 -30.66 -60.97
C CYS B 287 -4.74 -32.16 -60.68
N LYS B 288 -5.93 -32.69 -60.52
CA LYS B 288 -6.11 -34.13 -60.32
C LYS B 288 -5.57 -34.88 -61.54
N GLN B 289 -6.19 -34.66 -62.70
CA GLN B 289 -5.70 -35.24 -63.97
C GLN B 289 -4.23 -34.92 -64.21
N SER B 290 -3.83 -33.72 -63.83
CA SER B 290 -2.48 -33.19 -64.05
C SER B 290 -1.41 -33.87 -63.18
N CYS B 291 -1.83 -34.39 -62.03
CA CYS B 291 -0.90 -35.07 -61.12
C CYS B 291 -0.80 -36.54 -61.51
N ARG B 292 -1.89 -37.08 -62.06
CA ARG B 292 -1.90 -38.43 -62.64
C ARG B 292 -0.89 -38.53 -63.78
N ASP B 293 -0.93 -37.55 -64.69
CA ASP B 293 -0.05 -37.51 -65.87
C ASP B 293 1.43 -37.54 -65.52
N LEU B 294 1.81 -36.77 -64.50
CA LEU B 294 3.22 -36.69 -64.10
C LEU B 294 3.71 -38.03 -63.57
N LEU B 295 2.85 -38.73 -62.83
CA LEU B 295 3.16 -40.07 -62.33
C LEU B 295 3.40 -41.04 -63.47
N VAL B 296 2.64 -40.87 -64.55
CA VAL B 296 2.78 -41.72 -65.73
C VAL B 296 4.01 -41.34 -66.55
N GLN B 297 4.38 -40.06 -66.53
CA GLN B 297 5.56 -39.60 -67.24
C GLN B 297 6.81 -40.03 -66.53
N ASN B 298 6.78 -39.99 -65.21
CA ASN B 298 7.91 -40.39 -64.38
C ASN B 298 8.03 -41.91 -64.25
N ASN B 299 7.03 -42.62 -64.78
CA ASN B 299 6.94 -44.07 -64.66
C ASN B 299 6.90 -44.48 -63.18
N GLN B 300 6.02 -43.81 -62.45
CA GLN B 300 5.88 -44.00 -61.02
C GLN B 300 4.54 -44.65 -60.69
N CYS B 301 3.69 -44.84 -61.69
CA CYS B 301 2.45 -45.58 -61.49
C CYS B 301 2.09 -46.51 -62.64
N ILE B 302 1.09 -47.36 -62.43
CA ILE B 302 0.57 -48.28 -63.43
C ILE B 302 -0.96 -48.20 -63.41
N VAL B 303 -1.54 -47.85 -64.56
CA VAL B 303 -3.00 -47.65 -64.65
C VAL B 303 -3.75 -49.00 -64.68
N TYR B 304 -5.01 -48.96 -64.28
CA TYR B 304 -5.68 -50.10 -63.65
C TYR B 304 -7.17 -50.12 -63.96
N SER B 305 -7.77 -51.31 -63.96
CA SER B 305 -9.24 -51.44 -63.99
C SER B 305 -9.70 -52.62 -63.13
N GLU B 306 -10.78 -52.38 -62.36
CA GLU B 306 -11.31 -53.38 -61.41
C GLU B 306 -12.45 -54.25 -61.99
N GLU C 10 26.10 82.21 24.02
CA GLU C 10 27.48 81.70 24.27
C GLU C 10 28.06 82.15 25.61
N TYR C 11 28.15 81.20 26.54
CA TYR C 11 28.77 81.41 27.84
C TYR C 11 30.17 80.79 27.84
N ILE C 12 31.12 81.45 28.51
CA ILE C 12 32.45 80.91 28.67
C ILE C 12 32.66 80.49 30.12
N GLY C 13 33.06 79.24 30.33
CA GLY C 13 33.34 78.72 31.67
C GLY C 13 34.82 78.58 31.92
N ILE C 14 35.39 79.52 32.66
CA ILE C 14 36.83 79.52 32.94
C ILE C 14 37.23 78.41 33.90
N LYS C 15 38.27 77.67 33.53
CA LYS C 15 38.83 76.61 34.36
C LYS C 15 39.77 77.16 35.42
N LEU C 16 39.29 77.26 36.66
CA LEU C 16 40.11 77.70 37.80
C LEU C 16 40.67 76.48 38.52
N GLU C 17 41.95 76.19 38.32
CA GLU C 17 42.53 74.99 38.89
C GLU C 17 42.69 75.10 40.39
N LEU C 18 42.01 74.20 41.12
CA LEU C 18 42.23 74.05 42.55
C LEU C 18 43.65 73.54 42.75
N ILE C 19 44.46 74.35 43.42
CA ILE C 19 45.90 74.07 43.53
C ILE C 19 46.16 72.89 44.44
N ASN C 20 46.99 71.97 43.96
CA ASN C 20 47.39 70.82 44.75
C ASN C 20 48.78 71.03 45.35
N TYR C 21 48.82 71.13 46.67
CA TYR C 21 50.06 71.44 47.37
C TYR C 21 50.97 70.23 47.54
N THR C 22 50.38 69.03 47.54
CA THR C 22 51.16 67.79 47.59
C THR C 22 52.03 67.68 46.34
N THR C 23 51.47 68.04 45.20
CA THR C 23 52.17 68.01 43.91
C THR C 23 53.14 69.18 43.74
N LEU C 24 52.82 70.31 44.38
CA LEU C 24 53.65 71.51 44.27
C LEU C 24 54.87 71.43 45.20
N LEU C 25 55.79 70.53 44.88
CA LEU C 25 57.04 70.30 45.64
C LEU C 25 57.81 69.06 45.18
N ARG C 56 56.66 79.11 56.66
CA ARG C 56 57.50 79.12 55.45
C ARG C 56 56.62 78.92 54.22
N PHE C 57 56.91 77.88 53.44
CA PHE C 57 56.14 77.54 52.25
C PHE C 57 54.66 77.34 52.57
N TYR C 58 53.81 78.14 51.90
CA TYR C 58 52.39 78.19 52.19
C TYR C 58 51.63 76.98 51.62
N SER C 59 50.61 76.55 52.36
CA SER C 59 49.70 75.50 51.93
C SER C 59 48.31 75.81 52.44
N ASN C 60 47.32 75.54 51.61
CA ASN C 60 45.93 75.82 51.96
C ASN C 60 45.26 74.59 52.56
N PRO C 61 44.64 74.75 53.75
CA PRO C 61 43.91 73.68 54.40
C PRO C 61 42.65 73.28 53.63
N LYS C 62 41.87 74.27 53.18
CA LYS C 62 40.61 74.03 52.49
C LYS C 62 40.76 73.24 51.21
N ASN C 63 41.87 73.45 50.51
CA ASN C 63 42.20 72.67 49.30
C ASN C 63 42.40 71.20 49.62
N LYS C 64 43.17 70.92 50.68
CA LYS C 64 43.42 69.54 51.13
C LYS C 64 42.13 68.87 51.55
N ALA C 65 41.26 69.63 52.22
CA ALA C 65 39.93 69.15 52.60
C ALA C 65 39.11 68.71 51.39
N ILE C 66 39.15 69.48 50.31
CA ILE C 66 38.44 69.12 49.08
C ILE C 66 39.07 67.89 48.44
N PHE C 67 40.40 67.88 48.31
CA PHE C 67 41.12 66.72 47.78
C PHE C 67 40.88 65.45 48.59
N ASP C 68 40.61 65.61 49.90
CA ASP C 68 40.30 64.49 50.78
C ASP C 68 38.82 64.10 50.69
N GLN C 69 37.95 65.10 50.55
CA GLN C 69 36.52 64.89 50.32
C GLN C 69 36.29 64.31 48.92
N LEU C 70 37.33 64.31 48.09
CA LEU C 70 37.28 63.68 46.77
C LEU C 70 37.82 62.26 46.81
N TRP C 71 38.92 62.06 47.55
CA TRP C 71 39.54 60.73 47.67
C TRP C 71 38.69 59.72 48.45
N GLU C 72 37.81 60.22 49.31
CA GLU C 72 36.84 59.35 49.97
C GLU C 72 35.74 58.87 49.00
N ASN C 73 35.79 59.36 47.76
CA ASN C 73 34.96 58.88 46.66
C ASN C 73 35.81 58.31 45.51
N GLN C 74 36.99 57.80 45.86
CA GLN C 74 37.87 57.05 44.95
C GLN C 74 38.47 57.88 43.82
N VAL C 75 38.70 59.16 44.09
CA VAL C 75 39.35 60.06 43.12
C VAL C 75 40.84 60.15 43.43
N ASP C 76 41.67 59.86 42.43
CA ASP C 76 43.11 59.81 42.61
C ASP C 76 43.84 60.37 41.39
N ASN C 77 44.95 61.08 41.64
CA ASN C 77 45.77 61.68 40.59
C ASN C 77 44.98 62.58 39.61
N ALA C 78 44.04 63.35 40.14
CA ALA C 78 43.17 64.17 39.29
C ALA C 78 43.37 65.67 39.49
N LYS C 79 43.49 66.38 38.37
CA LYS C 79 43.46 67.85 38.37
C LYS C 79 42.02 68.31 38.58
N VAL C 80 41.82 69.26 39.47
CA VAL C 80 40.48 69.74 39.81
C VAL C 80 40.29 71.19 39.38
N TYR C 81 39.19 71.44 38.69
CA TYR C 81 38.91 72.77 38.17
C TYR C 81 37.56 73.30 38.64
N LEU C 82 37.56 74.45 39.29
CA LEU C 82 36.33 75.18 39.50
C LEU C 82 36.01 75.88 38.20
N LEU C 83 34.76 75.76 37.76
CA LEU C 83 34.34 76.32 36.47
C LEU C 83 33.51 77.58 36.64
N ALA C 84 34.05 78.70 36.21
CA ALA C 84 33.45 80.00 36.48
C ALA C 84 32.98 80.65 35.21
N ALA C 85 31.73 81.12 35.21
CA ALA C 85 31.14 81.75 34.02
C ALA C 85 31.42 83.24 33.90
N THR C 86 31.67 83.67 32.68
CA THR C 86 31.84 85.08 32.34
C THR C 86 31.32 85.33 30.94
N LEU C 87 30.89 86.55 30.68
CA LEU C 87 30.59 86.99 29.33
C LEU C 87 31.71 87.88 28.85
N ARG C 88 32.74 88.04 29.68
CA ARG C 88 33.81 88.99 29.41
C ARG C 88 35.21 88.36 29.53
N PRO C 89 35.57 87.46 28.60
CA PRO C 89 36.87 86.81 28.65
C PRO C 89 38.04 87.78 28.63
N GLU C 90 37.85 88.96 28.06
CA GLU C 90 38.94 89.95 27.97
C GLU C 90 39.32 90.59 29.31
N THR C 91 38.57 90.29 30.36
CA THR C 91 38.85 90.83 31.69
C THR C 91 39.55 89.82 32.58
N MET C 92 39.79 88.63 32.05
CA MET C 92 40.33 87.52 32.84
C MET C 92 41.70 87.80 33.42
N VAL C 93 42.47 88.63 32.73
CA VAL C 93 43.80 89.05 33.21
C VAL C 93 43.73 89.87 34.51
N GLY C 94 42.55 90.39 34.84
CA GLY C 94 42.39 91.16 36.07
C GLY C 94 41.62 90.45 37.17
N GLN C 95 41.66 89.13 37.17
CA GLN C 95 41.03 88.32 38.21
C GLN C 95 41.77 88.49 39.54
N THR C 96 41.02 88.80 40.59
CA THR C 96 41.58 88.95 41.94
C THR C 96 41.18 87.83 42.90
N ASN C 97 39.98 87.28 42.68
CA ASN C 97 39.41 86.16 43.44
C ASN C 97 38.32 85.53 42.56
N CYS C 98 37.56 84.57 43.12
CA CYS C 98 36.32 84.11 42.49
C CYS C 98 35.20 83.92 43.52
N TRP C 99 33.97 83.95 43.05
CA TRP C 99 32.80 83.90 43.93
C TRP C 99 32.12 82.53 43.92
N VAL C 100 31.72 82.06 45.10
CA VAL C 100 30.78 80.94 45.25
C VAL C 100 29.64 81.29 46.22
N LEU C 101 28.52 80.58 46.13
CA LEU C 101 27.43 80.75 47.08
C LEU C 101 27.64 79.82 48.28
N PRO C 102 27.75 80.40 49.49
CA PRO C 102 27.98 79.64 50.73
C PRO C 102 26.95 78.51 50.99
N THR C 103 25.68 78.73 50.66
CA THR C 103 24.64 77.71 50.88
C THR C 103 24.41 76.79 49.67
N GLY C 104 24.98 77.14 48.53
CA GLY C 104 24.79 76.38 47.30
C GLY C 104 25.34 74.96 47.32
N ARG C 105 24.70 74.08 46.55
CA ARG C 105 25.18 72.71 46.43
C ARG C 105 25.83 72.48 45.06
N TYR C 106 27.11 72.13 45.08
CA TYR C 106 27.87 71.89 43.85
C TYR C 106 28.17 70.41 43.74
N GLY C 107 28.66 70.00 42.58
CA GLY C 107 29.05 68.63 42.36
C GLY C 107 30.41 68.54 41.70
N ALA C 108 31.07 67.40 41.91
CA ALA C 108 32.32 67.10 41.24
C ALA C 108 32.04 66.05 40.17
N TYR C 109 32.57 66.28 38.97
CA TYR C 109 32.34 65.40 37.84
C TYR C 109 33.65 65.18 37.11
N TYR C 110 33.91 63.94 36.68
CA TYR C 110 34.99 63.70 35.71
C TYR C 110 34.56 64.30 34.39
N ILE C 111 35.48 64.96 33.70
CA ILE C 111 35.23 65.43 32.33
C ILE C 111 35.96 64.49 31.35
N ASN C 112 36.94 63.78 31.88
CA ASN C 112 37.67 62.71 31.21
C ASN C 112 38.40 61.91 32.28
N LYS C 113 39.42 61.13 31.89
CA LYS C 113 40.22 60.42 32.88
C LYS C 113 41.21 61.37 33.54
N ASP C 114 41.16 61.46 34.87
CA ASP C 114 42.06 62.32 35.67
C ASP C 114 41.82 63.85 35.59
N GLU C 115 40.60 64.26 35.23
CA GLU C 115 40.23 65.68 35.26
C GLU C 115 38.85 65.87 35.85
N VAL C 116 38.75 66.64 36.92
CA VAL C 116 37.49 66.86 37.61
C VAL C 116 37.08 68.34 37.58
N ILE C 117 35.82 68.58 37.23
CA ILE C 117 35.25 69.91 37.32
C ILE C 117 34.23 69.96 38.46
N ILE C 118 34.18 71.12 39.10
CA ILE C 118 33.16 71.37 40.10
C ILE C 118 32.24 72.47 39.57
N VAL C 119 30.94 72.14 39.48
CA VAL C 119 29.92 73.04 38.96
C VAL C 119 28.56 72.74 39.60
N SER C 120 27.61 73.66 39.39
CA SER C 120 26.23 73.47 39.81
C SER C 120 25.55 72.38 39.00
N GLU C 121 24.49 71.81 39.56
CA GLU C 121 23.65 70.83 38.89
C GLU C 121 23.17 71.37 37.54
N HIS C 122 22.65 72.60 37.55
CA HIS C 122 22.11 73.26 36.37
C HIS C 122 23.11 73.37 35.22
N ALA C 123 24.36 73.69 35.54
CA ALA C 123 25.40 73.80 34.53
C ALA C 123 25.78 72.45 33.93
N ALA C 124 25.98 71.45 34.80
CA ALA C 124 26.37 70.11 34.37
C ALA C 124 25.31 69.40 33.53
N VAL C 125 24.05 69.52 33.91
CA VAL C 125 22.95 68.97 33.12
C VAL C 125 22.92 69.62 31.73
N ASN C 126 23.03 70.94 31.70
CA ASN C 126 23.06 71.68 30.45
C ASN C 126 24.29 71.37 29.59
N MET C 127 25.41 71.06 30.22
CA MET C 127 26.64 70.70 29.51
C MET C 127 26.53 69.31 28.89
N ALA C 128 25.83 68.42 29.58
CA ALA C 128 25.60 67.06 29.11
C ALA C 128 24.78 67.00 27.83
N HIS C 129 24.05 68.08 27.51
CA HIS C 129 23.12 68.08 26.38
C HIS C 129 23.57 68.95 25.22
N GLN C 130 24.88 69.02 25.03
CA GLN C 130 25.48 69.70 23.88
C GLN C 130 26.63 68.85 23.34
N GLY C 131 27.63 68.59 24.19
CA GLY C 131 28.82 67.81 23.81
C GLY C 131 30.12 68.55 24.07
N GLU C 140 32.00 63.35 28.12
CA GLU C 140 30.81 63.24 28.98
C GLU C 140 31.15 63.44 30.46
N LEU C 141 30.12 63.73 31.26
CA LEU C 141 30.28 64.03 32.68
C LEU C 141 29.86 62.88 33.58
N ASP C 142 30.76 62.44 34.45
CA ASP C 142 30.49 61.38 35.40
C ASP C 142 30.58 61.89 36.84
N PHE C 143 29.41 62.06 37.47
CA PHE C 143 29.31 62.53 38.85
C PHE C 143 30.15 61.70 39.81
N ILE C 144 30.73 62.36 40.82
CA ILE C 144 31.51 61.70 41.84
C ILE C 144 30.91 61.94 43.22
N SER C 145 30.78 63.21 43.58
CA SER C 145 30.38 63.58 44.94
C SER C 145 29.78 64.97 44.96
N GLU C 146 29.05 65.26 46.03
CA GLU C 146 28.49 66.58 46.26
C GLU C 146 29.51 67.39 47.07
N ILE C 147 29.61 68.68 46.76
CA ILE C 147 30.50 69.61 47.46
C ILE C 147 29.68 70.80 47.90
N SER C 148 29.88 71.23 49.14
CA SER C 148 29.16 72.40 49.67
C SER C 148 29.86 73.71 49.33
N GLY C 149 29.09 74.79 49.29
CA GLY C 149 29.65 76.13 49.10
C GLY C 149 30.67 76.43 50.17
N SER C 150 30.30 76.15 51.42
CA SER C 150 31.17 76.35 52.60
C SER C 150 32.51 75.67 52.45
N ASP C 151 32.52 74.48 51.82
CA ASP C 151 33.76 73.73 51.69
C ASP C 151 34.69 74.24 50.61
N LEU C 152 34.13 74.98 49.64
CA LEU C 152 34.92 75.61 48.58
C LEU C 152 35.49 76.95 49.01
N LEU C 153 34.96 77.50 50.09
CA LEU C 153 35.29 78.84 50.57
C LEU C 153 36.73 78.96 51.07
N LEU C 154 37.40 80.03 50.65
CA LEU C 154 38.79 80.32 51.06
C LEU C 154 39.83 79.37 50.45
N ALA C 155 39.40 78.56 49.49
CA ALA C 155 40.32 77.72 48.74
C ALA C 155 41.11 78.60 47.76
N THR C 156 42.22 78.07 47.26
CA THR C 156 43.04 78.78 46.29
C THR C 156 43.03 78.13 44.90
N VAL C 157 42.75 78.95 43.89
CA VAL C 157 42.79 78.49 42.51
C VAL C 157 43.90 79.21 41.70
N ARG C 158 44.42 78.51 40.70
CA ARG C 158 45.34 79.10 39.72
C ARG C 158 44.48 79.60 38.57
N ALA C 159 44.43 80.92 38.38
CA ALA C 159 43.52 81.54 37.41
C ALA C 159 44.19 81.86 36.08
N PRO C 160 43.68 81.29 34.97
CA PRO C 160 44.30 81.51 33.66
C PRO C 160 44.33 82.97 33.25
N LEU C 161 45.49 83.39 32.73
CA LEU C 161 45.76 84.73 32.21
C LEU C 161 46.09 85.80 33.24
N SER C 162 45.83 85.53 34.51
CA SER C 162 46.11 86.47 35.59
C SER C 162 47.55 86.34 36.08
N PRO C 163 48.22 87.48 36.36
CA PRO C 163 49.60 87.47 36.84
C PRO C 163 49.75 86.98 38.28
N TYR C 164 48.63 86.91 38.99
CA TYR C 164 48.60 86.34 40.34
C TYR C 164 48.78 84.83 40.27
N GLU C 165 49.66 84.32 41.12
CA GLU C 165 49.96 82.89 41.16
C GLU C 165 48.78 82.08 41.73
N GLN C 166 48.02 82.70 42.63
CA GLN C 166 46.83 82.11 43.17
C GLN C 166 45.84 83.19 43.60
N ILE C 167 44.56 82.85 43.54
CA ILE C 167 43.51 83.73 44.05
C ILE C 167 42.58 82.90 44.94
N PHE C 168 41.86 83.56 45.82
CA PHE C 168 41.04 82.86 46.81
C PHE C 168 39.57 82.83 46.44
N VAL C 169 38.89 81.75 46.82
CA VAL C 169 37.46 81.65 46.63
C VAL C 169 36.77 82.39 47.78
N LEU C 170 35.84 83.28 47.43
CA LEU C 170 35.16 84.14 48.39
C LEU C 170 33.65 84.02 48.27
N PRO C 171 32.90 84.44 49.33
CA PRO C 171 31.44 84.32 49.34
C PRO C 171 30.73 85.43 48.58
N LEU C 172 29.64 85.08 47.90
CA LEU C 172 28.76 86.04 47.24
C LEU C 172 27.31 85.55 47.27
N GLU C 173 26.51 86.20 48.11
CA GLU C 173 25.22 85.67 48.51
C GLU C 173 24.12 85.79 47.47
N THR C 174 24.28 86.70 46.52
CA THR C 174 23.27 86.91 45.47
C THR C 174 23.33 85.88 44.34
N ILE C 175 24.37 85.05 44.32
CA ILE C 175 24.55 84.04 43.26
C ILE C 175 23.37 83.10 43.21
N LYS C 176 22.72 83.06 42.04
CA LYS C 176 21.60 82.14 41.81
C LYS C 176 22.13 80.80 41.32
N MET C 177 21.66 79.72 41.94
CA MET C 177 22.09 78.37 41.58
C MET C 177 21.43 77.85 40.32
N ASP C 178 20.36 78.51 39.89
CA ASP C 178 19.73 78.18 38.62
C ASP C 178 20.35 78.99 37.48
N LYS C 179 21.45 79.68 37.78
CA LYS C 179 22.15 80.52 36.81
C LYS C 179 23.65 80.22 36.65
N GLY C 180 24.04 79.90 35.41
CA GLY C 180 25.45 79.71 35.05
C GLY C 180 26.04 78.45 35.64
N THR C 181 27.18 78.58 36.31
CA THR C 181 27.84 77.45 36.96
C THR C 181 27.74 77.53 38.47
N GLY C 182 27.20 78.63 38.97
CA GLY C 182 27.18 78.91 40.39
C GLY C 182 28.49 79.51 40.89
N ILE C 183 29.51 79.48 40.05
CA ILE C 183 30.81 80.07 40.36
C ILE C 183 31.00 81.27 39.44
N VAL C 184 31.41 82.40 40.02
CA VAL C 184 31.55 83.64 39.25
C VAL C 184 32.97 84.19 39.36
N THR C 185 33.49 84.71 38.25
CA THR C 185 34.77 85.39 38.27
C THR C 185 34.64 86.74 38.97
N SER C 186 35.76 87.23 39.49
CA SER C 186 35.81 88.52 40.13
C SER C 186 36.87 89.36 39.41
N VAL C 187 36.43 90.49 38.84
CA VAL C 187 37.33 91.46 38.20
C VAL C 187 36.94 92.87 38.67
N PRO C 188 37.35 93.24 39.90
CA PRO C 188 36.88 94.46 40.56
C PRO C 188 37.22 95.75 39.84
N SER C 189 38.37 95.79 39.16
CA SER C 189 38.81 96.97 38.42
C SER C 189 37.81 97.40 37.37
N ASP C 190 37.02 96.45 36.87
CA ASP C 190 36.18 96.70 35.70
C ASP C 190 34.73 96.25 35.81
N ALA C 191 34.40 95.61 36.93
CA ALA C 191 33.03 95.19 37.24
C ALA C 191 32.60 95.77 38.61
N PRO C 192 31.73 96.80 38.59
CA PRO C 192 31.31 97.49 39.81
C PRO C 192 30.70 96.56 40.87
N ASP C 193 29.87 95.60 40.43
CA ASP C 193 29.34 94.57 41.33
C ASP C 193 30.50 93.94 42.08
N ASP C 194 31.43 93.36 41.31
CA ASP C 194 32.60 92.70 41.87
C ASP C 194 33.32 93.57 42.91
N TYR C 195 33.56 94.83 42.56
CA TYR C 195 34.28 95.75 43.46
C TYR C 195 33.55 96.00 44.78
N ALA C 196 32.26 96.31 44.71
CA ALA C 196 31.45 96.61 45.89
C ALA C 196 31.61 95.53 46.96
N CYS C 197 31.33 94.29 46.58
CA CYS C 197 31.47 93.15 47.46
C CYS C 197 32.91 92.93 47.89
N TYR C 198 33.84 93.13 46.96
CA TYR C 198 35.27 93.06 47.25
C TYR C 198 35.65 94.10 48.31
N LYS C 199 35.09 95.30 48.19
CA LYS C 199 35.32 96.34 49.18
C LYS C 199 34.80 95.89 50.53
N ASP C 200 33.55 95.41 50.55
CA ASP C 200 32.87 94.94 51.77
C ASP C 200 33.68 93.91 52.55
N ILE C 201 34.20 92.91 51.84
CA ILE C 201 35.07 91.91 52.47
C ILE C 201 36.33 92.56 53.04
N LEU C 202 36.93 93.46 52.26
CA LEU C 202 38.16 94.14 52.67
C LEU C 202 37.94 94.98 53.92
N GLU C 203 36.85 95.75 53.93
CA GLU C 203 36.57 96.70 55.00
C GLU C 203 35.61 96.15 56.05
N ASN C 204 35.41 94.82 56.03
CA ASN C 204 34.65 94.09 57.05
C ASN C 204 33.25 94.65 57.34
N ARG C 205 32.67 95.32 56.34
CA ARG C 205 31.33 95.89 56.44
C ARG C 205 30.34 94.83 56.92
N ASN C 206 29.78 95.05 58.11
CA ASN C 206 28.83 94.13 58.75
C ASN C 206 29.44 92.76 59.07
N GLY C 207 30.69 92.75 59.50
CA GLY C 207 31.37 91.51 59.96
C GLY C 207 31.41 90.38 58.95
N ILE C 208 31.16 90.72 57.68
CA ILE C 208 31.11 89.75 56.58
C ILE C 208 32.38 88.89 56.46
N ALA C 209 33.52 89.48 56.82
CA ALA C 209 34.79 88.78 56.76
C ALA C 209 34.90 87.75 57.87
N GLU C 210 34.64 88.18 59.10
CA GLU C 210 34.64 87.30 60.27
C GLU C 210 33.55 86.22 60.15
N LYS C 211 32.39 86.63 59.65
CA LYS C 211 31.27 85.73 59.38
C LYS C 211 31.70 84.50 58.57
N TYR C 212 32.68 84.66 57.69
CA TYR C 212 33.16 83.54 56.87
C TYR C 212 34.61 83.13 57.12
N GLY C 213 35.27 83.80 58.06
CA GLY C 213 36.65 83.46 58.41
C GLY C 213 37.67 83.96 57.39
N VAL C 214 37.28 85.04 56.70
CA VAL C 214 38.12 85.67 55.69
C VAL C 214 39.26 86.45 56.36
N ASP C 215 40.48 86.00 56.11
CA ASP C 215 41.67 86.75 56.54
C ASP C 215 42.01 87.79 55.46
N VAL C 216 41.41 88.97 55.61
CA VAL C 216 41.59 90.11 54.70
C VAL C 216 43.06 90.33 54.29
N GLY C 217 43.97 90.26 55.25
CA GLY C 217 45.39 90.46 55.02
C GLY C 217 46.11 89.41 54.19
N LEU C 218 45.59 88.19 54.20
CA LEU C 218 46.19 87.07 53.47
C LEU C 218 45.49 86.79 52.14
N MET C 219 44.19 87.11 52.08
CA MET C 219 43.33 86.67 50.98
C MET C 219 42.90 87.78 50.02
N LEU C 220 42.93 89.02 50.48
CA LEU C 220 42.44 90.14 49.69
C LEU C 220 43.55 91.13 49.37
N GLU C 221 44.24 91.61 50.40
CA GLU C 221 45.22 92.68 50.26
C GLU C 221 46.32 92.39 49.22
N PRO C 222 46.86 91.16 49.18
CA PRO C 222 47.86 90.88 48.14
C PRO C 222 47.31 90.86 46.70
N TYR C 223 45.98 90.90 46.58
CA TYR C 223 45.29 90.75 45.29
C TYR C 223 44.38 91.94 44.99
N SER C 224 44.98 93.12 44.84
CA SER C 224 44.19 94.31 44.53
C SER C 224 43.78 94.33 43.06
N PRO C 225 42.74 95.13 42.71
CA PRO C 225 42.33 95.29 41.32
C PRO C 225 43.48 95.69 40.42
N LEU C 226 43.47 95.21 39.18
CA LEU C 226 44.56 95.43 38.24
C LEU C 226 44.18 96.42 37.14
N PRO C 227 45.15 97.23 36.69
CA PRO C 227 44.94 98.15 35.57
C PRO C 227 44.99 97.43 34.23
N ILE C 228 43.94 96.67 33.93
CA ILE C 228 43.89 95.87 32.71
C ILE C 228 43.28 96.63 31.52
N ILE C 229 42.33 97.50 31.82
CA ILE C 229 41.62 98.26 30.79
C ILE C 229 41.66 99.74 31.09
N GLU C 230 42.06 100.53 30.10
CA GLU C 230 41.98 101.96 30.18
C GLU C 230 40.78 102.43 29.37
N ILE C 231 39.91 103.22 30.01
CA ILE C 231 38.83 103.90 29.31
C ILE C 231 39.24 105.36 29.19
N PRO C 232 39.32 105.88 27.95
CA PRO C 232 39.92 107.18 27.65
C PRO C 232 39.43 108.34 28.51
N ASP C 233 38.13 108.44 28.80
CA ASP C 233 37.63 109.59 29.58
C ASP C 233 37.58 109.40 31.10
N ILE C 234 38.01 108.23 31.58
CA ILE C 234 37.98 107.89 33.02
C ILE C 234 39.36 107.48 33.56
N GLY C 235 39.96 106.45 32.97
CA GLY C 235 41.26 105.94 33.46
C GLY C 235 41.31 104.43 33.55
N THR C 236 42.22 103.89 34.38
CA THR C 236 42.44 102.44 34.46
C THR C 236 41.56 101.64 35.41
N LEU C 237 41.34 102.08 36.64
CA LEU C 237 40.47 101.28 37.51
C LEU C 237 39.06 101.87 37.48
N SER C 238 38.51 101.94 36.28
CA SER C 238 37.28 102.70 36.02
C SER C 238 36.11 102.34 36.94
N ALA C 239 35.87 101.04 37.16
CA ALA C 239 34.86 100.61 38.11
C ALA C 239 35.17 101.12 39.52
N VAL C 240 36.43 101.00 39.93
CA VAL C 240 36.89 101.52 41.22
C VAL C 240 36.77 103.05 41.29
N ARG C 241 37.20 103.74 40.23
CA ARG C 241 37.10 105.21 40.17
C ARG C 241 35.66 105.72 40.26
N LEU C 242 34.77 105.09 39.52
CA LEU C 242 33.36 105.49 39.52
C LEU C 242 32.65 105.15 40.83
N CYS C 243 32.99 104.01 41.42
CA CYS C 243 32.43 103.60 42.70
C CYS C 243 32.81 104.54 43.84
N GLU C 244 34.10 104.84 43.95
CA GLU C 244 34.63 105.71 45.00
C GLU C 244 34.25 107.18 44.85
N GLU C 245 34.15 107.65 43.60
CA GLU C 245 33.78 109.04 43.31
C GLU C 245 32.28 109.27 43.50
N SER C 246 31.47 108.57 42.70
CA SER C 246 30.00 108.69 42.75
C SER C 246 29.40 108.50 44.13
N ASN C 247 30.15 107.83 45.02
CA ASN C 247 29.75 107.58 46.42
C ASN C 247 28.47 106.74 46.53
N VAL C 248 27.98 106.55 47.75
CA VAL C 248 26.78 105.74 48.05
C VAL C 248 26.83 104.30 47.50
N ASP C 253 24.32 99.08 48.34
CA ASP C 253 24.23 98.89 46.90
C ASP C 253 22.79 99.06 46.41
N ARG C 254 22.57 100.01 45.51
CA ARG C 254 21.22 100.33 45.03
C ARG C 254 21.14 100.34 43.51
N ALA C 255 19.99 100.77 42.98
CA ALA C 255 19.73 100.84 41.54
C ALA C 255 20.72 101.73 40.78
N LYS C 256 21.51 102.52 41.50
CA LYS C 256 22.59 103.31 40.91
C LYS C 256 23.78 102.43 40.49
N LEU C 257 23.88 101.25 41.11
CA LEU C 257 24.94 100.30 40.83
C LEU C 257 24.72 99.57 39.50
N THR C 258 23.56 99.79 38.88
CA THR C 258 23.28 99.27 37.54
C THR C 258 23.57 100.34 36.47
N GLN C 259 23.41 101.61 36.85
CA GLN C 259 23.72 102.73 35.97
C GLN C 259 25.22 102.80 35.72
N ILE C 260 26.00 102.66 36.80
CA ILE C 260 27.46 102.66 36.74
C ILE C 260 27.97 101.44 35.97
N LYS C 261 27.25 100.33 36.09
CA LYS C 261 27.56 99.10 35.37
C LYS C 261 27.40 99.30 33.88
N GLU C 262 26.37 100.07 33.50
CA GLU C 262 26.12 100.39 32.10
C GLU C 262 27.25 101.24 31.54
N ILE C 263 27.75 102.17 32.36
CA ILE C 263 28.86 103.03 31.97
C ILE C 263 30.11 102.18 31.71
N CYS C 264 30.41 101.29 32.64
CA CYS C 264 31.58 100.41 32.53
C CYS C 264 31.48 99.42 31.37
N TYR C 265 30.35 98.73 31.27
CA TYR C 265 30.17 97.68 30.27
C TYR C 265 30.05 98.24 28.86
N THR C 266 29.56 99.47 28.75
CA THR C 266 29.37 100.11 27.44
C THR C 266 30.64 100.85 27.01
N LYS C 267 31.06 101.86 27.77
CA LYS C 267 32.28 102.61 27.44
C LYS C 267 33.49 101.69 27.37
N GLY C 268 33.60 100.81 28.37
CA GLY C 268 34.64 99.79 28.38
C GLY C 268 34.73 99.03 27.07
N PHE C 269 33.58 98.57 26.57
CA PHE C 269 33.55 97.82 25.32
C PHE C 269 33.94 98.69 24.12
N TYR C 270 33.15 99.72 23.85
CA TYR C 270 33.30 100.53 22.65
C TYR C 270 34.53 101.45 22.64
N THR C 271 35.04 101.83 23.80
CA THR C 271 36.21 102.73 23.87
C THR C 271 37.42 102.22 24.67
N GLY C 272 37.25 101.13 25.40
CA GLY C 272 38.32 100.60 26.26
C GLY C 272 39.53 100.02 25.53
N ILE C 273 40.68 100.15 26.15
CA ILE C 273 41.93 99.71 25.54
C ILE C 273 42.69 98.84 26.53
N MET C 274 43.12 97.67 26.07
CA MET C 274 43.89 96.73 26.90
C MET C 274 45.22 97.34 27.31
N LYS C 275 45.56 97.19 28.59
CA LYS C 275 46.83 97.67 29.12
C LYS C 275 47.73 96.50 29.51
N MET C 276 47.11 95.35 29.73
CA MET C 276 47.79 94.16 30.23
C MET C 276 47.41 92.95 29.39
N GLY C 277 48.20 91.89 29.49
CA GLY C 277 47.96 90.63 28.78
C GLY C 277 48.50 90.60 27.38
N PRO C 278 48.25 89.50 26.64
CA PRO C 278 48.73 89.32 25.27
C PRO C 278 48.20 90.36 24.29
N PHE C 279 47.09 91.01 24.62
CA PHE C 279 46.45 91.92 23.68
C PHE C 279 46.58 93.38 24.11
N ALA C 280 47.52 93.64 25.03
CA ALA C 280 47.91 95.00 25.37
C ALA C 280 48.05 95.84 24.11
N GLY C 281 47.40 96.99 24.13
CA GLY C 281 47.48 97.96 23.03
C GLY C 281 46.25 97.95 22.15
N GLN C 282 45.52 96.86 22.16
CA GLN C 282 44.34 96.72 21.31
C GLN C 282 43.12 97.16 22.08
N SER C 283 42.07 97.52 21.33
CA SER C 283 40.79 97.86 21.91
C SER C 283 40.08 96.61 22.43
N VAL C 284 39.25 96.80 23.44
CA VAL C 284 38.42 95.72 23.96
C VAL C 284 37.53 95.16 22.84
N LYS C 285 36.98 96.03 22.01
CA LYS C 285 36.11 95.62 20.90
C LYS C 285 36.82 94.71 19.88
N ASP C 286 38.10 95.01 19.61
CA ASP C 286 38.87 94.26 18.63
C ASP C 286 39.43 92.93 19.15
N CYS C 287 39.26 92.67 20.44
CA CYS C 287 39.90 91.51 21.06
C CYS C 287 39.06 90.84 22.14
N LYS C 288 37.74 90.97 22.04
CA LYS C 288 36.85 90.15 22.86
C LYS C 288 36.83 88.74 22.27
N GLN C 289 36.73 88.67 20.94
CA GLN C 289 36.70 87.44 20.19
C GLN C 289 38.03 86.67 20.30
N SER C 290 39.13 87.36 20.06
CA SER C 290 40.46 86.72 20.06
C SER C 290 40.82 86.19 21.45
N CYS C 291 40.42 86.91 22.48
CA CYS C 291 40.63 86.47 23.85
C CYS C 291 39.81 85.22 24.18
N ARG C 292 38.62 85.12 23.58
CA ARG C 292 37.83 83.91 23.69
C ARG C 292 38.56 82.75 23.00
N ASP C 293 38.98 82.98 21.75
CA ASP C 293 39.72 82.02 20.94
C ASP C 293 40.99 81.51 21.64
N LEU C 294 41.69 82.41 22.33
CA LEU C 294 42.91 82.07 23.05
C LEU C 294 42.69 81.14 24.26
N LEU C 295 41.62 81.40 25.02
CA LEU C 295 41.29 80.53 26.16
C LEU C 295 40.82 79.14 25.72
N VAL C 296 40.02 79.08 24.65
CA VAL C 296 39.57 77.82 24.07
C VAL C 296 40.73 76.99 23.53
N GLN C 297 41.55 77.61 22.67
CA GLN C 297 42.61 76.89 21.95
C GLN C 297 43.73 76.40 22.87
N ASN C 298 43.77 76.95 24.08
CA ASN C 298 44.73 76.52 25.08
C ASN C 298 44.06 75.74 26.20
N ASN C 299 42.87 75.23 25.88
CA ASN C 299 42.02 74.48 26.81
C ASN C 299 41.99 75.04 28.23
N GLN C 300 41.76 76.34 28.34
CA GLN C 300 41.67 77.01 29.63
C GLN C 300 40.24 77.34 30.02
N CYS C 301 39.30 77.06 29.11
CA CYS C 301 37.89 77.29 29.39
C CYS C 301 37.00 76.26 28.70
N ILE C 302 35.75 76.17 29.13
CA ILE C 302 34.75 75.33 28.47
C ILE C 302 33.63 76.23 27.99
N VAL C 303 33.41 76.23 26.68
CA VAL C 303 32.35 77.01 26.05
C VAL C 303 31.04 76.22 26.02
N TYR C 304 29.93 76.90 26.35
CA TYR C 304 28.60 76.28 26.36
C TYR C 304 27.48 77.31 26.27
N SER C 305 26.36 76.91 25.69
CA SER C 305 25.16 77.75 25.61
C SER C 305 24.11 77.33 26.66
N GLU C 306 23.20 78.24 26.99
CA GLU C 306 22.15 77.95 27.99
C GLU C 306 20.73 77.98 27.41
N PRO C 307 20.10 76.81 27.34
CA PRO C 307 18.69 76.65 26.91
C PRO C 307 18.25 77.60 25.79
N GLU D 10 -23.24 -23.95 -19.87
CA GLU D 10 -21.85 -24.40 -19.63
C GLU D 10 -21.25 -23.86 -18.32
N TYR D 11 -21.17 -24.74 -17.33
CA TYR D 11 -20.49 -24.45 -16.07
C TYR D 11 -19.05 -24.99 -16.09
N ILE D 12 -18.17 -24.33 -15.33
CA ILE D 12 -16.78 -24.78 -15.21
C ILE D 12 -16.47 -25.19 -13.77
N GLY D 13 -16.23 -26.48 -13.57
CA GLY D 13 -15.85 -27.00 -12.26
C GLY D 13 -14.35 -26.92 -12.04
N ILE D 14 -13.91 -25.95 -11.26
CA ILE D 14 -12.50 -25.77 -10.97
C ILE D 14 -12.04 -26.82 -9.97
N LYS D 15 -10.94 -27.50 -10.28
CA LYS D 15 -10.36 -28.51 -9.41
C LYS D 15 -9.45 -27.89 -8.36
N LEU D 16 -9.94 -27.87 -7.13
CA LEU D 16 -9.18 -27.35 -6.00
C LEU D 16 -8.61 -28.53 -5.23
N GLU D 17 -7.33 -28.82 -5.45
CA GLU D 17 -6.72 -30.00 -4.87
C GLU D 17 -6.57 -29.89 -3.37
N LEU D 18 -7.11 -30.88 -2.66
CA LEU D 18 -6.86 -31.00 -1.23
C LEU D 18 -5.42 -31.47 -1.01
N ILE D 19 -4.64 -30.59 -0.38
CA ILE D 19 -3.21 -30.81 -0.21
C ILE D 19 -2.95 -32.00 0.69
N ASN D 20 -2.21 -32.98 0.17
CA ASN D 20 -1.72 -34.06 1.00
C ASN D 20 -0.42 -33.64 1.67
N TYR D 21 -0.44 -33.55 2.99
CA TYR D 21 0.73 -33.13 3.74
C TYR D 21 1.70 -34.28 4.05
N THR D 22 1.21 -35.51 4.01
CA THR D 22 2.07 -36.69 4.14
C THR D 22 3.04 -36.74 2.97
N THR D 23 2.55 -36.42 1.77
CA THR D 23 3.33 -36.52 0.54
C THR D 23 4.36 -35.40 0.41
N LEU D 24 3.90 -34.16 0.61
CA LEU D 24 4.76 -32.97 0.45
C LEU D 24 6.12 -33.02 1.17
N LEU D 25 6.20 -33.83 2.21
CA LEU D 25 7.43 -33.95 3.01
C LEU D 25 8.41 -35.00 2.48
N TYR D 58 4.42 -26.35 7.85
CA TYR D 58 3.02 -26.31 8.29
C TYR D 58 2.30 -27.60 7.91
N SER D 59 1.23 -27.92 8.65
CA SER D 59 0.32 -29.00 8.31
C SER D 59 -1.09 -28.69 8.79
N ASN D 60 -2.07 -29.01 7.95
CA ASN D 60 -3.47 -28.80 8.30
C ASN D 60 -4.07 -30.07 8.92
N PRO D 61 -4.72 -29.93 10.10
CA PRO D 61 -5.35 -31.07 10.76
C PRO D 61 -6.66 -31.51 10.09
N LYS D 62 -7.35 -30.59 9.43
CA LYS D 62 -8.60 -30.93 8.75
C LYS D 62 -8.34 -31.72 7.48
N ASN D 63 -7.22 -31.43 6.81
CA ASN D 63 -6.77 -32.18 5.64
C ASN D 63 -6.52 -33.65 6.00
N LYS D 64 -5.76 -33.86 7.07
CA LYS D 64 -5.47 -35.21 7.58
C LYS D 64 -6.78 -35.92 7.91
N ALA D 65 -7.69 -35.20 8.58
CA ALA D 65 -9.02 -35.72 8.88
C ALA D 65 -9.74 -36.24 7.64
N ILE D 66 -9.76 -35.45 6.56
CA ILE D 66 -10.44 -35.86 5.32
C ILE D 66 -9.79 -37.12 4.74
N PHE D 67 -8.47 -37.10 4.54
CA PHE D 67 -7.76 -38.28 4.06
C PHE D 67 -7.97 -39.52 4.94
N ASP D 68 -8.08 -39.30 6.25
CA ASP D 68 -8.35 -40.39 7.22
C ASP D 68 -9.80 -40.85 7.15
N GLN D 69 -10.72 -39.90 6.94
CA GLN D 69 -12.13 -40.19 6.73
C GLN D 69 -12.36 -40.95 5.44
N LEU D 70 -11.52 -40.69 4.45
CA LEU D 70 -11.58 -41.38 3.16
C LEU D 70 -11.03 -42.78 3.24
N TRP D 71 -9.97 -42.97 4.04
CA TRP D 71 -9.36 -44.28 4.20
C TRP D 71 -10.23 -45.22 5.05
N GLU D 72 -11.18 -44.62 5.76
CA GLU D 72 -12.29 -45.33 6.39
C GLU D 72 -13.15 -46.07 5.35
N ASN D 73 -13.00 -45.71 4.08
CA ASN D 73 -13.71 -46.35 2.96
C ASN D 73 -12.76 -46.88 1.87
N GLN D 74 -11.62 -47.44 2.31
CA GLN D 74 -10.55 -47.99 1.45
C GLN D 74 -10.13 -47.11 0.27
N VAL D 75 -9.74 -45.88 0.57
CA VAL D 75 -9.20 -44.99 -0.44
C VAL D 75 -7.69 -44.87 -0.23
N ASP D 76 -6.93 -45.32 -1.23
CA ASP D 76 -5.47 -45.37 -1.16
C ASP D 76 -4.81 -44.48 -2.20
N ASN D 77 -3.71 -43.84 -1.80
CA ASN D 77 -2.90 -42.94 -2.65
C ASN D 77 -3.65 -42.12 -3.72
N ALA D 78 -4.81 -41.61 -3.34
CA ALA D 78 -5.68 -40.88 -4.26
C ALA D 78 -5.57 -39.37 -4.09
N LYS D 79 -5.59 -38.64 -5.20
CA LYS D 79 -5.63 -37.17 -5.19
C LYS D 79 -7.07 -36.71 -5.02
N VAL D 80 -7.28 -35.75 -4.14
CA VAL D 80 -8.63 -35.29 -3.82
C VAL D 80 -8.85 -33.85 -4.27
N TYR D 81 -9.89 -33.64 -5.05
CA TYR D 81 -10.20 -32.33 -5.59
C TYR D 81 -11.58 -31.86 -5.19
N LEU D 82 -11.65 -30.71 -4.52
CA LEU D 82 -12.92 -30.03 -4.35
C LEU D 82 -13.24 -29.35 -5.66
N LEU D 83 -14.44 -29.61 -6.18
CA LEU D 83 -14.83 -29.07 -7.48
C LEU D 83 -15.76 -27.88 -7.29
N ALA D 84 -15.29 -26.69 -7.66
CA ALA D 84 -16.02 -25.46 -7.39
C ALA D 84 -16.45 -24.77 -8.68
N ALA D 85 -17.75 -24.52 -8.81
CA ALA D 85 -18.30 -23.94 -10.02
C ALA D 85 -18.02 -22.45 -10.12
N THR D 86 -17.71 -21.99 -11.34
CA THR D 86 -17.58 -20.56 -11.63
C THR D 86 -18.05 -20.24 -13.05
N LEU D 87 -18.50 -19.00 -13.24
CA LEU D 87 -18.86 -18.51 -14.57
C LEU D 87 -17.82 -17.51 -15.05
N ARG D 88 -16.89 -17.16 -14.16
CA ARG D 88 -15.81 -16.22 -14.49
C ARG D 88 -14.44 -16.87 -14.30
N PRO D 89 -14.00 -17.70 -15.26
CA PRO D 89 -12.70 -18.35 -15.10
C PRO D 89 -11.55 -17.37 -15.18
N GLU D 90 -11.79 -16.19 -15.77
CA GLU D 90 -10.78 -15.13 -15.88
C GLU D 90 -10.43 -14.49 -14.54
N THR D 91 -11.19 -14.84 -13.49
CA THR D 91 -10.94 -14.34 -12.15
C THR D 91 -10.17 -15.33 -11.29
N MET D 92 -9.92 -16.52 -11.83
CA MET D 92 -9.31 -17.60 -11.06
C MET D 92 -7.96 -17.24 -10.48
N VAL D 93 -7.27 -16.32 -11.13
CA VAL D 93 -5.97 -15.83 -10.65
C VAL D 93 -6.12 -15.03 -9.35
N GLY D 94 -7.35 -14.63 -9.02
CA GLY D 94 -7.59 -13.82 -7.82
C GLY D 94 -8.25 -14.58 -6.67
N GLN D 95 -8.05 -15.88 -6.61
CA GLN D 95 -8.64 -16.69 -5.56
C GLN D 95 -7.95 -16.45 -4.23
N THR D 96 -8.73 -16.06 -3.22
CA THR D 96 -8.22 -15.90 -1.85
C THR D 96 -8.57 -17.10 -0.96
N ASN D 97 -9.72 -17.71 -1.23
CA ASN D 97 -10.26 -18.85 -0.47
C ASN D 97 -11.37 -19.50 -1.30
N CYS D 98 -12.12 -20.42 -0.70
CA CYS D 98 -13.34 -20.95 -1.32
C CYS D 98 -14.46 -21.15 -0.30
N TRP D 99 -15.69 -21.24 -0.78
CA TRP D 99 -16.86 -21.33 0.10
C TRP D 99 -17.52 -22.70 0.08
N VAL D 100 -17.87 -23.21 1.26
CA VAL D 100 -18.76 -24.38 1.39
C VAL D 100 -19.94 -24.06 2.32
N LEU D 101 -21.04 -24.81 2.17
CA LEU D 101 -22.13 -24.73 3.12
C LEU D 101 -21.77 -25.62 4.30
N PRO D 102 -21.73 -25.03 5.51
CA PRO D 102 -21.35 -25.80 6.70
C PRO D 102 -22.30 -26.97 7.01
N THR D 103 -23.60 -26.78 6.75
CA THR D 103 -24.61 -27.81 7.02
C THR D 103 -24.92 -28.65 5.80
N GLY D 104 -24.18 -28.42 4.71
CA GLY D 104 -24.40 -29.12 3.44
C GLY D 104 -23.82 -30.52 3.41
N ARG D 105 -24.44 -31.37 2.60
CA ARG D 105 -24.01 -32.76 2.46
C ARG D 105 -23.33 -33.01 1.13
N TYR D 106 -22.05 -33.34 1.19
CA TYR D 106 -21.23 -33.57 0.00
C TYR D 106 -20.93 -35.06 -0.14
N GLY D 107 -20.49 -35.44 -1.33
CA GLY D 107 -20.11 -36.80 -1.60
C GLY D 107 -18.75 -36.85 -2.25
N ALA D 108 -17.97 -37.85 -1.87
CA ALA D 108 -16.71 -38.12 -2.51
C ALA D 108 -16.91 -39.18 -3.59
N TYR D 109 -16.39 -38.91 -4.79
CA TYR D 109 -16.55 -39.80 -5.93
C TYR D 109 -15.23 -40.01 -6.65
N TYR D 110 -15.00 -41.23 -7.12
CA TYR D 110 -13.91 -41.50 -8.05
C TYR D 110 -14.28 -40.95 -9.43
N ILE D 111 -13.34 -40.27 -10.08
CA ILE D 111 -13.54 -39.82 -11.46
C ILE D 111 -12.72 -40.70 -12.40
N ASN D 112 -11.69 -41.34 -11.83
CA ASN D 112 -10.90 -42.39 -12.50
C ASN D 112 -10.04 -43.17 -11.49
N LYS D 113 -8.98 -43.82 -11.96
CA LYS D 113 -8.08 -44.56 -11.09
C LYS D 113 -7.18 -43.59 -10.32
N ASP D 114 -7.28 -43.64 -8.99
CA ASP D 114 -6.58 -42.71 -8.10
C ASP D 114 -6.91 -41.23 -8.37
N GLU D 115 -8.17 -40.86 -8.17
CA GLU D 115 -8.60 -39.46 -8.32
C GLU D 115 -10.01 -39.24 -7.78
N VAL D 116 -10.11 -38.53 -6.66
CA VAL D 116 -11.39 -38.30 -6.02
C VAL D 116 -11.82 -36.84 -6.15
N ILE D 117 -13.10 -36.63 -6.46
CA ILE D 117 -13.69 -35.30 -6.42
C ILE D 117 -14.75 -35.27 -5.34
N ILE D 118 -14.80 -34.15 -4.61
CA ILE D 118 -15.88 -33.92 -3.69
C ILE D 118 -16.82 -32.89 -4.32
N VAL D 119 -18.10 -33.27 -4.44
CA VAL D 119 -19.14 -32.43 -5.04
C VAL D 119 -20.50 -32.72 -4.41
N SER D 120 -21.44 -31.80 -4.61
CA SER D 120 -22.83 -32.02 -4.23
C SER D 120 -23.44 -33.15 -5.06
N GLU D 121 -24.40 -33.86 -4.47
CA GLU D 121 -25.10 -34.95 -5.16
C GLU D 121 -25.67 -34.46 -6.49
N HIS D 122 -26.19 -33.23 -6.48
CA HIS D 122 -26.78 -32.60 -7.66
C HIS D 122 -25.78 -32.44 -8.81
N ALA D 123 -24.56 -31.99 -8.48
CA ALA D 123 -23.49 -31.86 -9.46
C ALA D 123 -23.14 -33.20 -10.08
N ALA D 124 -22.96 -34.20 -9.22
CA ALA D 124 -22.51 -35.53 -9.63
C ALA D 124 -23.53 -36.26 -10.47
N VAL D 125 -24.81 -36.14 -10.11
CA VAL D 125 -25.87 -36.76 -10.88
C VAL D 125 -25.87 -36.20 -12.31
N ASN D 126 -25.76 -34.89 -12.41
CA ASN D 126 -25.76 -34.21 -13.70
C ASN D 126 -24.52 -34.55 -14.53
N MET D 127 -23.37 -34.64 -13.85
CA MET D 127 -22.10 -34.94 -14.51
C MET D 127 -22.10 -36.34 -15.10
N ALA D 128 -22.77 -37.26 -14.41
CA ALA D 128 -22.88 -38.64 -14.85
C ALA D 128 -23.76 -38.80 -16.09
N HIS D 129 -24.63 -37.82 -16.34
CA HIS D 129 -25.55 -37.86 -17.47
C HIS D 129 -25.10 -36.96 -18.62
N GLN D 130 -23.79 -36.96 -18.86
CA GLN D 130 -23.18 -36.18 -19.92
C GLN D 130 -21.95 -36.92 -20.47
N GLY D 131 -20.83 -36.76 -19.78
CA GLY D 131 -19.56 -37.37 -20.18
C GLY D 131 -18.40 -36.42 -19.95
N GLU D 140 -16.39 -41.92 -15.84
CA GLU D 140 -17.53 -42.39 -15.06
C GLU D 140 -17.27 -42.28 -13.56
N LEU D 141 -18.30 -41.85 -12.83
CA LEU D 141 -18.22 -41.61 -11.38
C LEU D 141 -18.54 -42.85 -10.53
N ASP D 142 -17.99 -42.87 -9.32
CA ASP D 142 -18.23 -43.96 -8.38
C ASP D 142 -18.26 -43.44 -6.94
N PHE D 143 -19.45 -43.41 -6.35
CA PHE D 143 -19.63 -42.92 -4.98
C PHE D 143 -18.73 -43.67 -3.99
N ILE D 144 -18.19 -42.93 -3.03
CA ILE D 144 -17.34 -43.52 -2.00
C ILE D 144 -17.94 -43.31 -0.61
N SER D 145 -18.22 -42.05 -0.27
CA SER D 145 -18.57 -41.67 1.09
C SER D 145 -19.26 -40.31 1.14
N GLU D 146 -19.95 -40.04 2.24
CA GLU D 146 -20.47 -38.70 2.50
C GLU D 146 -19.45 -37.87 3.29
N ILE D 147 -19.27 -36.62 2.87
CA ILE D 147 -18.45 -35.66 3.58
C ILE D 147 -19.36 -34.52 4.03
N SER D 148 -19.25 -34.14 5.30
CA SER D 148 -20.08 -33.07 5.84
C SER D 148 -19.47 -31.71 5.51
N GLY D 149 -20.32 -30.70 5.35
CA GLY D 149 -19.86 -29.33 5.18
C GLY D 149 -18.83 -28.98 6.23
N SER D 150 -19.17 -29.24 7.49
CA SER D 150 -18.28 -28.96 8.64
C SER D 150 -16.93 -29.65 8.53
N ASP D 151 -16.93 -30.84 7.92
CA ASP D 151 -15.71 -31.61 7.76
C ASP D 151 -14.69 -30.95 6.81
N LEU D 152 -15.20 -30.32 5.75
CA LEU D 152 -14.36 -29.67 4.74
C LEU D 152 -13.83 -28.31 5.21
N LEU D 153 -14.55 -27.70 6.14
CA LEU D 153 -14.23 -26.39 6.68
C LEU D 153 -12.77 -26.27 7.17
N LEU D 154 -12.15 -25.14 6.84
CA LEU D 154 -10.79 -24.80 7.29
C LEU D 154 -9.67 -25.66 6.69
N ALA D 155 -10.02 -26.54 5.75
CA ALA D 155 -9.02 -27.32 5.02
C ALA D 155 -8.28 -26.42 4.04
N THR D 156 -7.12 -26.88 3.57
CA THR D 156 -6.34 -26.14 2.58
C THR D 156 -6.35 -26.81 1.21
N VAL D 157 -6.48 -25.98 0.18
CA VAL D 157 -6.52 -26.45 -1.20
C VAL D 157 -5.51 -25.70 -2.08
N ARG D 158 -5.00 -26.39 -3.08
CA ARG D 158 -4.17 -25.79 -4.11
C ARG D 158 -5.13 -25.23 -5.17
N ALA D 159 -5.14 -23.91 -5.35
CA ALA D 159 -6.00 -23.28 -6.35
C ALA D 159 -5.24 -23.01 -7.64
N PRO D 160 -5.80 -23.46 -8.79
CA PRO D 160 -5.14 -23.27 -10.09
C PRO D 160 -5.12 -21.81 -10.51
N LEU D 161 -3.99 -21.40 -11.11
CA LEU D 161 -3.77 -20.05 -11.63
C LEU D 161 -3.53 -18.98 -10.56
N SER D 162 -3.68 -19.34 -9.29
CA SER D 162 -3.51 -18.39 -8.20
C SER D 162 -2.08 -18.43 -7.66
N PRO D 163 -1.50 -17.24 -7.38
CA PRO D 163 -0.15 -17.15 -6.83
C PRO D 163 -0.04 -17.64 -5.38
N TYR D 164 -1.16 -17.67 -4.67
CA TYR D 164 -1.16 -18.25 -3.33
C TYR D 164 -0.94 -19.76 -3.42
N GLU D 165 0.00 -20.24 -2.61
CA GLU D 165 0.38 -21.66 -2.58
C GLU D 165 -0.72 -22.54 -1.99
N GLN D 166 -1.54 -21.94 -1.13
CA GLN D 166 -2.71 -22.61 -0.59
C GLN D 166 -3.73 -21.57 -0.17
N ILE D 167 -5.00 -21.95 -0.24
CA ILE D 167 -6.10 -21.12 0.24
C ILE D 167 -7.00 -21.97 1.14
N PHE D 168 -7.75 -21.31 2.02
CA PHE D 168 -8.53 -22.03 3.02
C PHE D 168 -10.01 -22.17 2.65
N VAL D 169 -10.59 -23.32 2.99
CA VAL D 169 -12.01 -23.54 2.81
C VAL D 169 -12.75 -22.83 3.93
N LEU D 170 -13.68 -21.95 3.58
CA LEU D 170 -14.40 -21.09 4.52
C LEU D 170 -15.91 -21.27 4.42
N PRO D 171 -16.66 -20.81 5.45
CA PRO D 171 -18.12 -20.96 5.46
C PRO D 171 -18.89 -19.86 4.72
N LEU D 172 -19.81 -20.27 3.85
CA LEU D 172 -20.79 -19.37 3.25
C LEU D 172 -22.20 -19.98 3.35
N GLU D 173 -23.07 -19.32 4.10
CA GLU D 173 -24.36 -19.90 4.50
C GLU D 173 -25.48 -19.83 3.46
N THR D 174 -25.34 -18.94 2.49
CA THR D 174 -26.37 -18.75 1.45
C THR D 174 -26.19 -19.66 0.23
N ILE D 175 -25.23 -20.59 0.30
CA ILE D 175 -25.02 -21.57 -0.77
C ILE D 175 -26.19 -22.55 -0.85
N LYS D 176 -26.75 -22.69 -2.05
CA LYS D 176 -27.83 -23.62 -2.27
C LYS D 176 -27.27 -24.96 -2.77
N MET D 177 -27.63 -26.04 -2.07
CA MET D 177 -27.16 -27.38 -2.41
C MET D 177 -27.76 -27.93 -3.69
N ASP D 178 -28.79 -27.24 -4.19
CA ASP D 178 -29.42 -27.63 -5.45
C ASP D 178 -28.83 -26.81 -6.60
N LYS D 179 -27.76 -26.07 -6.29
CA LYS D 179 -27.17 -25.12 -7.24
C LYS D 179 -25.67 -25.38 -7.44
N GLY D 180 -25.28 -25.68 -8.68
CA GLY D 180 -23.88 -25.87 -9.05
C GLY D 180 -23.25 -27.12 -8.45
N THR D 181 -22.14 -26.93 -7.76
CA THR D 181 -21.45 -28.01 -7.06
C THR D 181 -21.59 -27.90 -5.55
N GLY D 182 -22.19 -26.80 -5.09
CA GLY D 182 -22.27 -26.49 -3.66
C GLY D 182 -20.96 -25.98 -3.08
N ILE D 183 -19.95 -25.85 -3.95
CA ILE D 183 -18.68 -25.25 -3.57
C ILE D 183 -18.47 -24.06 -4.50
N VAL D 184 -18.07 -22.94 -3.91
CA VAL D 184 -18.00 -21.67 -4.63
C VAL D 184 -16.59 -21.10 -4.56
N THR D 185 -16.12 -20.60 -5.70
CA THR D 185 -14.84 -19.90 -5.75
C THR D 185 -14.98 -18.54 -5.05
N SER D 186 -13.88 -18.05 -4.48
CA SER D 186 -13.89 -16.75 -3.83
C SER D 186 -12.85 -15.81 -4.44
N VAL D 187 -13.34 -14.80 -5.15
CA VAL D 187 -12.51 -13.75 -5.74
C VAL D 187 -13.01 -12.37 -5.29
N PRO D 188 -12.56 -11.93 -4.09
CA PRO D 188 -13.11 -10.75 -3.40
C PRO D 188 -12.78 -9.43 -4.09
N SER D 189 -11.75 -9.42 -4.91
CA SER D 189 -11.33 -8.23 -5.64
C SER D 189 -12.37 -7.78 -6.65
N ASP D 190 -13.17 -8.72 -7.14
CA ASP D 190 -14.05 -8.46 -8.28
C ASP D 190 -15.47 -9.02 -8.16
N ALA D 191 -15.79 -9.61 -7.01
CA ALA D 191 -17.12 -10.11 -6.70
C ALA D 191 -17.59 -9.54 -5.37
N PRO D 192 -18.60 -8.64 -5.41
CA PRO D 192 -19.08 -7.95 -4.20
C PRO D 192 -19.59 -8.90 -3.12
N ASP D 193 -20.23 -10.01 -3.53
CA ASP D 193 -20.65 -11.05 -2.60
C ASP D 193 -19.44 -11.68 -1.91
N ASP D 194 -18.44 -12.06 -2.70
CA ASP D 194 -17.24 -12.68 -2.16
C ASP D 194 -16.55 -11.74 -1.18
N TYR D 195 -16.53 -10.45 -1.50
CA TYR D 195 -15.87 -9.47 -0.63
C TYR D 195 -16.62 -9.21 0.68
N ALA D 196 -17.93 -8.99 0.60
CA ALA D 196 -18.75 -8.69 1.77
C ALA D 196 -18.64 -9.80 2.81
N CYS D 197 -18.69 -11.04 2.35
CA CYS D 197 -18.56 -12.19 3.23
C CYS D 197 -17.14 -12.30 3.79
N TYR D 198 -16.14 -12.20 2.92
CA TYR D 198 -14.74 -12.14 3.32
C TYR D 198 -14.50 -11.03 4.35
N LYS D 199 -15.26 -9.94 4.21
CA LYS D 199 -15.20 -8.79 5.10
C LYS D 199 -15.70 -9.16 6.50
N ASP D 200 -16.85 -9.83 6.55
CA ASP D 200 -17.47 -10.27 7.79
C ASP D 200 -16.59 -11.25 8.57
N ILE D 201 -16.00 -12.21 7.87
CA ILE D 201 -15.12 -13.19 8.50
C ILE D 201 -13.84 -12.52 9.00
N LEU D 202 -13.41 -11.47 8.30
CA LEU D 202 -12.22 -10.73 8.67
C LEU D 202 -12.50 -9.84 9.88
N GLU D 203 -13.57 -9.04 9.79
CA GLU D 203 -13.95 -8.12 10.86
C GLU D 203 -14.69 -8.82 12.01
N ASN D 204 -14.86 -10.14 11.89
CA ASN D 204 -15.49 -10.97 12.93
C ASN D 204 -16.89 -10.49 13.32
N ARG D 205 -17.55 -9.80 12.39
CA ARG D 205 -18.87 -9.24 12.59
C ARG D 205 -19.90 -10.31 12.98
N ASN D 206 -20.20 -10.37 14.28
CA ASN D 206 -21.11 -11.35 14.90
C ASN D 206 -20.44 -12.71 15.16
N GLY D 207 -19.17 -12.65 15.55
CA GLY D 207 -18.40 -13.82 16.01
C GLY D 207 -18.30 -15.00 15.06
N ILE D 208 -18.40 -14.72 13.75
CA ILE D 208 -18.39 -15.78 12.75
C ILE D 208 -17.02 -16.46 12.68
N ALA D 209 -15.96 -15.69 12.96
CA ALA D 209 -14.61 -16.25 13.03
C ALA D 209 -14.52 -17.32 14.11
N GLU D 210 -14.86 -16.94 15.34
CA GLU D 210 -14.84 -17.86 16.48
C GLU D 210 -15.87 -18.98 16.33
N LYS D 211 -17.05 -18.64 15.83
CA LYS D 211 -18.14 -19.61 15.66
C LYS D 211 -17.70 -20.86 14.91
N TYR D 212 -17.01 -20.67 13.79
CA TYR D 212 -16.56 -21.78 12.96
C TYR D 212 -15.10 -22.13 13.23
N GLY D 213 -14.51 -21.46 14.22
CA GLY D 213 -13.14 -21.71 14.67
C GLY D 213 -12.09 -21.23 13.69
N VAL D 214 -12.43 -20.16 12.97
CA VAL D 214 -11.55 -19.58 11.97
C VAL D 214 -10.42 -18.80 12.65
N ASP D 215 -9.18 -19.09 12.25
CA ASP D 215 -8.04 -18.30 12.68
C ASP D 215 -7.75 -17.18 11.67
N VAL D 216 -8.40 -16.03 11.89
CA VAL D 216 -8.28 -14.86 11.01
C VAL D 216 -6.83 -14.58 10.60
N GLY D 217 -5.91 -14.63 11.55
CA GLY D 217 -4.50 -14.36 11.30
C GLY D 217 -3.75 -15.44 10.52
N LEU D 218 -4.42 -16.57 10.26
CA LEU D 218 -3.78 -17.70 9.57
C LEU D 218 -4.48 -18.02 8.23
N MET D 219 -5.77 -17.73 8.17
CA MET D 219 -6.61 -18.15 7.05
C MET D 219 -7.02 -17.01 6.11
N LEU D 220 -7.12 -15.79 6.64
CA LEU D 220 -7.58 -14.65 5.87
C LEU D 220 -6.52 -13.58 5.64
N GLU D 221 -5.83 -13.17 6.71
CA GLU D 221 -4.87 -12.08 6.65
C GLU D 221 -3.76 -12.24 5.60
N PRO D 222 -3.14 -13.44 5.52
CA PRO D 222 -2.13 -13.68 4.47
C PRO D 222 -2.69 -13.83 3.04
N TYR D 223 -4.01 -13.67 2.87
CA TYR D 223 -4.65 -13.90 1.57
C TYR D 223 -5.58 -12.76 1.16
N SER D 224 -5.03 -11.57 0.99
CA SER D 224 -5.81 -10.39 0.65
C SER D 224 -6.30 -10.45 -0.80
N PRO D 225 -7.37 -9.69 -1.14
CA PRO D 225 -7.85 -9.61 -2.52
C PRO D 225 -6.77 -9.09 -3.46
N LEU D 226 -6.64 -9.72 -4.63
CA LEU D 226 -5.60 -9.38 -5.60
C LEU D 226 -6.04 -8.38 -6.66
N PRO D 227 -5.10 -7.54 -7.14
CA PRO D 227 -5.35 -6.61 -8.24
C PRO D 227 -5.26 -7.30 -9.59
N ILE D 228 -6.31 -8.01 -9.97
CA ILE D 228 -6.26 -8.83 -11.18
C ILE D 228 -6.88 -8.14 -12.40
N ILE D 229 -7.91 -7.33 -12.15
CA ILE D 229 -8.64 -6.65 -13.21
C ILE D 229 -8.67 -5.15 -12.94
N GLU D 230 -8.20 -4.36 -13.89
CA GLU D 230 -8.38 -2.92 -13.81
C GLU D 230 -9.59 -2.51 -14.62
N ILE D 231 -10.58 -1.91 -13.96
CA ILE D 231 -11.72 -1.32 -14.64
C ILE D 231 -11.52 0.20 -14.69
N PRO D 232 -11.37 0.75 -15.91
CA PRO D 232 -11.16 2.20 -16.06
C PRO D 232 -12.25 3.00 -15.37
N ASP D 233 -11.88 4.16 -14.81
CA ASP D 233 -12.83 5.00 -14.07
C ASP D 233 -13.16 4.46 -12.68
N ILE D 234 -12.72 3.24 -12.39
CA ILE D 234 -12.83 2.68 -11.03
C ILE D 234 -11.45 2.25 -10.47
N GLY D 235 -10.74 1.44 -11.23
CA GLY D 235 -9.41 0.94 -10.84
C GLY D 235 -9.34 -0.56 -10.62
N THR D 236 -8.31 -1.00 -9.91
CA THR D 236 -8.20 -2.41 -9.48
C THR D 236 -8.97 -2.60 -8.16
N LEU D 237 -9.11 -3.86 -7.73
CA LEU D 237 -9.94 -4.19 -6.55
C LEU D 237 -11.28 -3.45 -6.63
N SER D 238 -11.94 -3.61 -7.77
CA SER D 238 -13.13 -2.85 -8.10
C SER D 238 -14.27 -3.12 -7.12
N ALA D 239 -14.53 -4.40 -6.85
CA ALA D 239 -15.53 -4.80 -5.88
C ALA D 239 -15.25 -4.17 -4.53
N VAL D 240 -13.99 -4.19 -4.12
CA VAL D 240 -13.56 -3.60 -2.85
C VAL D 240 -13.89 -2.11 -2.80
N ARG D 241 -13.29 -1.32 -3.69
CA ARG D 241 -13.48 0.13 -3.75
C ARG D 241 -14.96 0.56 -3.74
N LEU D 242 -15.79 -0.18 -4.47
CA LEU D 242 -17.21 0.16 -4.61
C LEU D 242 -18.04 -0.15 -3.38
N CYS D 243 -17.70 -1.24 -2.69
CA CYS D 243 -18.39 -1.62 -1.45
C CYS D 243 -18.03 -0.69 -0.30
N GLU D 244 -16.78 -0.19 -0.31
CA GLU D 244 -16.28 0.72 0.73
C GLU D 244 -16.85 2.13 0.57
N GLU D 245 -16.89 2.62 -0.66
CA GLU D 245 -17.43 3.94 -0.97
C GLU D 245 -18.93 4.03 -0.73
N SER D 246 -19.64 2.93 -0.96
CA SER D 246 -21.08 2.85 -0.73
C SER D 246 -21.42 2.53 0.73
N ASN D 247 -20.39 2.50 1.58
CA ASN D 247 -20.54 2.36 3.03
C ASN D 247 -21.47 1.22 3.43
N ASP D 253 -26.46 -4.95 4.02
CA ASP D 253 -27.18 -4.66 2.77
C ASP D 253 -27.27 -5.88 1.87
N ARG D 254 -28.14 -5.80 0.86
CA ARG D 254 -28.35 -6.88 -0.09
C ARG D 254 -28.81 -6.34 -1.45
N ALA D 255 -29.77 -5.41 -1.42
CA ALA D 255 -30.24 -4.73 -2.63
C ALA D 255 -29.16 -3.80 -3.16
N LYS D 256 -28.36 -3.25 -2.25
CA LYS D 256 -27.17 -2.47 -2.61
C LYS D 256 -26.08 -3.35 -3.20
N LEU D 257 -25.96 -4.58 -2.68
CA LEU D 257 -25.02 -5.56 -3.19
C LEU D 257 -25.46 -6.18 -4.53
N THR D 258 -26.68 -5.85 -4.97
CA THR D 258 -27.17 -6.28 -6.27
C THR D 258 -26.76 -5.29 -7.34
N GLN D 259 -26.99 -4.01 -7.06
CA GLN D 259 -26.64 -2.92 -7.99
C GLN D 259 -25.13 -2.89 -8.25
N ILE D 260 -24.34 -3.06 -7.19
CA ILE D 260 -22.89 -3.04 -7.29
C ILE D 260 -22.35 -4.26 -8.03
N LYS D 261 -23.09 -5.37 -7.98
CA LYS D 261 -22.77 -6.59 -8.69
C LYS D 261 -22.87 -6.37 -10.20
N GLU D 262 -23.95 -5.71 -10.62
CA GLU D 262 -24.21 -5.42 -12.04
C GLU D 262 -23.18 -4.45 -12.60
N ILE D 263 -22.59 -3.64 -11.72
CA ILE D 263 -21.51 -2.74 -12.12
C ILE D 263 -20.25 -3.57 -12.38
N CYS D 264 -19.76 -4.24 -11.34
CA CYS D 264 -18.52 -5.01 -11.41
C CYS D 264 -18.49 -6.06 -12.52
N TYR D 265 -19.61 -6.76 -12.71
CA TYR D 265 -19.67 -7.85 -13.68
C TYR D 265 -19.79 -7.34 -15.11
N THR D 266 -20.63 -6.33 -15.31
CA THR D 266 -20.90 -5.79 -16.65
C THR D 266 -19.78 -4.85 -17.13
N LYS D 267 -19.38 -3.90 -16.29
CA LYS D 267 -18.22 -3.06 -16.59
C LYS D 267 -16.95 -3.91 -16.65
N GLY D 268 -16.87 -4.89 -15.76
CA GLY D 268 -15.73 -5.79 -15.69
C GLY D 268 -15.53 -6.58 -16.96
N PHE D 269 -16.63 -7.01 -17.57
CA PHE D 269 -16.58 -7.74 -18.83
C PHE D 269 -16.22 -6.85 -20.01
N TYR D 270 -16.93 -5.73 -20.16
CA TYR D 270 -16.78 -4.88 -21.35
C TYR D 270 -15.60 -3.88 -21.31
N THR D 271 -15.11 -3.55 -20.12
CA THR D 271 -14.02 -2.56 -20.01
C THR D 271 -12.77 -3.05 -19.28
N GLY D 272 -12.92 -4.12 -18.50
CA GLY D 272 -11.84 -4.61 -17.64
C GLY D 272 -10.62 -5.09 -18.37
N ILE D 273 -9.45 -4.72 -17.87
CA ILE D 273 -8.18 -5.18 -18.44
C ILE D 273 -7.44 -6.05 -17.41
N MET D 274 -6.91 -7.18 -17.87
CA MET D 274 -6.14 -8.09 -17.01
C MET D 274 -4.80 -7.49 -16.60
N LYS D 275 -4.45 -7.69 -15.33
CA LYS D 275 -3.24 -7.11 -14.76
C LYS D 275 -2.33 -8.17 -14.20
N MET D 276 -2.89 -9.36 -14.00
CA MET D 276 -2.16 -10.50 -13.51
C MET D 276 -2.48 -11.75 -14.33
N GLY D 277 -1.67 -12.80 -14.17
CA GLY D 277 -1.85 -14.04 -14.90
C GLY D 277 -1.30 -14.00 -16.31
N PRO D 278 -1.45 -15.12 -17.05
CA PRO D 278 -0.82 -15.29 -18.37
C PRO D 278 -1.42 -14.42 -19.47
N PHE D 279 -2.54 -13.77 -19.18
CA PHE D 279 -3.22 -12.94 -20.18
C PHE D 279 -3.21 -11.45 -19.82
N ALA D 280 -2.37 -11.09 -18.84
CA ALA D 280 -2.11 -9.70 -18.49
C ALA D 280 -1.92 -8.85 -19.73
N GLY D 281 -2.60 -7.72 -19.79
CA GLY D 281 -2.51 -6.79 -20.91
C GLY D 281 -3.76 -6.84 -21.76
N GLN D 282 -4.40 -8.01 -21.79
CA GLN D 282 -5.60 -8.21 -22.59
C GLN D 282 -6.84 -7.84 -21.81
N SER D 283 -7.88 -7.44 -22.54
CA SER D 283 -9.18 -7.16 -21.95
C SER D 283 -9.83 -8.45 -21.45
N VAL D 284 -10.65 -8.32 -20.41
CA VAL D 284 -11.39 -9.45 -19.84
C VAL D 284 -12.22 -10.14 -20.92
N LYS D 285 -12.76 -9.34 -21.85
CA LYS D 285 -13.62 -9.82 -22.92
C LYS D 285 -12.87 -10.73 -23.90
N ASP D 286 -11.70 -10.29 -24.36
CA ASP D 286 -10.89 -11.03 -25.32
C ASP D 286 -10.29 -12.34 -24.80
N CYS D 287 -10.17 -12.50 -23.49
CA CYS D 287 -9.44 -13.66 -22.94
C CYS D 287 -10.27 -14.60 -22.07
N LYS D 288 -11.56 -14.33 -21.97
CA LYS D 288 -12.46 -15.20 -21.20
C LYS D 288 -12.49 -16.61 -21.78
N GLN D 289 -12.61 -16.70 -23.10
CA GLN D 289 -12.58 -17.97 -23.81
C GLN D 289 -11.21 -18.65 -23.66
N SER D 290 -10.15 -17.88 -23.88
CA SER D 290 -8.78 -18.37 -23.77
C SER D 290 -8.49 -18.93 -22.38
N CYS D 291 -9.06 -18.29 -21.36
CA CYS D 291 -8.88 -18.70 -19.97
C CYS D 291 -9.63 -19.98 -19.68
N ARG D 292 -10.80 -20.13 -20.30
CA ARG D 292 -11.54 -21.38 -20.21
C ARG D 292 -10.74 -22.51 -20.87
N ASP D 293 -10.29 -22.25 -22.10
CA ASP D 293 -9.48 -23.21 -22.86
C ASP D 293 -8.20 -23.66 -22.14
N LEU D 294 -7.53 -22.72 -21.46
CA LEU D 294 -6.32 -23.01 -20.71
C LEU D 294 -6.55 -23.90 -19.48
N LEU D 295 -7.66 -23.70 -18.77
CA LEU D 295 -7.99 -24.55 -17.63
C LEU D 295 -8.39 -25.98 -18.04
N VAL D 296 -9.16 -26.08 -19.13
CA VAL D 296 -9.56 -27.38 -19.69
C VAL D 296 -8.36 -28.17 -20.21
N GLN D 297 -7.58 -27.56 -21.10
CA GLN D 297 -6.48 -28.23 -21.80
C GLN D 297 -5.35 -28.64 -20.86
N ASN D 298 -5.30 -28.01 -19.69
CA ASN D 298 -4.32 -28.36 -18.68
C ASN D 298 -4.95 -29.14 -17.53
N ASN D 299 -6.14 -29.67 -17.81
CA ASN D 299 -6.87 -30.53 -16.88
C ASN D 299 -7.02 -29.95 -15.47
N GLN D 300 -7.32 -28.67 -15.38
CA GLN D 300 -7.49 -28.01 -14.09
C GLN D 300 -8.95 -27.76 -13.75
N CYS D 301 -9.83 -28.02 -14.71
CA CYS D 301 -11.25 -27.87 -14.50
C CYS D 301 -12.02 -28.99 -15.19
N ILE D 302 -13.27 -29.16 -14.81
CA ILE D 302 -14.17 -30.08 -15.50
C ILE D 302 -15.41 -29.30 -15.91
N VAL D 303 -15.61 -29.20 -17.23
CA VAL D 303 -16.73 -28.45 -17.81
C VAL D 303 -17.97 -29.35 -17.90
N TYR D 304 -19.13 -28.77 -17.56
CA TYR D 304 -20.41 -29.48 -17.61
C TYR D 304 -21.57 -28.49 -17.69
N SER D 305 -22.75 -28.99 -18.00
CA SER D 305 -23.96 -28.15 -18.00
C SER D 305 -25.10 -28.73 -17.14
N GLU D 306 -26.14 -27.91 -16.92
CA GLU D 306 -27.33 -28.31 -16.17
C GLU D 306 -28.60 -28.18 -17.04
N PRO D 307 -29.64 -29.02 -16.79
CA PRO D 307 -30.87 -28.99 -17.58
C PRO D 307 -31.82 -27.82 -17.30
N GLU D 308 -31.97 -27.45 -16.02
CA GLU D 308 -32.91 -26.39 -15.62
C GLU D 308 -32.21 -25.29 -14.82
N GLN E 9 -35.97 22.16 31.63
CA GLN E 9 -35.21 23.44 31.80
C GLN E 9 -33.79 23.36 31.20
N GLU E 10 -33.04 24.44 31.35
CA GLU E 10 -31.71 24.58 30.73
C GLU E 10 -30.60 23.82 31.46
N TYR E 11 -29.78 23.12 30.68
CA TYR E 11 -28.73 22.27 31.20
C TYR E 11 -27.44 22.61 30.45
N ILE E 12 -26.33 22.65 31.17
CA ILE E 12 -25.05 23.00 30.57
C ILE E 12 -24.13 21.78 30.51
N GLY E 13 -23.91 21.29 29.30
CA GLY E 13 -23.04 20.15 29.08
C GLY E 13 -21.62 20.61 28.84
N ILE E 14 -20.80 20.56 29.90
CA ILE E 14 -19.39 20.92 29.85
C ILE E 14 -18.61 19.96 28.94
N LYS E 15 -17.77 20.52 28.07
CA LYS E 15 -16.96 19.73 27.15
C LYS E 15 -15.63 19.35 27.79
N LEU E 16 -15.54 18.12 28.28
CA LEU E 16 -14.30 17.62 28.84
C LEU E 16 -13.51 16.91 27.75
N GLU E 17 -12.39 17.51 27.34
CA GLU E 17 -11.60 16.94 26.27
C GLU E 17 -10.80 15.71 26.70
N LEU E 18 -11.05 14.59 26.03
CA LEU E 18 -10.18 13.43 26.16
C LEU E 18 -8.81 13.81 25.61
N ILE E 19 -7.82 13.87 26.50
CA ILE E 19 -6.48 14.31 26.11
C ILE E 19 -5.83 13.34 25.13
N ASN E 20 -5.38 13.90 24.01
CA ASN E 20 -4.66 13.17 23.00
C ASN E 20 -3.17 13.24 23.33
N TYR E 21 -2.63 12.15 23.85
CA TYR E 21 -1.21 12.11 24.22
C TYR E 21 -0.30 11.87 23.02
N THR E 22 -0.86 11.42 21.90
CA THR E 22 -0.09 11.28 20.66
C THR E 22 0.58 12.61 20.29
N THR E 23 -0.13 13.71 20.54
CA THR E 23 0.45 15.05 20.42
C THR E 23 1.49 15.31 21.52
N LEU E 24 2.16 14.25 21.94
CA LEU E 24 3.37 14.33 22.76
C LEU E 24 4.53 14.68 21.82
N LEU E 25 4.29 15.73 21.03
CA LEU E 25 5.22 16.22 20.02
C LEU E 25 5.22 17.74 20.01
N ARG E 56 10.24 10.86 32.27
CA ARG E 56 9.06 10.06 31.93
C ARG E 56 7.93 10.94 31.42
N PHE E 57 7.65 10.85 30.12
CA PHE E 57 6.52 11.56 29.51
C PHE E 57 5.26 10.71 29.73
N TYR E 58 4.38 11.18 30.61
CA TYR E 58 3.21 10.42 31.02
C TYR E 58 2.22 10.19 29.90
N SER E 59 1.68 8.98 29.85
CA SER E 59 0.71 8.57 28.84
C SER E 59 -0.39 7.74 29.48
N ASN E 60 -1.64 8.04 29.11
CA ASN E 60 -2.81 7.32 29.64
C ASN E 60 -3.28 6.24 28.66
N PRO E 61 -3.14 4.95 29.06
CA PRO E 61 -3.45 3.82 28.19
C PRO E 61 -4.93 3.74 27.80
N LYS E 62 -5.82 4.15 28.72
CA LYS E 62 -7.26 4.19 28.45
C LYS E 62 -7.61 5.22 27.36
N ASN E 63 -6.88 6.33 27.31
CA ASN E 63 -7.04 7.33 26.25
C ASN E 63 -6.55 6.79 24.91
N LYS E 64 -5.46 6.02 24.95
CA LYS E 64 -4.90 5.39 23.75
C LYS E 64 -5.91 4.41 23.12
N ALA E 65 -6.57 3.61 23.96
CA ALA E 65 -7.54 2.65 23.48
C ALA E 65 -8.76 3.32 22.83
N ILE E 66 -9.28 4.39 23.45
CA ILE E 66 -10.45 5.06 22.90
C ILE E 66 -10.12 5.69 21.54
N PHE E 67 -9.01 6.40 21.46
CA PHE E 67 -8.57 7.00 20.19
C PHE E 67 -8.37 5.97 19.07
N ASP E 68 -7.89 4.78 19.43
CA ASP E 68 -7.72 3.66 18.48
C ASP E 68 -9.05 3.11 17.95
N GLN E 69 -9.99 2.80 18.85
CA GLN E 69 -11.32 2.39 18.44
C GLN E 69 -11.86 3.38 17.40
N LEU E 70 -11.80 4.66 17.75
CA LEU E 70 -12.28 5.74 16.88
C LEU E 70 -11.55 5.78 15.54
N TRP E 71 -10.24 5.56 15.58
CA TRP E 71 -9.45 5.51 14.36
C TRP E 71 -9.92 4.36 13.46
N GLU E 72 -10.06 3.18 14.05
CA GLU E 72 -10.60 2.00 13.37
C GLU E 72 -12.04 2.21 12.89
N ASN E 73 -12.58 3.40 13.12
CA ASN E 73 -13.92 3.77 12.66
C ASN E 73 -13.93 5.06 11.83
N GLN E 74 -12.77 5.42 11.29
CA GLN E 74 -12.62 6.54 10.35
C GLN E 74 -12.68 7.95 10.96
N VAL E 75 -12.21 8.07 12.20
CA VAL E 75 -12.11 9.37 12.84
C VAL E 75 -10.70 9.94 12.64
N ASP E 76 -10.57 10.84 11.67
CA ASP E 76 -9.28 11.50 11.37
C ASP E 76 -9.18 12.86 12.05
N ASN E 77 -8.06 13.09 12.74
CA ASN E 77 -7.72 14.42 13.27
C ASN E 77 -8.91 15.13 13.93
N ALA E 78 -9.37 14.59 15.04
CA ALA E 78 -10.58 15.11 15.67
C ALA E 78 -10.43 15.25 17.19
N LYS E 79 -10.84 16.41 17.70
CA LYS E 79 -10.93 16.62 19.14
C LYS E 79 -12.12 15.82 19.69
N VAL E 80 -11.88 15.15 20.83
CA VAL E 80 -12.89 14.28 21.44
C VAL E 80 -13.26 14.80 22.84
N TYR E 81 -14.55 14.89 23.11
CA TYR E 81 -15.06 15.44 24.36
C TYR E 81 -16.07 14.54 25.07
N LEU E 82 -15.87 14.35 26.37
CA LEU E 82 -16.90 13.81 27.22
C LEU E 82 -17.80 14.96 27.59
N LEU E 83 -19.11 14.80 27.42
CA LEU E 83 -20.02 15.88 27.72
C LEU E 83 -20.63 15.68 29.09
N ALA E 84 -20.29 16.55 30.03
CA ALA E 84 -20.76 16.40 31.40
C ALA E 84 -21.77 17.48 31.78
N ALA E 85 -22.93 17.06 32.25
CA ALA E 85 -23.97 18.00 32.64
C ALA E 85 -23.72 18.61 34.02
N THR E 86 -23.96 19.90 34.14
CA THR E 86 -24.00 20.60 35.42
C THR E 86 -25.12 21.62 35.37
N LEU E 87 -25.57 22.06 36.53
CA LEU E 87 -26.41 23.24 36.62
C LEU E 87 -25.63 24.39 37.27
N ARG E 88 -24.36 24.13 37.59
CA ARG E 88 -23.54 25.07 38.35
C ARG E 88 -22.22 25.42 37.63
N PRO E 89 -22.30 26.20 36.54
CA PRO E 89 -21.09 26.57 35.79
C PRO E 89 -20.06 27.32 36.64
N GLU E 90 -20.55 28.01 37.68
CA GLU E 90 -19.69 28.78 38.58
C GLU E 90 -18.81 27.88 39.45
N THR E 91 -19.05 26.57 39.42
CA THR E 91 -18.20 25.66 40.17
C THR E 91 -17.13 24.98 39.30
N MET E 92 -17.15 25.23 38.00
CA MET E 92 -16.27 24.50 37.08
C MET E 92 -14.78 24.68 37.34
N VAL E 93 -14.41 25.77 38.00
CA VAL E 93 -13.01 26.06 38.35
C VAL E 93 -12.43 25.09 39.39
N GLY E 94 -13.29 24.47 40.19
CA GLY E 94 -12.86 23.52 41.20
C GLY E 94 -13.12 22.07 40.85
N GLN E 95 -13.16 21.76 39.56
CA GLN E 95 -13.24 20.37 39.11
C GLN E 95 -11.98 19.63 39.49
N THR E 96 -12.12 18.40 40.00
CA THR E 96 -10.98 17.62 40.44
C THR E 96 -10.94 16.31 39.71
N ASN E 97 -12.10 15.94 39.18
CA ASN E 97 -12.30 14.71 38.44
C ASN E 97 -13.66 14.79 37.76
N CYS E 98 -14.06 13.72 37.07
CA CYS E 98 -15.45 13.60 36.66
C CYS E 98 -15.96 12.18 36.88
N TRP E 99 -17.26 12.00 36.72
CA TRP E 99 -17.93 10.76 37.08
C TRP E 99 -18.56 10.11 35.88
N VAL E 100 -18.40 8.79 35.77
CA VAL E 100 -19.13 7.97 34.79
C VAL E 100 -19.69 6.69 35.43
N LEU E 101 -20.73 6.12 34.83
CA LEU E 101 -21.27 4.84 35.30
C LEU E 101 -20.49 3.69 34.69
N PRO E 102 -19.78 2.90 35.52
CA PRO E 102 -18.91 1.83 35.01
C PRO E 102 -19.60 0.84 34.04
N THR E 103 -20.85 0.49 34.31
CA THR E 103 -21.61 -0.42 33.44
C THR E 103 -22.53 0.34 32.47
N GLY E 104 -22.35 1.65 32.41
CA GLY E 104 -23.13 2.48 31.49
C GLY E 104 -22.74 2.22 30.07
N ARG E 105 -23.66 2.49 29.15
CA ARG E 105 -23.41 2.39 27.72
C ARG E 105 -23.41 3.79 27.10
N TYR E 106 -22.29 4.14 26.45
CA TYR E 106 -22.13 5.46 25.85
C TYR E 106 -21.96 5.33 24.34
N GLY E 107 -21.93 6.46 23.64
CA GLY E 107 -21.73 6.46 22.21
C GLY E 107 -20.89 7.64 21.77
N ALA E 108 -20.10 7.46 20.71
CA ALA E 108 -19.36 8.56 20.11
C ALA E 108 -20.17 9.11 18.95
N TYR E 109 -20.20 10.44 18.85
CA TYR E 109 -21.00 11.12 17.84
C TYR E 109 -20.23 12.30 17.27
N TYR E 110 -20.28 12.47 15.95
CA TYR E 110 -19.80 13.70 15.33
C TYR E 110 -20.80 14.80 15.68
N ILE E 111 -20.33 15.85 16.36
CA ILE E 111 -21.16 17.03 16.58
C ILE E 111 -20.99 17.96 15.39
N ASN E 112 -19.84 17.84 14.73
CA ASN E 112 -19.57 18.47 13.43
C ASN E 112 -18.28 17.93 12.82
N LYS E 113 -17.78 18.62 11.79
CA LYS E 113 -16.52 18.26 11.15
C LYS E 113 -15.34 18.28 12.14
N ASP E 114 -14.70 17.13 12.30
CA ASP E 114 -13.50 16.99 13.16
C ASP E 114 -13.74 17.32 14.66
N GLU E 115 -14.94 17.05 15.15
CA GLU E 115 -15.27 17.24 16.56
C GLU E 115 -16.24 16.17 17.05
N VAL E 116 -15.80 15.37 18.01
CA VAL E 116 -16.59 14.26 18.54
C VAL E 116 -17.00 14.48 20.00
N ILE E 117 -18.22 14.07 20.34
CA ILE E 117 -18.68 14.08 21.74
C ILE E 117 -19.08 12.67 22.19
N ILE E 118 -18.86 12.38 23.46
CA ILE E 118 -19.29 11.10 24.05
C ILE E 118 -20.36 11.36 25.08
N VAL E 119 -21.53 10.77 24.85
CA VAL E 119 -22.70 10.94 25.73
C VAL E 119 -23.51 9.66 25.84
N SER E 120 -24.57 9.71 26.65
CA SER E 120 -25.52 8.61 26.79
C SER E 120 -26.55 8.63 25.65
N GLU E 121 -27.32 7.55 25.54
CA GLU E 121 -28.38 7.46 24.54
C GLU E 121 -29.43 8.54 24.72
N HIS E 122 -29.86 8.73 25.97
CA HIS E 122 -30.83 9.77 26.32
C HIS E 122 -30.39 11.14 25.81
N ALA E 123 -29.15 11.52 26.12
CA ALA E 123 -28.61 12.81 25.70
C ALA E 123 -28.48 12.88 24.18
N ALA E 124 -28.09 11.75 23.57
CA ALA E 124 -28.04 11.64 22.11
C ALA E 124 -29.39 12.00 21.46
N VAL E 125 -30.44 11.26 21.84
CA VAL E 125 -31.78 11.50 21.29
C VAL E 125 -32.28 12.93 21.54
N ASN E 126 -32.20 13.35 22.81
CA ASN E 126 -32.65 14.69 23.18
C ASN E 126 -31.85 15.77 22.47
N MET E 127 -30.55 15.53 22.31
CA MET E 127 -29.67 16.47 21.63
C MET E 127 -30.15 16.70 20.20
N ALA E 128 -30.44 15.60 19.51
CA ALA E 128 -30.87 15.63 18.10
C ALA E 128 -32.14 16.45 17.84
N HIS E 129 -32.96 16.64 18.88
CA HIS E 129 -34.20 17.43 18.78
C HIS E 129 -33.99 18.88 19.23
N GLU E 140 -26.12 18.21 12.90
CA GLU E 140 -26.84 17.20 13.68
C GLU E 140 -25.89 16.37 14.55
N LEU E 141 -26.07 15.05 14.56
CA LEU E 141 -25.37 14.17 15.48
C LEU E 141 -25.15 12.79 14.86
N ASP E 142 -24.11 12.67 14.04
CA ASP E 142 -23.82 11.43 13.32
C ASP E 142 -23.12 10.40 14.19
N PHE E 143 -23.74 9.23 14.33
CA PHE E 143 -23.21 8.13 15.13
C PHE E 143 -21.90 7.56 14.58
N ILE E 144 -20.98 7.20 15.47
CA ILE E 144 -19.71 6.58 15.11
C ILE E 144 -19.65 5.14 15.63
N SER E 145 -19.57 5.00 16.96
CA SER E 145 -19.46 3.69 17.63
C SER E 145 -19.87 3.78 19.09
N GLU E 146 -19.91 2.63 19.74
CA GLU E 146 -20.31 2.51 21.14
C GLU E 146 -19.12 2.46 22.08
N ILE E 147 -19.18 3.25 23.15
CA ILE E 147 -18.14 3.26 24.17
C ILE E 147 -18.76 2.78 25.48
N SER E 148 -18.06 1.91 26.21
CA SER E 148 -18.55 1.46 27.51
C SER E 148 -18.03 2.33 28.66
N GLY E 149 -18.71 2.24 29.80
CA GLY E 149 -18.25 2.91 31.01
C GLY E 149 -16.84 2.45 31.39
N SER E 150 -16.61 1.14 31.29
CA SER E 150 -15.30 0.53 31.54
C SER E 150 -14.19 1.06 30.64
N ASP E 151 -14.58 1.55 29.46
CA ASP E 151 -13.64 2.13 28.50
C ASP E 151 -13.21 3.54 28.92
N LEU E 152 -14.15 4.29 29.48
CA LEU E 152 -13.91 5.66 29.92
C LEU E 152 -13.23 5.71 31.28
N LEU E 153 -13.48 4.71 32.13
CA LEU E 153 -12.90 4.64 33.48
C LEU E 153 -11.39 4.86 33.48
N LEU E 154 -10.92 5.71 34.39
CA LEU E 154 -9.49 6.02 34.54
C LEU E 154 -8.85 6.75 33.35
N ALA E 155 -9.68 7.26 32.44
CA ALA E 155 -9.22 8.13 31.38
C ALA E 155 -8.91 9.51 31.94
N THR E 156 -8.12 10.29 31.19
CA THR E 156 -7.84 11.68 31.54
C THR E 156 -8.51 12.68 30.61
N VAL E 157 -8.96 13.79 31.17
CA VAL E 157 -9.57 14.86 30.40
C VAL E 157 -8.98 16.20 30.78
N ARG E 158 -9.06 17.15 29.85
CA ARG E 158 -8.78 18.55 30.16
C ARG E 158 -10.11 19.21 30.53
N ALA E 159 -10.20 19.68 31.76
CA ALA E 159 -11.40 20.36 32.24
C ALA E 159 -11.27 21.87 32.02
N PRO E 160 -12.28 22.49 31.39
CA PRO E 160 -12.25 23.92 31.18
C PRO E 160 -12.31 24.68 32.51
N LEU E 161 -11.50 25.74 32.62
CA LEU E 161 -11.49 26.64 33.79
C LEU E 161 -10.70 26.12 34.98
N SER E 162 -10.58 24.80 35.08
CA SER E 162 -9.74 24.17 36.12
C SER E 162 -8.29 24.54 35.94
N PRO E 163 -7.59 24.81 37.06
CA PRO E 163 -6.15 25.06 37.03
C PRO E 163 -5.33 23.76 36.94
N TYR E 164 -6.01 22.62 36.97
CA TYR E 164 -5.34 21.34 36.76
C TYR E 164 -5.20 21.06 35.27
N GLU E 165 -4.04 20.54 34.87
CA GLU E 165 -3.73 20.24 33.47
C GLU E 165 -4.46 19.00 32.96
N GLN E 166 -4.66 18.02 33.84
CA GLN E 166 -5.51 16.86 33.56
C GLN E 166 -6.34 16.49 34.78
N ILE E 167 -7.52 15.94 34.56
CA ILE E 167 -8.29 15.30 35.62
C ILE E 167 -8.75 13.91 35.17
N PHE E 168 -8.88 13.00 36.13
CA PHE E 168 -9.23 11.62 35.82
C PHE E 168 -10.73 11.39 35.80
N VAL E 169 -11.15 10.40 35.02
CA VAL E 169 -12.51 9.95 35.00
C VAL E 169 -12.63 8.86 36.07
N LEU E 170 -13.58 9.02 36.98
CA LEU E 170 -13.73 8.09 38.12
C LEU E 170 -15.12 7.45 38.20
N PRO E 171 -15.24 6.29 38.87
CA PRO E 171 -16.53 5.60 38.92
C PRO E 171 -17.52 6.19 39.93
N LEU E 172 -18.79 6.20 39.54
CA LEU E 172 -19.90 6.59 40.40
C LEU E 172 -21.11 5.71 40.04
N GLU E 173 -21.39 4.73 40.88
CA GLU E 173 -22.36 3.68 40.57
C GLU E 173 -23.82 4.14 40.60
N THR E 174 -24.06 5.33 41.13
CA THR E 174 -25.42 5.81 41.34
C THR E 174 -25.96 6.61 40.16
N ILE E 175 -25.17 6.75 39.10
CA ILE E 175 -25.59 7.56 37.95
C ILE E 175 -26.75 6.93 37.17
N LYS E 176 -27.79 7.73 36.96
CA LYS E 176 -28.97 7.32 36.17
C LYS E 176 -28.74 7.69 34.72
N MET E 177 -28.74 6.68 33.86
CA MET E 177 -28.54 6.86 32.41
C MET E 177 -29.75 7.53 31.75
N ASP E 178 -30.76 7.84 32.56
CA ASP E 178 -31.95 8.53 32.08
C ASP E 178 -31.91 10.03 32.36
N LYS E 179 -30.79 10.50 32.91
CA LYS E 179 -30.65 11.92 33.26
C LYS E 179 -29.31 12.50 32.83
N GLY E 180 -29.36 13.71 32.28
CA GLY E 180 -28.16 14.40 31.82
C GLY E 180 -27.55 13.67 30.65
N THR E 181 -26.27 13.31 30.79
CA THR E 181 -25.52 12.69 29.72
C THR E 181 -24.86 11.42 30.22
N GLY E 182 -25.15 11.07 31.47
CA GLY E 182 -24.51 9.94 32.11
C GLY E 182 -23.12 10.27 32.62
N ILE E 183 -22.61 11.43 32.24
CA ILE E 183 -21.30 11.89 32.68
C ILE E 183 -21.50 13.10 33.56
N VAL E 184 -21.10 12.99 34.82
CA VAL E 184 -21.34 14.05 35.79
C VAL E 184 -20.01 14.71 36.16
N THR E 185 -20.08 16.00 36.46
CA THR E 185 -18.91 16.73 36.89
C THR E 185 -18.66 16.53 38.39
N SER E 186 -17.45 16.88 38.84
CA SER E 186 -17.10 16.69 40.24
C SER E 186 -16.40 17.90 40.86
N VAL E 187 -17.12 18.58 41.74
CA VAL E 187 -16.57 19.69 42.51
C VAL E 187 -16.74 19.37 44.00
N PRO E 188 -15.81 18.57 44.58
CA PRO E 188 -15.96 18.07 45.95
C PRO E 188 -15.90 19.15 47.01
N SER E 189 -15.23 20.25 46.71
CA SER E 189 -15.13 21.38 47.63
C SER E 189 -16.48 21.99 47.94
N ASP E 190 -17.41 21.93 46.97
CA ASP E 190 -18.68 22.64 47.11
C ASP E 190 -19.93 21.82 46.76
N ALA E 191 -19.73 20.53 46.49
CA ALA E 191 -20.83 19.59 46.31
C ALA E 191 -20.60 18.38 47.22
N PRO E 192 -21.43 18.22 48.26
CA PRO E 192 -21.23 17.19 49.27
C PRO E 192 -21.36 15.79 48.67
N ASP E 193 -22.35 15.63 47.79
CA ASP E 193 -22.51 14.42 46.98
C ASP E 193 -21.19 14.04 46.32
N ASP E 194 -20.57 14.99 45.63
CA ASP E 194 -19.27 14.77 45.00
C ASP E 194 -18.16 14.51 46.01
N TYR E 195 -18.24 15.16 47.17
CA TYR E 195 -17.25 14.94 48.21
C TYR E 195 -17.33 13.56 48.83
N ALA E 196 -18.55 13.10 49.11
CA ALA E 196 -18.78 11.78 49.70
C ALA E 196 -18.15 10.68 48.85
N CYS E 197 -18.30 10.80 47.54
CA CYS E 197 -17.74 9.84 46.60
C CYS E 197 -16.24 10.01 46.46
N TYR E 198 -15.78 11.26 46.40
CA TYR E 198 -14.35 11.57 46.40
C TYR E 198 -13.62 10.92 47.58
N LYS E 199 -14.08 11.20 48.80
CA LYS E 199 -13.48 10.62 50.01
C LYS E 199 -13.53 9.09 50.02
N ASP E 200 -14.68 8.53 49.65
CA ASP E 200 -14.86 7.08 49.56
C ASP E 200 -13.84 6.40 48.63
N ILE E 201 -13.56 6.99 47.47
CA ILE E 201 -12.50 6.48 46.59
C ILE E 201 -11.14 6.65 47.26
N LEU E 202 -10.91 7.83 47.85
CA LEU E 202 -9.65 8.18 48.48
C LEU E 202 -9.31 7.29 49.69
N GLU E 203 -10.34 6.74 50.33
CA GLU E 203 -10.16 5.95 51.54
C GLU E 203 -10.53 4.48 51.32
N ASN E 204 -10.77 4.12 50.06
CA ASN E 204 -11.12 2.76 49.64
C ASN E 204 -12.30 2.14 50.39
N ARG E 205 -13.27 2.99 50.76
CA ARG E 205 -14.44 2.53 51.51
C ARG E 205 -15.15 1.42 50.75
N ASN E 206 -15.40 0.30 51.44
CA ASN E 206 -15.98 -0.89 50.83
C ASN E 206 -15.25 -1.36 49.57
N GLY E 207 -13.95 -1.07 49.52
CA GLY E 207 -13.07 -1.47 48.43
C GLY E 207 -13.38 -0.93 47.04
N ILE E 208 -14.01 0.25 46.97
CA ILE E 208 -14.39 0.84 45.66
C ILE E 208 -13.19 1.21 44.77
N ALA E 209 -12.16 1.79 45.37
CA ALA E 209 -10.93 2.10 44.63
C ALA E 209 -10.30 0.85 44.01
N GLU E 210 -10.00 -0.15 44.85
CA GLU E 210 -9.34 -1.37 44.38
C GLU E 210 -10.19 -2.21 43.42
N LYS E 211 -11.52 -2.07 43.52
CA LYS E 211 -12.46 -2.75 42.63
C LYS E 211 -12.32 -2.30 41.17
N TYR E 212 -12.11 -1.00 40.97
CA TYR E 212 -11.96 -0.43 39.62
C TYR E 212 -10.53 -0.03 39.30
N GLY E 213 -9.58 -0.58 40.06
CA GLY E 213 -8.15 -0.39 39.79
C GLY E 213 -7.61 1.02 39.90
N VAL E 214 -8.30 1.86 40.67
CA VAL E 214 -7.92 3.26 40.86
C VAL E 214 -6.60 3.38 41.63
N ASP E 215 -5.60 4.03 41.03
CA ASP E 215 -4.37 4.37 41.73
C ASP E 215 -4.52 5.76 42.35
N VAL E 216 -4.91 5.76 43.61
CA VAL E 216 -5.23 6.96 44.38
C VAL E 216 -4.15 8.05 44.38
N GLY E 217 -2.89 7.65 44.54
CA GLY E 217 -1.77 8.59 44.58
C GLY E 217 -1.49 9.25 43.24
N LEU E 218 -2.04 8.66 42.18
CA LEU E 218 -1.87 9.18 40.82
C LEU E 218 -3.12 9.90 40.36
N MET E 219 -4.27 9.45 40.80
CA MET E 219 -5.53 9.90 40.20
C MET E 219 -6.38 10.81 41.08
N LEU E 220 -6.09 10.83 42.38
CA LEU E 220 -6.83 11.66 43.33
C LEU E 220 -5.97 12.61 44.17
N GLU E 221 -4.91 12.08 44.76
CA GLU E 221 -4.07 12.87 45.68
C GLU E 221 -3.56 14.19 45.10
N PRO E 222 -3.15 14.22 43.81
CA PRO E 222 -2.64 15.49 43.28
C PRO E 222 -3.76 16.43 42.82
N TYR E 223 -5.00 16.02 43.01
CA TYR E 223 -6.18 16.77 42.54
C TYR E 223 -7.17 16.99 43.68
N SER E 224 -6.74 17.69 44.72
CA SER E 224 -7.57 17.87 45.90
C SER E 224 -8.52 19.05 45.76
N PRO E 225 -9.66 19.02 46.49
CA PRO E 225 -10.67 20.09 46.46
C PRO E 225 -10.07 21.49 46.52
N LEU E 226 -10.58 22.39 45.68
CA LEU E 226 -10.09 23.74 45.55
C LEU E 226 -10.93 24.75 46.33
N PRO E 227 -10.28 25.73 46.97
CA PRO E 227 -11.02 26.78 47.67
C PRO E 227 -11.60 27.81 46.69
N ILE E 228 -12.57 27.37 45.89
CA ILE E 228 -13.12 28.24 44.83
C ILE E 228 -14.15 29.24 45.31
N ILE E 229 -14.88 28.88 46.37
CA ILE E 229 -15.95 29.71 46.91
C ILE E 229 -15.82 29.87 48.43
N GLU E 230 -15.85 31.12 48.89
CA GLU E 230 -15.96 31.34 50.33
C GLU E 230 -17.41 31.58 50.70
N ILE E 231 -17.88 30.82 51.68
CA ILE E 231 -19.20 31.04 52.25
C ILE E 231 -19.02 31.75 53.59
N PRO E 232 -19.50 33.00 53.68
CA PRO E 232 -19.23 33.87 54.83
C PRO E 232 -19.51 33.19 56.17
N ASP E 233 -20.61 32.44 56.25
CA ASP E 233 -20.96 31.75 57.48
C ASP E 233 -20.11 30.52 57.81
N ILE E 234 -19.44 29.93 56.82
CA ILE E 234 -18.82 28.58 56.95
C ILE E 234 -17.33 28.51 56.63
N GLY E 235 -16.92 29.10 55.50
CA GLY E 235 -15.53 29.01 55.04
C GLY E 235 -15.41 28.68 53.58
N THR E 236 -14.25 28.16 53.16
CA THR E 236 -14.04 27.86 51.73
C THR E 236 -14.49 26.48 51.30
N LEU E 237 -13.85 25.43 51.80
CA LEU E 237 -14.24 24.09 51.37
C LEU E 237 -15.48 23.67 52.14
N SER E 238 -16.57 24.40 51.92
CA SER E 238 -17.76 24.32 52.77
C SER E 238 -18.43 22.95 52.77
N ALA E 239 -18.53 22.31 51.60
CA ALA E 239 -19.06 20.95 51.51
C ALA E 239 -18.21 19.98 52.33
N VAL E 240 -16.89 20.16 52.27
CA VAL E 240 -15.95 19.36 53.05
C VAL E 240 -16.08 19.66 54.56
N ARG E 241 -16.00 20.94 54.91
CA ARG E 241 -16.09 21.36 56.30
C ARG E 241 -17.34 20.81 56.97
N LEU E 242 -18.49 21.05 56.34
CA LEU E 242 -19.77 20.60 56.86
C LEU E 242 -19.86 19.08 56.94
N CYS E 243 -19.38 18.40 55.90
CA CYS E 243 -19.44 16.94 55.85
C CYS E 243 -18.61 16.28 56.96
N GLU E 244 -17.41 16.81 57.18
CA GLU E 244 -16.51 16.30 58.23
C GLU E 244 -17.06 16.59 59.63
N GLU E 245 -17.51 17.83 59.85
CA GLU E 245 -18.07 18.25 61.13
C GLU E 245 -19.51 17.74 61.35
N SER E 246 -19.94 16.79 60.52
CA SER E 246 -21.25 16.14 60.69
C SER E 246 -21.10 14.62 60.79
N ASN E 247 -19.86 14.17 61.04
CA ASN E 247 -19.55 12.77 61.37
C ASN E 247 -19.97 11.73 60.32
N VAL E 248 -20.50 12.18 59.19
CA VAL E 248 -20.96 11.30 58.12
C VAL E 248 -20.44 11.71 56.76
N ASP E 253 -23.95 6.54 53.51
CA ASP E 253 -24.78 7.52 52.82
C ASP E 253 -26.23 7.44 53.26
N ARG E 254 -26.81 8.58 53.61
CA ARG E 254 -28.19 8.67 54.09
C ARG E 254 -28.87 10.00 53.72
N ALA E 255 -29.76 10.45 54.63
CA ALA E 255 -30.48 11.71 54.47
C ALA E 255 -29.67 12.92 54.95
N LYS E 256 -28.55 12.66 55.61
CA LYS E 256 -27.64 13.71 56.09
C LYS E 256 -27.09 14.55 54.94
N LEU E 257 -26.93 13.92 53.78
CA LEU E 257 -26.39 14.58 52.59
C LEU E 257 -27.41 15.44 51.85
N THR E 258 -28.67 15.06 51.91
CA THR E 258 -29.73 15.82 51.24
C THR E 258 -30.05 17.15 51.95
N GLN E 259 -29.70 17.22 53.24
CA GLN E 259 -29.86 18.44 54.04
C GLN E 259 -28.61 19.32 53.98
N ILE E 260 -27.44 18.69 53.87
CA ILE E 260 -26.19 19.43 53.76
C ILE E 260 -25.99 19.99 52.34
N LYS E 261 -26.56 19.30 51.35
CA LYS E 261 -26.58 19.82 49.98
C LYS E 261 -27.49 21.04 49.87
N GLU E 262 -28.57 21.04 50.65
CA GLU E 262 -29.50 22.17 50.73
C GLU E 262 -28.82 23.43 51.28
N ILE E 263 -27.99 23.23 52.31
CA ILE E 263 -27.22 24.34 52.91
C ILE E 263 -26.16 24.89 51.95
N CYS E 264 -25.49 24.01 51.21
CA CYS E 264 -24.42 24.41 50.29
C CYS E 264 -24.95 25.13 49.06
N TYR E 265 -26.05 24.64 48.50
CA TYR E 265 -26.67 25.26 47.33
C TYR E 265 -27.29 26.62 47.67
N THR E 266 -27.97 26.69 48.82
CA THR E 266 -28.67 27.91 49.22
C THR E 266 -27.70 29.01 49.63
N LYS E 267 -27.00 28.82 50.76
CA LYS E 267 -26.03 29.80 51.24
C LYS E 267 -24.96 30.11 50.19
N GLY E 268 -24.46 29.07 49.53
CA GLY E 268 -23.49 29.24 48.47
C GLY E 268 -23.96 30.21 47.41
N PHE E 269 -25.14 29.94 46.85
CA PHE E 269 -25.71 30.77 45.78
C PHE E 269 -26.08 32.18 46.28
N TYR E 270 -26.54 32.28 47.52
CA TYR E 270 -27.07 33.54 48.04
C TYR E 270 -26.05 34.40 48.80
N THR E 271 -25.08 33.76 49.44
CA THR E 271 -24.08 34.47 50.21
C THR E 271 -22.65 34.27 49.68
N GLY E 272 -22.46 33.24 48.86
CA GLY E 272 -21.13 32.83 48.40
C GLY E 272 -20.37 33.84 47.55
N ILE E 273 -19.05 33.87 47.75
CA ILE E 273 -18.15 34.76 47.01
C ILE E 273 -17.05 33.93 46.37
N MET E 274 -16.81 34.15 45.08
CA MET E 274 -15.77 33.42 44.35
C MET E 274 -14.37 33.84 44.82
N LYS E 275 -13.52 32.86 45.04
CA LYS E 275 -12.15 33.10 45.50
C LYS E 275 -11.11 32.78 44.41
N MET E 276 -11.52 32.00 43.42
CA MET E 276 -10.64 31.58 42.34
C MET E 276 -11.31 31.80 40.98
N GLY E 277 -10.54 31.68 39.91
CA GLY E 277 -11.07 31.77 38.57
C GLY E 277 -11.31 33.21 38.12
N PRO E 278 -11.80 33.39 36.90
CA PRO E 278 -11.93 34.69 36.24
C PRO E 278 -12.82 35.69 36.97
N PHE E 279 -13.78 35.19 37.76
CA PHE E 279 -14.74 36.02 38.47
C PHE E 279 -14.47 36.08 39.97
N ALA E 280 -13.21 35.84 40.36
CA ALA E 280 -12.75 35.99 41.74
C ALA E 280 -13.15 37.35 42.32
N GLY E 281 -13.69 37.33 43.53
CA GLY E 281 -14.12 38.56 44.19
C GLY E 281 -15.59 38.87 44.00
N GLN E 282 -16.19 38.34 42.93
CA GLN E 282 -17.62 38.51 42.67
C GLN E 282 -18.42 37.47 43.44
N SER E 283 -19.70 37.75 43.65
CA SER E 283 -20.57 36.81 44.36
C SER E 283 -21.07 35.75 43.38
N VAL E 284 -21.34 34.55 43.91
CA VAL E 284 -21.87 33.45 43.09
C VAL E 284 -23.07 33.88 42.25
N LYS E 285 -24.01 34.60 42.87
CA LYS E 285 -25.21 35.07 42.18
C LYS E 285 -24.90 36.03 41.03
N ASP E 286 -23.93 36.91 41.24
CA ASP E 286 -23.58 37.91 40.24
C ASP E 286 -22.83 37.35 39.01
N CYS E 287 -22.29 36.15 39.13
CA CYS E 287 -21.44 35.59 38.07
C CYS E 287 -21.90 34.25 37.51
N LYS E 288 -23.01 33.73 38.02
CA LYS E 288 -23.56 32.46 37.55
C LYS E 288 -23.84 32.49 36.03
N GLN E 289 -24.66 33.45 35.60
CA GLN E 289 -25.00 33.65 34.20
C GLN E 289 -23.76 34.05 33.40
N SER E 290 -22.90 34.83 34.04
CA SER E 290 -21.65 35.31 33.44
C SER E 290 -20.71 34.14 33.13
N CYS E 291 -20.62 33.20 34.07
CA CYS E 291 -19.80 31.99 33.93
C CYS E 291 -20.42 31.05 32.90
N ARG E 292 -21.74 31.11 32.78
CA ARG E 292 -22.44 30.34 31.75
C ARG E 292 -22.09 30.88 30.37
N ASP E 293 -22.08 32.20 30.24
CA ASP E 293 -21.80 32.85 28.97
C ASP E 293 -20.33 32.72 28.55
N LEU E 294 -19.43 32.70 29.53
CA LEU E 294 -18.00 32.45 29.26
C LEU E 294 -17.79 31.09 28.59
N LEU E 295 -18.50 30.06 29.07
CA LEU E 295 -18.36 28.71 28.52
C LEU E 295 -18.93 28.60 27.11
N VAL E 296 -20.07 29.24 26.88
CA VAL E 296 -20.70 29.25 25.55
C VAL E 296 -19.83 30.02 24.56
N GLN E 297 -19.36 31.19 25.00
CA GLN E 297 -18.53 32.10 24.19
C GLN E 297 -17.14 31.55 23.86
N ASN E 298 -16.55 30.80 24.78
CA ASN E 298 -15.29 30.09 24.53
C ASN E 298 -15.52 28.71 23.92
N ASN E 299 -16.77 28.40 23.62
CA ASN E 299 -17.20 27.13 23.05
C ASN E 299 -16.61 25.94 23.81
N GLN E 300 -16.82 25.97 25.12
CA GLN E 300 -16.38 24.91 26.02
C GLN E 300 -17.58 24.14 26.56
N CYS E 301 -18.77 24.48 26.09
CA CYS E 301 -19.97 23.75 26.49
C CYS E 301 -21.03 23.73 25.39
N ILE E 302 -22.00 22.85 25.57
CA ILE E 302 -23.17 22.78 24.70
C ILE E 302 -24.39 22.92 25.59
N VAL E 303 -25.17 23.96 25.35
CA VAL E 303 -26.40 24.20 26.10
C VAL E 303 -27.56 23.47 25.44
N TYR E 304 -28.35 22.80 26.27
CA TYR E 304 -29.53 22.06 25.82
C TYR E 304 -30.59 22.09 26.93
N SER E 305 -31.82 21.73 26.59
CA SER E 305 -32.88 21.63 27.58
C SER E 305 -33.44 20.22 27.63
N GLU E 306 -33.69 19.73 28.84
CA GLU E 306 -34.16 18.36 29.05
C GLU E 306 -35.59 18.32 29.61
N PRO E 307 -36.37 17.29 29.22
CA PRO E 307 -37.67 17.01 29.83
C PRO E 307 -37.58 15.97 30.96
N GLU F 10 -80.12 -83.79 -12.42
CA GLU F 10 -78.93 -83.66 -13.31
C GLU F 10 -77.70 -84.30 -12.67
N TYR F 11 -76.92 -84.98 -13.49
CA TYR F 11 -75.69 -85.62 -13.02
C TYR F 11 -74.46 -85.15 -13.80
N ILE F 12 -73.39 -84.88 -13.06
CA ILE F 12 -72.11 -84.52 -13.64
C ILE F 12 -71.22 -85.78 -13.67
N GLY F 13 -70.92 -86.24 -14.89
CA GLY F 13 -70.02 -87.36 -15.07
C GLY F 13 -68.62 -86.85 -15.33
N ILE F 14 -67.76 -86.94 -14.32
CA ILE F 14 -66.39 -86.43 -14.38
C ILE F 14 -65.47 -87.30 -15.23
N LYS F 15 -64.70 -86.67 -16.12
CA LYS F 15 -63.81 -87.40 -16.98
C LYS F 15 -62.47 -87.62 -16.30
N LEU F 16 -62.15 -88.89 -16.02
CA LEU F 16 -60.86 -89.24 -15.45
C LEU F 16 -60.02 -89.93 -16.52
N GLU F 17 -59.00 -89.22 -17.01
CA GLU F 17 -58.14 -89.79 -18.05
C GLU F 17 -57.37 -90.98 -17.50
N LEU F 18 -57.44 -92.11 -18.22
CA LEU F 18 -56.55 -93.23 -17.95
C LEU F 18 -55.18 -92.80 -18.43
N ILE F 19 -54.23 -92.65 -17.50
CA ILE F 19 -52.90 -92.16 -17.83
C ILE F 19 -52.20 -93.13 -18.78
N ASN F 20 -51.83 -92.64 -19.95
CA ASN F 20 -51.10 -93.45 -20.92
C ASN F 20 -49.61 -93.31 -20.66
N TYR F 21 -49.01 -94.34 -20.11
CA TYR F 21 -47.59 -94.27 -19.75
C TYR F 21 -46.67 -94.43 -20.96
N THR F 22 -47.16 -95.10 -22.01
CA THR F 22 -46.45 -95.20 -23.29
C THR F 22 -46.06 -93.80 -23.79
N THR F 23 -46.97 -92.84 -23.64
CA THR F 23 -46.64 -91.44 -23.89
C THR F 23 -45.77 -90.90 -22.75
N LEU F 24 -44.63 -91.58 -22.51
CA LEU F 24 -43.63 -91.09 -21.57
C LEU F 24 -42.93 -89.87 -22.13
N LEU F 25 -42.90 -89.78 -23.46
CA LEU F 25 -42.31 -88.64 -24.18
C LEU F 25 -43.06 -87.34 -23.90
N PHE F 57 -38.60 -95.20 -14.24
CA PHE F 57 -39.70 -94.36 -13.79
C PHE F 57 -40.99 -95.19 -13.62
N TYR F 58 -41.97 -94.63 -12.91
CA TYR F 58 -43.20 -95.37 -12.62
C TYR F 58 -44.08 -95.61 -13.85
N SER F 59 -44.58 -96.84 -13.96
CA SER F 59 -45.52 -97.23 -15.01
C SER F 59 -46.57 -98.16 -14.39
N ASN F 60 -47.81 -98.03 -14.83
CA ASN F 60 -48.91 -98.86 -14.27
C ASN F 60 -49.25 -100.05 -15.18
N PRO F 61 -49.04 -101.28 -14.68
CA PRO F 61 -49.32 -102.49 -15.47
C PRO F 61 -50.79 -102.62 -15.90
N LYS F 62 -51.71 -102.23 -15.01
CA LYS F 62 -53.14 -102.35 -15.33
C LYS F 62 -53.57 -101.40 -16.44
N ASN F 63 -52.89 -100.25 -16.54
CA ASN F 63 -53.13 -99.29 -17.62
C ASN F 63 -52.65 -99.80 -18.98
N LYS F 64 -51.46 -100.39 -19.00
CA LYS F 64 -50.89 -100.95 -20.21
C LYS F 64 -51.83 -102.01 -20.80
N ALA F 65 -52.33 -102.90 -19.94
CA ALA F 65 -53.26 -103.95 -20.35
C ALA F 65 -54.57 -103.40 -20.96
N ILE F 66 -55.13 -102.35 -20.37
CA ILE F 66 -56.33 -101.71 -20.95
C ILE F 66 -56.04 -101.14 -22.34
N PHE F 67 -54.93 -100.41 -22.47
CA PHE F 67 -54.53 -99.83 -23.77
C PHE F 67 -54.18 -100.87 -24.84
N ASP F 68 -53.61 -101.99 -24.42
CA ASP F 68 -53.32 -103.12 -25.31
C ASP F 68 -54.60 -103.78 -25.81
N GLN F 69 -55.58 -103.89 -24.91
CA GLN F 69 -56.87 -104.50 -25.22
C GLN F 69 -57.60 -103.64 -26.24
N LEU F 70 -57.68 -102.35 -25.94
CA LEU F 70 -58.29 -101.36 -26.84
C LEU F 70 -57.62 -101.39 -28.20
N TRP F 71 -56.30 -101.56 -28.20
CA TRP F 71 -55.54 -101.54 -29.43
C TRP F 71 -55.77 -102.80 -30.29
N GLU F 72 -56.26 -103.86 -29.65
CA GLU F 72 -56.68 -105.07 -30.35
C GLU F 72 -58.09 -104.94 -30.91
N ASN F 73 -58.80 -103.89 -30.47
CA ASN F 73 -60.11 -103.57 -31.01
C ASN F 73 -60.04 -102.29 -31.83
N GLN F 74 -58.86 -102.06 -32.42
CA GLN F 74 -58.60 -100.97 -33.37
C GLN F 74 -58.83 -99.57 -32.81
N VAL F 75 -58.29 -99.31 -31.62
CA VAL F 75 -58.30 -97.96 -31.05
C VAL F 75 -56.93 -97.34 -31.20
N ASP F 76 -56.86 -96.27 -31.98
CA ASP F 76 -55.60 -95.66 -32.38
C ASP F 76 -55.49 -94.21 -31.89
N ASN F 77 -54.38 -93.90 -31.21
CA ASN F 77 -54.09 -92.53 -30.74
C ASN F 77 -55.26 -91.79 -30.09
N ALA F 78 -55.88 -92.42 -29.09
CA ALA F 78 -57.07 -91.87 -28.46
C ALA F 78 -56.92 -91.70 -26.95
N LYS F 79 -57.46 -90.60 -26.42
CA LYS F 79 -57.49 -90.35 -24.99
C LYS F 79 -58.62 -91.13 -24.35
N VAL F 80 -58.29 -91.88 -23.30
CA VAL F 80 -59.25 -92.75 -22.62
C VAL F 80 -59.69 -92.17 -21.28
N TYR F 81 -60.99 -92.18 -21.03
CA TYR F 81 -61.57 -91.60 -19.82
C TYR F 81 -62.47 -92.56 -19.06
N LEU F 82 -62.19 -92.76 -17.78
CA LEU F 82 -63.17 -93.33 -16.88
C LEU F 82 -64.13 -92.22 -16.50
N LEU F 83 -65.42 -92.53 -16.47
CA LEU F 83 -66.44 -91.52 -16.20
C LEU F 83 -67.11 -91.76 -14.86
N ALA F 84 -66.83 -90.88 -13.90
CA ALA F 84 -67.35 -91.04 -12.56
C ALA F 84 -68.44 -90.03 -12.23
N ALA F 85 -69.54 -90.52 -11.67
CA ALA F 85 -70.70 -89.68 -11.38
C ALA F 85 -70.54 -88.94 -10.05
N THR F 86 -71.01 -87.70 -10.02
CA THR F 86 -71.05 -86.92 -8.79
C THR F 86 -72.19 -85.92 -8.83
N LEU F 87 -72.67 -85.56 -7.64
CA LEU F 87 -73.67 -84.51 -7.48
C LEU F 87 -73.04 -83.29 -6.82
N ARG F 88 -71.78 -83.45 -6.40
CA ARG F 88 -71.06 -82.39 -5.71
C ARG F 88 -69.78 -81.94 -6.45
N PRO F 89 -69.94 -81.20 -7.56
CA PRO F 89 -68.78 -80.75 -8.34
C PRO F 89 -67.77 -79.96 -7.53
N GLU F 90 -68.24 -79.25 -6.51
CA GLU F 90 -67.36 -78.42 -5.68
C GLU F 90 -66.39 -79.27 -4.84
N THR F 91 -66.66 -80.57 -4.71
CA THR F 91 -65.75 -81.44 -3.95
C THR F 91 -64.62 -82.06 -4.78
N MET F 92 -64.61 -81.80 -6.08
CA MET F 92 -63.68 -82.45 -7.02
C MET F 92 -62.20 -82.15 -6.79
N VAL F 93 -61.92 -80.99 -6.21
CA VAL F 93 -60.56 -80.63 -5.85
C VAL F 93 -59.98 -81.62 -4.82
N GLY F 94 -60.85 -82.27 -4.04
CA GLY F 94 -60.41 -83.17 -2.98
C GLY F 94 -60.41 -84.67 -3.29
N GLN F 95 -60.42 -85.02 -4.57
CA GLN F 95 -60.39 -86.42 -4.98
C GLN F 95 -59.10 -87.10 -4.56
N THR F 96 -59.22 -88.30 -4.00
CA THR F 96 -58.05 -89.04 -3.55
C THR F 96 -57.91 -90.38 -4.28
N ASN F 97 -59.00 -90.79 -4.92
CA ASN F 97 -59.08 -92.04 -5.67
C ASN F 97 -60.43 -92.09 -6.37
N CYS F 98 -60.72 -93.19 -7.07
CA CYS F 98 -62.08 -93.43 -7.51
C CYS F 98 -62.52 -94.85 -7.21
N TRP F 99 -63.81 -95.12 -7.38
CA TRP F 99 -64.38 -96.42 -7.04
C TRP F 99 -64.93 -97.14 -8.26
N VAL F 100 -64.63 -98.43 -8.37
CA VAL F 100 -65.28 -99.30 -9.36
C VAL F 100 -65.76 -100.62 -8.73
N LEU F 101 -66.78 -101.22 -9.31
CA LEU F 101 -67.23 -102.53 -8.83
C LEU F 101 -66.31 -103.63 -9.39
N PRO F 102 -65.70 -104.44 -8.49
CA PRO F 102 -64.78 -105.49 -8.91
C PRO F 102 -65.38 -106.48 -9.90
N THR F 103 -66.66 -106.84 -9.69
CA THR F 103 -67.38 -107.78 -10.55
C THR F 103 -68.26 -107.08 -11.58
N GLY F 104 -68.12 -105.76 -11.68
CA GLY F 104 -68.88 -104.97 -12.65
C GLY F 104 -68.43 -105.17 -14.08
N ARG F 105 -69.36 -105.04 -15.02
CA ARG F 105 -69.06 -105.12 -16.44
C ARG F 105 -69.16 -103.73 -17.05
N TYR F 106 -68.07 -103.30 -17.69
CA TYR F 106 -67.98 -101.96 -18.23
C TYR F 106 -67.68 -102.02 -19.71
N GLY F 107 -68.18 -101.02 -20.44
CA GLY F 107 -67.94 -100.95 -21.86
C GLY F 107 -67.05 -99.78 -22.18
N ALA F 108 -66.22 -99.94 -23.21
CA ALA F 108 -65.47 -98.84 -23.79
C ALA F 108 -66.26 -98.32 -24.98
N TYR F 109 -66.34 -97.00 -25.10
CA TYR F 109 -67.15 -96.37 -26.14
C TYR F 109 -66.46 -95.14 -26.72
N TYR F 110 -66.68 -94.90 -28.01
CA TYR F 110 -66.32 -93.62 -28.64
C TYR F 110 -67.37 -92.58 -28.29
N ILE F 111 -66.92 -91.43 -27.80
CA ILE F 111 -67.83 -90.28 -27.62
C ILE F 111 -67.63 -89.29 -28.79
N ASN F 112 -66.48 -89.43 -29.45
CA ASN F 112 -66.16 -88.81 -30.74
C ASN F 112 -64.87 -89.42 -31.29
N LYS F 113 -64.40 -88.93 -32.43
CA LYS F 113 -63.10 -89.36 -32.97
C LYS F 113 -61.98 -88.98 -31.99
N ASP F 114 -61.09 -89.94 -31.72
CA ASP F 114 -59.94 -89.71 -30.81
C ASP F 114 -60.26 -89.59 -29.29
N GLU F 115 -61.51 -89.84 -28.91
CA GLU F 115 -61.93 -89.73 -27.50
C GLU F 115 -62.81 -90.92 -27.06
N VAL F 116 -62.34 -91.64 -26.04
CA VAL F 116 -62.98 -92.86 -25.56
C VAL F 116 -63.39 -92.74 -24.09
N ILE F 117 -64.63 -93.16 -23.79
CA ILE F 117 -65.10 -93.23 -22.40
C ILE F 117 -65.38 -94.68 -21.99
N ILE F 118 -65.06 -95.01 -20.74
CA ILE F 118 -65.41 -96.29 -20.15
C ILE F 118 -66.50 -96.05 -19.11
N VAL F 119 -67.64 -96.67 -19.32
CA VAL F 119 -68.81 -96.56 -18.44
C VAL F 119 -69.52 -97.89 -18.32
N SER F 120 -70.48 -97.98 -17.41
CA SER F 120 -71.37 -99.16 -17.34
C SER F 120 -72.34 -99.12 -18.52
N GLU F 121 -72.91 -100.29 -18.86
CA GLU F 121 -73.88 -100.36 -19.96
C GLU F 121 -75.11 -99.52 -19.65
N HIS F 122 -75.61 -99.59 -18.43
CA HIS F 122 -76.71 -98.75 -18.00
C HIS F 122 -76.48 -97.29 -18.39
N ALA F 123 -75.36 -96.72 -17.95
CA ALA F 123 -75.01 -95.33 -18.27
C ALA F 123 -74.88 -95.13 -19.78
N ALA F 124 -74.24 -96.09 -20.45
CA ALA F 124 -73.95 -96.00 -21.88
C ALA F 124 -75.23 -95.98 -22.71
N VAL F 125 -76.05 -97.00 -22.51
CA VAL F 125 -77.32 -97.15 -23.18
C VAL F 125 -78.20 -95.94 -22.84
N ASN F 126 -78.08 -95.44 -21.62
CA ASN F 126 -78.85 -94.30 -21.11
C ASN F 126 -78.49 -92.96 -21.75
N MET F 127 -77.20 -92.69 -21.87
CA MET F 127 -76.68 -91.47 -22.54
C MET F 127 -76.98 -91.48 -24.04
N ALA F 128 -77.09 -92.68 -24.60
CA ALA F 128 -77.40 -92.86 -26.03
C ALA F 128 -78.81 -92.36 -26.42
N HIS F 129 -79.62 -92.02 -25.41
CA HIS F 129 -80.93 -91.40 -25.61
C HIS F 129 -81.00 -90.03 -24.94
N GLU F 140 -72.95 -89.16 -29.97
CA GLU F 140 -73.21 -90.59 -30.17
C GLU F 140 -72.20 -91.46 -29.42
N LEU F 141 -72.52 -92.75 -29.31
CA LEU F 141 -71.70 -93.70 -28.59
C LEU F 141 -71.59 -95.02 -29.37
N ASP F 142 -70.39 -95.27 -29.90
CA ASP F 142 -70.11 -96.53 -30.60
C ASP F 142 -69.28 -97.46 -29.71
N PHE F 143 -69.72 -98.72 -29.61
CA PHE F 143 -69.11 -99.71 -28.73
C PHE F 143 -67.77 -100.22 -29.30
N ILE F 144 -66.76 -100.26 -28.45
CA ILE F 144 -65.45 -100.77 -28.85
C ILE F 144 -65.24 -102.21 -28.37
N SER F 145 -65.35 -102.39 -27.06
CA SER F 145 -65.13 -103.68 -26.40
C SER F 145 -65.50 -103.58 -24.94
N GLU F 146 -65.55 -104.74 -24.29
CA GLU F 146 -65.93 -104.84 -22.90
C GLU F 146 -64.70 -104.85 -22.00
N ILE F 147 -64.85 -104.29 -20.81
CA ILE F 147 -63.79 -104.20 -19.81
C ILE F 147 -64.36 -104.52 -18.42
N SER F 148 -63.67 -105.39 -17.69
CA SER F 148 -64.11 -105.74 -16.34
C SER F 148 -63.66 -104.71 -15.31
N GLY F 149 -64.34 -104.72 -14.16
CA GLY F 149 -63.91 -103.92 -13.02
C GLY F 149 -62.52 -104.36 -12.57
N SER F 150 -62.31 -105.67 -12.59
CA SER F 150 -61.00 -106.28 -12.28
C SER F 150 -59.87 -105.72 -13.13
N ASP F 151 -60.15 -105.50 -14.42
CA ASP F 151 -59.19 -104.90 -15.34
C ASP F 151 -58.96 -103.42 -15.02
N LEU F 152 -60.00 -102.73 -14.55
CA LEU F 152 -59.91 -101.33 -14.15
C LEU F 152 -59.26 -101.13 -12.78
N LEU F 153 -59.34 -102.15 -11.94
CA LEU F 153 -58.82 -102.09 -10.57
C LEU F 153 -57.31 -101.77 -10.54
N LEU F 154 -56.94 -100.89 -9.60
CA LEU F 154 -55.55 -100.47 -9.36
C LEU F 154 -54.86 -99.74 -10.53
N ALA F 155 -55.67 -99.30 -11.50
CA ALA F 155 -55.21 -98.43 -12.58
C ALA F 155 -54.99 -97.00 -12.07
N THR F 156 -54.32 -96.17 -12.85
CA THR F 156 -54.13 -94.78 -12.48
C THR F 156 -54.86 -93.81 -13.40
N VAL F 157 -55.50 -92.81 -12.80
CA VAL F 157 -56.23 -91.82 -13.56
C VAL F 157 -55.83 -90.39 -13.21
N ARG F 158 -56.02 -89.48 -14.16
CA ARG F 158 -55.79 -88.06 -13.93
C ARG F 158 -57.14 -87.40 -13.59
N ALA F 159 -57.28 -86.96 -12.34
CA ALA F 159 -58.51 -86.31 -11.85
C ALA F 159 -58.51 -84.81 -12.13
N PRO F 160 -59.60 -84.32 -12.73
CA PRO F 160 -59.71 -82.87 -12.93
C PRO F 160 -59.82 -82.11 -11.61
N LEU F 161 -59.06 -81.01 -11.50
CA LEU F 161 -59.11 -80.04 -10.40
C LEU F 161 -58.29 -80.45 -9.16
N SER F 162 -57.94 -81.72 -9.07
CA SER F 162 -57.14 -82.24 -7.98
C SER F 162 -55.66 -81.84 -8.08
N PRO F 163 -55.03 -81.53 -6.93
CA PRO F 163 -53.60 -81.26 -6.90
C PRO F 163 -52.74 -82.53 -7.04
N TYR F 164 -53.37 -83.70 -6.99
CA TYR F 164 -52.66 -84.96 -7.20
C TYR F 164 -52.47 -85.23 -8.68
N GLU F 165 -51.23 -85.57 -9.05
CA GLU F 165 -50.85 -85.83 -10.44
C GLU F 165 -51.49 -87.11 -10.99
N GLN F 166 -51.61 -88.11 -10.13
CA GLN F 166 -52.37 -89.31 -10.44
C GLN F 166 -53.12 -89.76 -9.20
N ILE F 167 -54.19 -90.55 -9.40
CA ILE F 167 -54.87 -91.22 -8.31
C ILE F 167 -55.20 -92.65 -8.76
N PHE F 168 -55.49 -93.55 -7.81
CA PHE F 168 -55.75 -94.93 -8.16
C PHE F 168 -57.23 -95.32 -8.20
N VAL F 169 -57.54 -96.32 -9.01
CA VAL F 169 -58.88 -96.86 -9.10
C VAL F 169 -59.00 -97.97 -8.05
N LEU F 170 -59.97 -97.83 -7.16
CA LEU F 170 -60.08 -98.69 -5.97
C LEU F 170 -61.41 -99.44 -5.86
N PRO F 171 -61.42 -100.62 -5.19
CA PRO F 171 -62.62 -101.45 -5.13
C PRO F 171 -63.68 -100.92 -4.18
N LEU F 172 -64.93 -100.95 -4.64
CA LEU F 172 -66.09 -100.65 -3.82
C LEU F 172 -67.14 -101.71 -4.14
N GLU F 173 -67.30 -102.65 -3.23
CA GLU F 173 -68.16 -103.82 -3.41
C GLU F 173 -69.67 -103.49 -3.39
N THR F 174 -70.02 -102.32 -2.87
CA THR F 174 -71.42 -101.95 -2.69
C THR F 174 -71.99 -101.09 -3.82
N ILE F 175 -71.25 -100.95 -4.92
CA ILE F 175 -71.71 -100.14 -6.07
C ILE F 175 -72.86 -100.83 -6.79
N LYS F 176 -73.89 -100.06 -7.09
CA LYS F 176 -74.99 -100.54 -7.90
C LYS F 176 -74.68 -100.23 -9.37
N MET F 177 -74.80 -101.27 -10.20
CA MET F 177 -74.55 -101.15 -11.63
C MET F 177 -75.74 -100.53 -12.37
N ASP F 178 -76.85 -100.36 -11.68
CA ASP F 178 -78.05 -99.74 -12.25
C ASP F 178 -78.13 -98.27 -11.84
N LYS F 179 -77.05 -97.79 -11.24
CA LYS F 179 -76.94 -96.40 -10.80
C LYS F 179 -75.78 -95.71 -11.53
N GLY F 180 -75.95 -94.43 -11.83
CA GLY F 180 -74.91 -93.62 -12.44
C GLY F 180 -74.14 -94.35 -13.52
N THR F 181 -72.82 -94.42 -13.35
CA THR F 181 -71.94 -94.96 -14.39
C THR F 181 -71.25 -96.23 -13.93
N GLY F 182 -71.46 -96.60 -12.68
CA GLY F 182 -70.77 -97.73 -12.09
C GLY F 182 -69.41 -97.33 -11.56
N ILE F 183 -69.03 -96.08 -11.79
CA ILE F 183 -67.77 -95.54 -11.30
C ILE F 183 -68.07 -94.30 -10.45
N VAL F 184 -67.55 -94.29 -9.23
CA VAL F 184 -67.85 -93.23 -8.26
C VAL F 184 -66.60 -92.47 -7.81
N THR F 185 -66.70 -91.15 -7.73
CA THR F 185 -65.61 -90.34 -7.20
C THR F 185 -65.43 -90.61 -5.71
N SER F 186 -64.23 -90.33 -5.21
CA SER F 186 -63.93 -90.47 -3.78
C SER F 186 -63.31 -89.17 -3.25
N VAL F 187 -63.98 -88.58 -2.25
CA VAL F 187 -63.52 -87.37 -1.58
C VAL F 187 -63.67 -87.55 -0.06
N PRO F 188 -62.71 -88.25 0.58
CA PRO F 188 -62.85 -88.73 1.96
C PRO F 188 -62.97 -87.64 3.01
N SER F 189 -62.50 -86.44 2.71
CA SER F 189 -62.56 -85.31 3.64
C SER F 189 -63.98 -84.78 3.87
N ASP F 190 -64.89 -85.05 2.94
CA ASP F 190 -66.21 -84.42 2.97
C ASP F 190 -67.37 -85.34 2.59
N ALA F 191 -67.02 -86.59 2.29
CA ALA F 191 -68.00 -87.63 2.04
C ALA F 191 -67.78 -88.80 3.01
N PRO F 192 -68.65 -88.94 4.01
CA PRO F 192 -68.56 -89.94 5.06
C PRO F 192 -68.45 -91.35 4.50
N ASP F 193 -69.24 -91.65 3.48
CA ASP F 193 -69.14 -92.93 2.77
C ASP F 193 -67.73 -93.15 2.22
N ASP F 194 -67.17 -92.12 1.60
CA ASP F 194 -65.85 -92.21 0.97
C ASP F 194 -64.74 -92.46 2.00
N TYR F 195 -64.85 -91.84 3.17
CA TYR F 195 -63.87 -92.05 4.24
C TYR F 195 -63.92 -93.46 4.82
N ALA F 196 -65.14 -93.96 5.08
CA ALA F 196 -65.37 -95.30 5.64
C ALA F 196 -64.67 -96.38 4.85
N CYS F 197 -64.83 -96.34 3.52
CA CYS F 197 -64.18 -97.27 2.63
C CYS F 197 -62.68 -97.01 2.54
N TYR F 198 -62.31 -95.73 2.44
CA TYR F 198 -60.92 -95.32 2.41
C TYR F 198 -60.14 -95.88 3.59
N LYS F 199 -60.64 -95.64 4.81
CA LYS F 199 -59.98 -96.08 6.02
C LYS F 199 -59.90 -97.61 6.09
N ASP F 200 -60.99 -98.26 5.70
CA ASP F 200 -61.05 -99.72 5.61
C ASP F 200 -59.90 -100.30 4.79
N ILE F 201 -59.74 -99.83 3.54
CA ILE F 201 -58.63 -100.24 2.70
C ILE F 201 -57.31 -99.98 3.43
N LEU F 202 -57.15 -98.73 3.90
CA LEU F 202 -55.92 -98.26 4.55
C LEU F 202 -55.50 -99.16 5.72
N GLU F 203 -56.47 -99.57 6.54
CA GLU F 203 -56.22 -100.38 7.73
C GLU F 203 -56.38 -101.87 7.47
N ASN F 204 -56.78 -102.22 6.25
CA ASN F 204 -56.98 -103.62 5.85
C ASN F 204 -58.13 -104.31 6.60
N ARG F 205 -59.13 -103.53 7.00
CA ARG F 205 -60.31 -104.05 7.69
C ARG F 205 -60.98 -105.15 6.87
N ASN F 206 -61.33 -106.25 7.55
CA ASN F 206 -61.87 -107.47 6.92
C ASN F 206 -61.00 -107.99 5.76
N GLY F 207 -59.74 -107.57 5.73
CA GLY F 207 -58.76 -107.98 4.72
C GLY F 207 -58.94 -107.43 3.32
N ILE F 208 -59.77 -106.40 3.19
CA ILE F 208 -60.23 -105.89 1.88
C ILE F 208 -59.08 -105.49 0.94
N ALA F 209 -58.01 -104.94 1.50
CA ALA F 209 -56.83 -104.54 0.73
C ALA F 209 -56.07 -105.75 0.16
N GLU F 210 -55.89 -106.78 0.99
CA GLU F 210 -55.18 -107.98 0.55
C GLU F 210 -56.01 -108.84 -0.39
N LYS F 211 -57.33 -108.74 -0.26
CA LYS F 211 -58.24 -109.44 -1.16
C LYS F 211 -58.04 -109.02 -2.62
N TYR F 212 -57.83 -107.72 -2.83
CA TYR F 212 -57.70 -107.16 -4.19
C TYR F 212 -56.29 -106.72 -4.60
N GLY F 213 -55.33 -106.91 -3.69
CA GLY F 213 -53.93 -106.62 -3.99
C GLY F 213 -53.57 -105.14 -3.93
N VAL F 214 -54.27 -104.40 -3.09
CA VAL F 214 -54.00 -102.97 -2.92
C VAL F 214 -52.68 -102.74 -2.17
N ASP F 215 -51.70 -102.16 -2.88
CA ASP F 215 -50.45 -101.74 -2.25
C ASP F 215 -50.68 -100.38 -1.59
N VAL F 216 -51.16 -100.42 -0.35
CA VAL F 216 -51.60 -99.24 0.40
C VAL F 216 -50.57 -98.12 0.50
N GLY F 217 -49.30 -98.48 0.70
CA GLY F 217 -48.19 -97.52 0.75
C GLY F 217 -47.96 -96.78 -0.56
N LEU F 218 -48.40 -97.40 -1.66
CA LEU F 218 -48.25 -96.81 -2.98
C LEU F 218 -49.54 -96.16 -3.46
N MET F 219 -50.67 -96.79 -3.15
CA MET F 219 -51.94 -96.44 -3.75
C MET F 219 -52.83 -95.54 -2.90
N LEU F 220 -52.56 -95.47 -1.59
CA LEU F 220 -53.38 -94.67 -0.68
C LEU F 220 -52.64 -93.64 0.16
N GLU F 221 -51.57 -94.08 0.83
CA GLU F 221 -50.78 -93.22 1.73
C GLU F 221 -50.31 -91.88 1.12
N PRO F 222 -49.92 -91.87 -0.17
CA PRO F 222 -49.60 -90.57 -0.78
C PRO F 222 -50.81 -89.69 -1.09
N TYR F 223 -52.01 -90.26 -1.02
CA TYR F 223 -53.23 -89.56 -1.42
C TYR F 223 -54.21 -89.39 -0.26
N SER F 224 -53.76 -88.67 0.76
CA SER F 224 -54.55 -88.45 1.96
C SER F 224 -55.61 -87.38 1.71
N PRO F 225 -56.72 -87.42 2.46
CA PRO F 225 -57.84 -86.48 2.36
C PRO F 225 -57.38 -85.02 2.44
N LEU F 226 -57.96 -84.18 1.59
CA LEU F 226 -57.59 -82.78 1.51
C LEU F 226 -58.52 -81.84 2.30
N PRO F 227 -57.95 -80.75 2.88
CA PRO F 227 -58.74 -79.70 3.52
C PRO F 227 -59.35 -78.77 2.50
N ILE F 228 -60.32 -79.27 1.75
CA ILE F 228 -60.91 -78.50 0.65
C ILE F 228 -62.01 -77.54 1.10
N ILE F 229 -62.69 -77.90 2.19
CA ILE F 229 -63.83 -77.14 2.67
C ILE F 229 -63.77 -76.96 4.18
N GLU F 230 -64.01 -75.74 4.63
CA GLU F 230 -64.13 -75.48 6.05
C GLU F 230 -65.58 -75.30 6.42
N ILE F 231 -66.09 -76.20 7.25
CA ILE F 231 -67.40 -76.02 7.86
C ILE F 231 -67.18 -75.35 9.22
N PRO F 232 -67.67 -74.11 9.37
CA PRO F 232 -67.41 -73.20 10.51
C PRO F 232 -67.37 -73.89 11.86
N ASP F 233 -68.37 -74.69 12.17
CA ASP F 233 -68.51 -75.28 13.51
C ASP F 233 -67.94 -76.70 13.63
N ILE F 234 -67.10 -77.11 12.69
CA ILE F 234 -66.44 -78.43 12.74
C ILE F 234 -64.96 -78.33 12.37
N GLY F 235 -64.66 -77.61 11.30
CA GLY F 235 -63.29 -77.50 10.78
C GLY F 235 -63.14 -77.95 9.35
N THR F 236 -61.96 -78.44 8.99
CA THR F 236 -61.68 -78.82 7.60
C THR F 236 -62.12 -80.23 7.22
N LEU F 237 -61.42 -81.27 7.66
CA LEU F 237 -61.76 -82.62 7.23
C LEU F 237 -62.99 -83.14 7.99
N SER F 238 -64.14 -82.52 7.73
CA SER F 238 -65.34 -82.67 8.56
C SER F 238 -65.90 -84.08 8.63
N ALA F 239 -65.85 -84.80 7.52
CA ALA F 239 -66.26 -86.20 7.49
C ALA F 239 -65.30 -87.06 8.33
N VAL F 240 -64.01 -86.78 8.20
CA VAL F 240 -62.99 -87.47 9.00
C VAL F 240 -63.20 -87.15 10.48
N ARG F 241 -63.30 -85.86 10.81
CA ARG F 241 -63.51 -85.41 12.18
C ARG F 241 -64.76 -86.01 12.80
N LEU F 242 -65.86 -86.02 12.05
CA LEU F 242 -67.12 -86.53 12.58
C LEU F 242 -67.19 -88.06 12.70
N CYS F 243 -66.67 -88.76 11.69
CA CYS F 243 -66.62 -90.23 11.72
C CYS F 243 -65.74 -90.72 12.85
N GLU F 244 -64.59 -90.08 13.03
CA GLU F 244 -63.64 -90.44 14.07
C GLU F 244 -64.12 -89.99 15.46
N GLU F 245 -65.09 -89.08 15.48
CA GLU F 245 -65.70 -88.61 16.72
C GLU F 245 -66.71 -89.62 17.23
N SER F 246 -67.37 -90.33 16.30
CA SER F 246 -68.28 -91.42 16.68
C SER F 246 -67.57 -92.77 16.59
N ASN F 247 -68.30 -93.85 16.85
CA ASN F 247 -67.71 -95.18 16.85
C ASN F 247 -67.92 -95.89 15.51
N VAL F 248 -67.23 -95.39 14.48
CA VAL F 248 -67.39 -95.90 13.12
C VAL F 248 -66.32 -96.96 12.80
N SER F 249 -66.73 -98.22 12.89
CA SER F 249 -65.87 -99.36 12.53
C SER F 249 -65.88 -99.59 11.01
N SER F 250 -66.91 -99.05 10.35
CA SER F 250 -67.07 -99.07 8.89
C SER F 250 -67.32 -100.47 8.32
N ASP F 253 -71.24 -99.70 9.76
CA ASP F 253 -72.15 -98.71 10.36
C ASP F 253 -73.43 -98.54 9.53
N ARG F 254 -74.53 -99.07 10.05
CA ARG F 254 -75.81 -99.04 9.36
C ARG F 254 -76.35 -97.62 9.21
N ALA F 255 -77.01 -97.12 10.26
CA ALA F 255 -77.65 -95.81 10.25
C ALA F 255 -76.72 -94.69 10.71
N LYS F 256 -75.70 -95.04 11.50
CA LYS F 256 -74.70 -94.06 11.97
C LYS F 256 -74.12 -93.24 10.81
N LEU F 257 -73.85 -93.93 9.69
CA LEU F 257 -73.21 -93.33 8.52
C LEU F 257 -74.14 -92.39 7.75
N THR F 258 -75.42 -92.73 7.67
CA THR F 258 -76.41 -91.86 7.02
C THR F 258 -76.78 -90.63 7.86
N GLN F 259 -76.51 -90.69 9.17
CA GLN F 259 -76.69 -89.55 10.06
C GLN F 259 -75.62 -88.49 9.80
N ILE F 260 -74.37 -88.93 9.78
CA ILE F 260 -73.22 -88.04 9.60
C ILE F 260 -73.14 -87.47 8.18
N LYS F 261 -73.66 -88.21 7.22
CA LYS F 261 -73.76 -87.77 5.81
C LYS F 261 -74.70 -86.60 5.64
N GLU F 262 -75.75 -86.56 6.47
CA GLU F 262 -76.75 -85.48 6.43
C GLU F 262 -76.21 -84.19 7.02
N ILE F 263 -75.34 -84.31 8.02
CA ILE F 263 -74.71 -83.15 8.65
C ILE F 263 -73.69 -82.52 7.69
N CYS F 264 -72.88 -83.36 7.06
CA CYS F 264 -71.85 -82.93 6.11
C CYS F 264 -72.41 -82.25 4.87
N TYR F 265 -73.48 -82.81 4.30
CA TYR F 265 -74.12 -82.22 3.13
C TYR F 265 -74.84 -80.92 3.47
N THR F 266 -75.63 -80.94 4.55
CA THR F 266 -76.47 -79.81 4.94
C THR F 266 -75.65 -78.60 5.34
N LYS F 267 -74.84 -78.75 6.40
CA LYS F 267 -73.99 -77.68 6.89
C LYS F 267 -72.95 -77.26 5.88
N GLY F 268 -72.39 -78.24 5.17
CA GLY F 268 -71.42 -77.99 4.10
C GLY F 268 -71.95 -77.02 3.06
N PHE F 269 -73.10 -77.36 2.48
CA PHE F 269 -73.72 -76.55 1.45
C PHE F 269 -74.23 -75.19 1.96
N TYR F 270 -74.69 -75.14 3.22
CA TYR F 270 -75.28 -73.92 3.76
C TYR F 270 -74.30 -73.00 4.50
N THR F 271 -73.21 -73.56 5.02
CA THR F 271 -72.25 -72.77 5.79
C THR F 271 -70.80 -72.91 5.34
N GLY F 272 -70.51 -73.93 4.53
CA GLY F 272 -69.13 -74.28 4.17
C GLY F 272 -68.38 -73.30 3.27
N ILE F 273 -67.14 -73.00 3.64
CA ILE F 273 -66.27 -72.14 2.83
C ILE F 273 -65.19 -72.98 2.16
N MET F 274 -64.97 -72.72 0.86
CA MET F 274 -63.91 -73.38 0.10
C MET F 274 -62.55 -72.92 0.56
N LYS F 275 -61.61 -73.86 0.64
CA LYS F 275 -60.27 -73.57 1.12
C LYS F 275 -59.18 -73.83 0.08
N MET F 276 -59.50 -74.66 -0.91
CA MET F 276 -58.57 -74.98 -1.97
C MET F 276 -59.25 -74.80 -3.32
N GLY F 277 -58.48 -74.95 -4.40
CA GLY F 277 -59.01 -74.82 -5.75
C GLY F 277 -59.24 -73.38 -6.19
N PRO F 278 -59.88 -73.19 -7.35
CA PRO F 278 -60.07 -71.89 -7.96
C PRO F 278 -61.06 -70.97 -7.23
N PHE F 279 -61.93 -71.55 -6.41
CA PHE F 279 -62.94 -70.74 -5.71
C PHE F 279 -62.70 -70.66 -4.21
N ALA F 280 -61.46 -70.96 -3.81
CA ALA F 280 -61.00 -70.79 -2.42
C ALA F 280 -61.38 -69.38 -1.92
N GLY F 281 -61.95 -69.32 -0.73
CA GLY F 281 -62.43 -68.06 -0.17
C GLY F 281 -63.95 -67.90 -0.26
N GLN F 282 -64.55 -68.47 -1.32
CA GLN F 282 -65.99 -68.40 -1.53
C GLN F 282 -66.72 -69.49 -0.74
N SER F 283 -68.02 -69.31 -0.53
CA SER F 283 -68.86 -70.31 0.11
C SER F 283 -69.22 -71.44 -0.85
N VAL F 284 -69.54 -72.61 -0.31
CA VAL F 284 -69.96 -73.75 -1.13
C VAL F 284 -71.18 -73.39 -1.97
N LYS F 285 -72.21 -72.84 -1.33
CA LYS F 285 -73.43 -72.44 -2.03
C LYS F 285 -73.13 -71.47 -3.16
N ASP F 286 -72.33 -70.44 -2.89
CA ASP F 286 -71.99 -69.42 -3.88
C ASP F 286 -71.22 -69.95 -5.09
N CYS F 287 -70.40 -70.98 -4.89
CA CYS F 287 -69.53 -71.45 -5.96
C CYS F 287 -69.97 -72.74 -6.65
N LYS F 288 -70.79 -73.55 -5.97
CA LYS F 288 -71.22 -74.85 -6.51
C LYS F 288 -71.67 -74.81 -7.99
N GLN F 289 -72.38 -73.74 -8.37
CA GLN F 289 -72.80 -73.55 -9.75
C GLN F 289 -71.62 -73.22 -10.66
N SER F 290 -70.71 -72.39 -10.16
CA SER F 290 -69.50 -72.02 -10.91
C SER F 290 -68.64 -73.22 -11.24
N CYS F 291 -68.50 -74.14 -10.27
CA CYS F 291 -67.71 -75.37 -10.46
C CYS F 291 -68.27 -76.26 -11.56
N ARG F 292 -69.61 -76.34 -11.61
CA ARG F 292 -70.30 -77.03 -12.69
C ARG F 292 -70.03 -76.33 -14.02
N ASP F 293 -70.04 -75.00 -14.01
CA ASP F 293 -69.73 -74.22 -15.21
C ASP F 293 -68.30 -74.47 -15.67
N LEU F 294 -67.37 -74.42 -14.72
CA LEU F 294 -65.94 -74.64 -15.00
C LEU F 294 -65.65 -76.01 -15.64
N LEU F 295 -66.22 -77.07 -15.06
CA LEU F 295 -65.98 -78.44 -15.55
C LEU F 295 -66.52 -78.67 -16.97
N VAL F 296 -67.68 -78.09 -17.27
CA VAL F 296 -68.24 -78.15 -18.62
C VAL F 296 -67.41 -77.31 -19.59
N GLN F 297 -67.07 -76.09 -19.17
CA GLN F 297 -66.29 -75.16 -19.99
C GLN F 297 -64.86 -75.63 -20.27
N ASN F 298 -64.23 -76.28 -19.29
CA ASN F 298 -62.94 -76.94 -19.52
C ASN F 298 -63.09 -78.33 -20.16
N ASN F 299 -64.33 -78.73 -20.44
CA ASN F 299 -64.65 -80.01 -21.06
C ASN F 299 -64.12 -81.21 -20.25
N GLN F 300 -64.23 -81.11 -18.93
CA GLN F 300 -63.71 -82.11 -18.01
C GLN F 300 -64.82 -83.02 -17.50
N CYS F 301 -66.02 -82.83 -18.04
CA CYS F 301 -67.16 -83.67 -17.71
C CYS F 301 -68.17 -83.80 -18.85
N ILE F 302 -69.16 -84.65 -18.63
CA ILE F 302 -70.31 -84.81 -19.50
C ILE F 302 -71.54 -84.80 -18.60
N VAL F 303 -72.46 -83.87 -18.85
CA VAL F 303 -73.69 -83.76 -18.06
C VAL F 303 -74.77 -84.70 -18.58
N TYR F 304 -75.42 -85.43 -17.68
CA TYR F 304 -76.48 -86.37 -18.06
C TYR F 304 -77.57 -86.50 -16.98
N SER F 305 -78.82 -86.54 -17.41
CA SER F 305 -79.96 -86.73 -16.51
C SER F 305 -80.24 -88.22 -16.31
N GLU F 306 -80.35 -88.66 -15.06
CA GLU F 306 -80.76 -90.03 -14.74
C GLU F 306 -82.27 -90.20 -14.98
N PRO F 307 -82.71 -91.43 -15.33
CA PRO F 307 -84.13 -91.61 -15.62
C PRO F 307 -84.97 -92.00 -14.40
N GLU F 308 -86.08 -91.30 -14.18
CA GLU F 308 -86.98 -91.65 -13.09
C GLU F 308 -88.02 -92.66 -13.57
N SER F 309 -87.95 -93.88 -13.04
CA SER F 309 -88.79 -94.99 -13.50
C SER F 309 -90.23 -94.99 -12.97
N GLU F 310 -90.46 -94.26 -11.87
CA GLU F 310 -91.77 -94.20 -11.23
C GLU F 310 -92.12 -92.78 -10.77
N VAL F 311 -93.32 -92.62 -10.20
CA VAL F 311 -93.71 -91.38 -9.53
C VAL F 311 -94.36 -91.68 -8.17
#